data_6PCA
#
_entry.id   6PCA
#
_cell.length_a   110.082
_cell.length_b   113.836
_cell.length_c   127.418
_cell.angle_alpha   90.00
_cell.angle_beta   90.00
_cell.angle_gamma   90.00
#
_symmetry.space_group_name_H-M   'P 21 21 21'
#
loop_
_entity.id
_entity.type
_entity.pdbx_description
1 polymer 'Beta-ketoadipyl-CoA thiolase'
2 non-polymer GLYCEROL
3 non-polymer 'ACETATE ION'
4 non-polymer 'CHLORIDE ION'
5 water water
#
_entity_poly.entity_id   1
_entity_poly.type   'polypeptide(L)'
_entity_poly.pdbx_seq_one_letter_code
;MHHHHHHSSGVDLGTENLYHQSMHDVFICDAIRTPIGRFGGALASVRADDLAAVPLKALIERNPGVQWDQVDEVFFGCAN
QAGEDNRNVARMALLLAGLPESIPGVTLNRLCASGMDAVGTAFRAIASGEMELVIAGGVESMSRAPFVMGKAESAYSRNM
KLEDTTIGWRFINPLMKSQYGVDSMPETADNVADDYQVSRADQDAFALRSQQKAAAAQAAGFFAEEIVPVRIAHKKGEII
VERDEHLRPETTLEALTKLKPVNGPDKTVTAGNASGVNDGAAAMILASAAAVKKHGLTPRARVLGMASGGVAPRVMGIGP
VPAVRKLTERLGIAVSDFDVIELNEAFASQGLAVLRELGVADDAPQVNPNGGAIALGHPLGMSGARLVLTALHQLEKSGG
RKGLATMCVGVGQGLALAIERV
;
_entity_poly.pdbx_strand_id   A,B,C,D
#
loop_
_chem_comp.id
_chem_comp.type
_chem_comp.name
_chem_comp.formula
ACT non-polymer 'ACETATE ION' 'C2 H3 O2 -1'
CL non-polymer 'CHLORIDE ION' 'Cl -1'
GOL non-polymer GLYCEROL 'C3 H8 O3'
#
# COMPACT_ATOMS: atom_id res chain seq x y z
N SER A 22 12.45 -20.15 -48.61
CA SER A 22 13.31 -18.96 -48.96
C SER A 22 12.87 -17.67 -48.23
N MET A 23 13.86 -16.82 -47.90
CA MET A 23 13.72 -15.60 -47.11
C MET A 23 12.94 -14.53 -47.89
N HIS A 24 12.16 -13.74 -47.17
CA HIS A 24 11.44 -12.62 -47.79
C HIS A 24 12.05 -11.31 -47.32
N ASP A 25 12.21 -10.36 -48.26
CA ASP A 25 12.47 -8.95 -47.97
C ASP A 25 11.38 -8.35 -47.09
N VAL A 26 11.77 -7.45 -46.17
CA VAL A 26 10.80 -6.84 -45.25
C VAL A 26 10.92 -5.32 -45.30
N PHE A 27 9.79 -4.64 -45.56
CA PHE A 27 9.77 -3.20 -45.80
C PHE A 27 9.05 -2.47 -44.66
N ILE A 28 9.73 -1.47 -44.10
CA ILE A 28 9.00 -0.53 -43.26
C ILE A 28 8.26 0.45 -44.15
N CYS A 29 6.96 0.60 -43.87
CA CYS A 29 6.08 1.53 -44.54
C CYS A 29 5.81 2.75 -43.64
N ASP A 30 4.53 3.09 -43.41
CA ASP A 30 4.22 4.26 -42.60
C ASP A 30 4.66 4.06 -41.15
N ALA A 31 5.05 5.17 -40.48
CA ALA A 31 5.52 5.15 -39.10
C ALA A 31 5.16 6.47 -38.44
N ILE A 32 4.78 6.44 -37.16
CA ILE A 32 4.20 7.60 -36.50
C ILE A 32 4.42 7.42 -34.99
N ARG A 33 4.45 8.53 -34.25
CA ARG A 33 4.66 8.48 -32.82
C ARG A 33 3.81 9.59 -32.19
N THR A 34 3.53 9.43 -30.88
CA THR A 34 3.03 10.53 -30.10
C THR A 34 4.20 11.49 -29.81
N PRO A 35 3.94 12.73 -29.32
CA PRO A 35 4.99 13.52 -28.69
C PRO A 35 5.47 12.78 -27.45
N ILE A 36 6.65 13.17 -26.96
CA ILE A 36 7.16 12.64 -25.72
C ILE A 36 6.87 13.62 -24.60
N GLY A 37 6.19 13.13 -23.55
CA GLY A 37 5.77 13.99 -22.44
C GLY A 37 6.82 13.94 -21.34
N ARG A 38 6.91 15.02 -20.55
CA ARG A 38 7.72 15.01 -19.34
C ARG A 38 7.01 14.21 -18.23
N PHE A 39 7.78 13.69 -17.28
CA PHE A 39 7.20 13.01 -16.11
C PHE A 39 6.20 13.94 -15.43
N GLY A 40 4.95 13.47 -15.24
CA GLY A 40 3.93 14.30 -14.60
C GLY A 40 3.46 15.47 -15.48
N GLY A 41 3.82 15.44 -16.77
CA GLY A 41 3.61 16.52 -17.71
C GLY A 41 2.41 16.26 -18.62
N ALA A 42 2.54 16.65 -19.90
CA ALA A 42 1.40 16.78 -20.80
C ALA A 42 0.66 15.46 -21.03
N LEU A 43 1.34 14.31 -20.92
CA LEU A 43 0.68 13.03 -21.21
C LEU A 43 0.39 12.23 -19.91
N ALA A 44 0.65 12.82 -18.73
CA ALA A 44 0.60 12.08 -17.47
C ALA A 44 -0.81 11.54 -17.17
N SER A 45 -1.86 12.18 -17.73
CA SER A 45 -3.21 11.70 -17.52
C SER A 45 -3.62 10.55 -18.47
N VAL A 46 -2.75 10.15 -19.40
CA VAL A 46 -3.16 9.19 -20.43
C VAL A 46 -2.69 7.79 -20.03
N ARG A 47 -3.64 6.85 -19.87
CA ARG A 47 -3.32 5.45 -19.58
C ARG A 47 -2.38 4.89 -20.66
N ALA A 48 -1.41 4.03 -20.26
CA ALA A 48 -0.45 3.48 -21.20
C ALA A 48 -1.16 2.72 -22.30
N ASP A 49 -2.25 2.03 -21.96
CA ASP A 49 -2.92 1.27 -23.01
C ASP A 49 -3.54 2.22 -24.05
N ASP A 50 -4.25 3.25 -23.57
CA ASP A 50 -4.84 4.26 -24.45
C ASP A 50 -3.74 4.98 -25.25
N LEU A 51 -2.60 5.24 -24.61
CA LEU A 51 -1.52 5.95 -25.29
C LEU A 51 -0.97 5.09 -26.44
N ALA A 52 -0.81 3.77 -26.19
CA ALA A 52 -0.31 2.87 -27.20
C ALA A 52 -1.30 2.85 -28.36
N ALA A 53 -2.60 3.02 -28.07
CA ALA A 53 -3.61 2.93 -29.12
C ALA A 53 -3.58 4.16 -30.06
N VAL A 54 -2.98 5.27 -29.61
CA VAL A 54 -2.97 6.50 -30.40
C VAL A 54 -2.26 6.31 -31.73
N PRO A 55 -0.97 5.86 -31.81
CA PRO A 55 -0.33 5.62 -33.11
C PRO A 55 -1.03 4.55 -33.94
N LEU A 56 -1.67 3.55 -33.30
CA LEU A 56 -2.40 2.52 -34.04
C LEU A 56 -3.57 3.14 -34.80
N LYS A 57 -4.40 3.95 -34.12
CA LYS A 57 -5.51 4.66 -34.74
C LYS A 57 -5.01 5.53 -35.89
N ALA A 58 -3.87 6.20 -35.69
CA ALA A 58 -3.30 7.07 -36.69
C ALA A 58 -2.90 6.27 -37.94
N LEU A 59 -2.23 5.12 -37.77
CA LEU A 59 -1.87 4.28 -38.91
C LEU A 59 -3.10 3.88 -39.70
N ILE A 60 -4.20 3.59 -38.99
CA ILE A 60 -5.45 3.27 -39.66
C ILE A 60 -5.89 4.46 -40.52
N GLU A 61 -5.96 5.65 -39.95
CA GLU A 61 -6.49 6.83 -40.65
C GLU A 61 -5.59 7.15 -41.86
N ARG A 62 -4.28 6.89 -41.73
CA ARG A 62 -3.27 7.34 -42.68
C ARG A 62 -3.10 6.40 -43.87
N ASN A 63 -3.58 5.15 -43.74
CA ASN A 63 -3.30 4.15 -44.78
C ASN A 63 -4.60 3.51 -45.25
N PRO A 64 -5.42 4.26 -46.01
CA PRO A 64 -6.76 3.78 -46.39
C PRO A 64 -6.83 2.54 -47.28
N GLY A 65 -5.71 2.13 -47.87
CA GLY A 65 -5.71 0.99 -48.78
C GLY A 65 -5.64 -0.34 -48.04
N VAL A 66 -5.31 -0.32 -46.74
CA VAL A 66 -5.05 -1.55 -46.00
C VAL A 66 -6.35 -2.28 -45.69
N GLN A 67 -6.38 -3.59 -45.93
CA GLN A 67 -7.46 -4.40 -45.38
C GLN A 67 -7.05 -4.84 -43.98
N TRP A 68 -7.59 -4.16 -42.96
CA TRP A 68 -7.05 -4.24 -41.60
C TRP A 68 -7.31 -5.59 -40.95
N ASP A 69 -8.31 -6.35 -41.42
CA ASP A 69 -8.47 -7.72 -40.94
C ASP A 69 -7.35 -8.67 -41.42
N GLN A 70 -6.37 -8.18 -42.18
CA GLN A 70 -5.29 -9.02 -42.68
C GLN A 70 -3.98 -8.79 -41.91
N VAL A 71 -4.02 -7.92 -40.89
CA VAL A 71 -2.82 -7.74 -40.07
C VAL A 71 -2.56 -9.04 -39.31
N ASP A 72 -1.34 -9.57 -39.41
CA ASP A 72 -0.98 -10.87 -38.87
C ASP A 72 -0.67 -10.76 -37.38
N GLU A 73 -0.13 -9.62 -36.93
CA GLU A 73 0.25 -9.48 -35.53
C GLU A 73 0.57 -8.02 -35.24
N VAL A 74 0.34 -7.59 -33.99
CA VAL A 74 0.87 -6.35 -33.45
C VAL A 74 1.90 -6.70 -32.39
N PHE A 75 3.14 -6.24 -32.58
CA PHE A 75 4.21 -6.43 -31.61
C PHE A 75 4.49 -5.09 -30.94
N PHE A 76 4.43 -5.05 -29.59
CA PHE A 76 4.71 -3.80 -28.88
C PHE A 76 5.75 -4.01 -27.79
N GLY A 77 6.73 -3.09 -27.73
CA GLY A 77 7.68 -3.08 -26.62
C GLY A 77 7.07 -2.34 -25.42
N CYS A 78 7.34 -2.85 -24.21
CA CYS A 78 6.93 -2.17 -22.98
C CYS A 78 7.77 -2.71 -21.81
N ALA A 79 8.49 -1.82 -21.10
CA ALA A 79 9.45 -2.28 -20.11
C ALA A 79 8.78 -2.57 -18.77
N ASN A 80 7.57 -2.06 -18.51
CA ASN A 80 7.04 -2.10 -17.15
C ASN A 80 6.02 -3.23 -17.00
N GLN A 81 4.82 -3.00 -17.51
CA GLN A 81 3.77 -4.01 -17.62
C GLN A 81 3.08 -4.29 -16.26
N ALA A 82 3.31 -3.46 -15.24
CA ALA A 82 2.67 -3.64 -13.93
C ALA A 82 1.44 -2.75 -13.78
N GLY A 83 1.33 -1.74 -14.63
CA GLY A 83 0.30 -0.73 -14.48
C GLY A 83 -0.85 -0.94 -15.48
N GLU A 84 -1.32 0.15 -16.08
CA GLU A 84 -2.39 0.05 -17.06
C GLU A 84 -1.91 -0.63 -18.34
N ASP A 85 -0.57 -0.86 -18.46
CA ASP A 85 0.03 -1.62 -19.54
C ASP A 85 0.10 -3.14 -19.21
N ASN A 86 -0.65 -3.61 -18.19
CA ASN A 86 -0.58 -5.01 -17.77
C ASN A 86 -1.33 -5.94 -18.73
N ARG A 87 -0.92 -7.22 -18.69
CA ARG A 87 -1.66 -8.30 -19.34
C ARG A 87 -1.66 -8.15 -20.85
N ASN A 88 -0.48 -7.82 -21.40
CA ASN A 88 -0.25 -7.85 -22.84
C ASN A 88 -0.85 -6.58 -23.47
N VAL A 89 -0.13 -5.48 -23.30
CA VAL A 89 -0.58 -4.17 -23.74
C VAL A 89 -0.74 -4.10 -25.27
N ALA A 90 0.04 -4.90 -26.03
CA ALA A 90 -0.12 -4.92 -27.49
C ALA A 90 -1.56 -5.28 -27.85
N ARG A 91 -2.06 -6.36 -27.25
CA ARG A 91 -3.44 -6.78 -27.55
C ARG A 91 -4.47 -5.76 -26.99
N MET A 92 -4.25 -5.28 -25.76
CA MET A 92 -5.14 -4.27 -25.19
C MET A 92 -5.25 -3.08 -26.16
N ALA A 93 -4.10 -2.58 -26.64
CA ALA A 93 -4.07 -1.36 -27.46
C ALA A 93 -4.74 -1.57 -28.81
N LEU A 94 -4.52 -2.75 -29.44
CA LEU A 94 -5.10 -2.94 -30.76
C LEU A 94 -6.62 -2.99 -30.65
N LEU A 95 -7.15 -3.56 -29.57
CA LEU A 95 -8.60 -3.55 -29.35
C LEU A 95 -9.09 -2.12 -29.09
N LEU A 96 -8.38 -1.35 -28.26
CA LEU A 96 -8.78 0.04 -27.99
C LEU A 96 -8.69 0.93 -29.24
N ALA A 97 -7.78 0.61 -30.17
CA ALA A 97 -7.58 1.38 -31.39
C ALA A 97 -8.67 1.08 -32.43
N GLY A 98 -9.52 0.08 -32.16
CA GLY A 98 -10.59 -0.27 -33.09
C GLY A 98 -10.17 -1.29 -34.16
N LEU A 99 -8.99 -1.90 -34.03
CA LEU A 99 -8.63 -2.96 -34.95
C LEU A 99 -9.49 -4.19 -34.66
N PRO A 100 -9.83 -5.01 -35.68
CA PRO A 100 -10.69 -6.17 -35.49
C PRO A 100 -10.13 -7.11 -34.41
N GLU A 101 -11.03 -7.72 -33.64
CA GLU A 101 -10.67 -8.66 -32.57
C GLU A 101 -9.96 -9.90 -33.13
N SER A 102 -9.94 -10.09 -34.46
CA SER A 102 -9.25 -11.26 -35.00
C SER A 102 -7.72 -11.05 -35.07
N ILE A 103 -7.24 -9.84 -34.79
CA ILE A 103 -5.80 -9.56 -34.90
C ILE A 103 -5.10 -9.84 -33.57
N PRO A 104 -4.09 -10.72 -33.57
CA PRO A 104 -3.34 -11.05 -32.36
C PRO A 104 -2.32 -9.98 -32.01
N GLY A 105 -1.89 -9.98 -30.74
CA GLY A 105 -0.86 -9.05 -30.29
C GLY A 105 0.00 -9.70 -29.22
N VAL A 106 1.27 -9.26 -29.14
CA VAL A 106 2.22 -9.77 -28.16
C VAL A 106 3.11 -8.61 -27.71
N THR A 107 3.54 -8.62 -26.45
CA THR A 107 4.35 -7.56 -25.87
C THR A 107 5.73 -8.08 -25.52
N LEU A 108 6.76 -7.30 -25.83
CA LEU A 108 8.16 -7.69 -25.65
C LEU A 108 8.76 -6.77 -24.60
N ASN A 109 9.69 -7.32 -23.83
CA ASN A 109 10.38 -6.57 -22.79
C ASN A 109 11.89 -6.85 -22.89
N ARG A 110 12.62 -5.88 -23.44
CA ARG A 110 14.07 -5.88 -23.23
C ARG A 110 14.43 -4.52 -22.63
N LEU A 111 13.67 -4.15 -21.59
CA LEU A 111 13.81 -2.86 -20.91
C LEU A 111 13.90 -1.72 -21.92
N CYS A 112 15.02 -0.96 -21.88
CA CYS A 112 15.24 0.25 -22.68
C CYS A 112 15.06 -0.02 -24.19
N ALA A 113 15.30 -1.26 -24.65
CA ALA A 113 15.35 -1.58 -26.08
C ALA A 113 14.07 -2.27 -26.57
N SER A 114 13.06 -2.35 -25.69
CA SER A 114 11.86 -3.12 -25.99
C SER A 114 11.26 -2.76 -27.36
N GLY A 115 11.15 -1.46 -27.65
CA GLY A 115 10.52 -0.97 -28.87
C GLY A 115 11.32 -1.34 -30.12
N MET A 116 12.64 -1.36 -29.99
CA MET A 116 13.44 -1.78 -31.11
C MET A 116 13.33 -3.31 -31.28
N ASP A 117 13.19 -4.04 -30.17
CA ASP A 117 13.04 -5.49 -30.23
C ASP A 117 11.72 -5.82 -30.93
N ALA A 118 10.67 -5.00 -30.72
CA ALA A 118 9.39 -5.23 -31.40
C ALA A 118 9.58 -5.16 -32.93
N VAL A 119 10.36 -4.18 -33.40
CA VAL A 119 10.58 -4.01 -34.83
C VAL A 119 11.38 -5.20 -35.34
N GLY A 120 12.50 -5.53 -34.68
CA GLY A 120 13.32 -6.64 -35.12
C GLY A 120 12.58 -7.98 -35.10
N THR A 121 11.68 -8.16 -34.11
CA THR A 121 10.87 -9.38 -33.98
C THR A 121 9.85 -9.48 -35.11
N ALA A 122 9.14 -8.37 -35.35
CA ALA A 122 8.25 -8.26 -36.53
C ALA A 122 8.99 -8.60 -37.83
N PHE A 123 10.18 -8.01 -38.03
CA PHE A 123 10.99 -8.29 -39.21
C PHE A 123 11.26 -9.80 -39.35
N ARG A 124 11.71 -10.46 -38.27
CA ARG A 124 12.02 -11.88 -38.31
C ARG A 124 10.78 -12.72 -38.61
N ALA A 125 9.60 -12.30 -38.15
CA ALA A 125 8.38 -13.03 -38.44
C ALA A 125 8.06 -12.99 -39.94
N ILE A 126 8.29 -11.83 -40.59
CA ILE A 126 8.00 -11.72 -42.02
C ILE A 126 9.13 -12.38 -42.81
N ALA A 127 10.36 -12.15 -42.37
CA ALA A 127 11.50 -12.68 -43.10
C ALA A 127 11.46 -14.22 -43.19
N SER A 128 10.93 -14.87 -42.14
CA SER A 128 10.90 -16.32 -42.07
C SER A 128 9.68 -16.86 -42.82
N GLY A 129 8.83 -15.98 -43.35
CA GLY A 129 7.70 -16.44 -44.14
C GLY A 129 6.45 -16.77 -43.33
N GLU A 130 6.48 -16.43 -42.01
CA GLU A 130 5.36 -16.81 -41.16
C GLU A 130 4.24 -15.78 -41.21
N MET A 131 4.56 -14.54 -41.61
CA MET A 131 3.60 -13.43 -41.63
C MET A 131 3.90 -12.55 -42.85
N GLU A 132 2.92 -11.70 -43.22
CA GLU A 132 3.06 -10.83 -44.39
C GLU A 132 2.89 -9.36 -44.01
N LEU A 133 2.06 -9.06 -43.01
CA LEU A 133 1.71 -7.68 -42.67
C LEU A 133 1.60 -7.57 -41.15
N VAL A 134 2.42 -6.69 -40.54
CA VAL A 134 2.45 -6.61 -39.09
C VAL A 134 2.62 -5.12 -38.69
N ILE A 135 2.30 -4.81 -37.43
CA ILE A 135 2.58 -3.51 -36.83
C ILE A 135 3.56 -3.75 -35.70
N ALA A 136 4.61 -2.89 -35.62
CA ALA A 136 5.58 -2.95 -34.56
C ALA A 136 5.65 -1.58 -33.89
N GLY A 137 5.76 -1.58 -32.57
CA GLY A 137 5.78 -0.29 -31.88
C GLY A 137 6.25 -0.47 -30.43
N GLY A 138 6.11 0.59 -29.65
CA GLY A 138 6.43 0.51 -28.24
C GLY A 138 5.69 1.61 -27.47
N VAL A 139 5.59 1.45 -26.15
CA VAL A 139 4.86 2.39 -25.31
C VAL A 139 5.54 2.37 -23.96
N GLU A 140 5.57 3.53 -23.29
CA GLU A 140 5.83 3.61 -21.86
C GLU A 140 5.12 4.84 -21.29
N SER A 141 4.47 4.63 -20.13
CA SER A 141 3.99 5.74 -19.31
C SER A 141 4.71 5.70 -17.97
N MET A 142 5.88 6.33 -17.92
CA MET A 142 6.62 6.32 -16.69
C MET A 142 5.91 7.19 -15.64
N SER A 143 5.21 8.25 -16.05
CA SER A 143 4.41 9.06 -15.13
C SER A 143 3.49 8.13 -14.33
N ARG A 144 2.87 7.18 -15.03
CA ARG A 144 1.82 6.36 -14.44
C ARG A 144 2.33 5.03 -13.90
N ALA A 145 3.66 4.79 -13.96
CA ALA A 145 4.21 3.53 -13.45
C ALA A 145 3.75 3.33 -11.99
N PRO A 146 3.16 2.16 -11.64
CA PRO A 146 2.59 1.99 -10.29
C PRO A 146 3.64 1.69 -9.24
N PHE A 147 3.20 1.67 -7.98
CA PHE A 147 4.00 1.11 -6.89
C PHE A 147 3.65 -0.38 -6.80
N VAL A 148 4.61 -1.20 -6.35
N VAL A 148 4.59 -1.16 -6.26
CA VAL A 148 4.33 -2.62 -6.21
CA VAL A 148 4.36 -2.59 -6.19
C VAL A 148 4.64 -3.02 -4.77
C VAL A 148 4.70 -3.08 -4.79
N MET A 149 3.92 -4.05 -4.29
CA MET A 149 4.12 -4.62 -2.96
C MET A 149 4.01 -6.15 -3.03
N GLY A 150 5.07 -6.82 -2.58
CA GLY A 150 5.12 -8.28 -2.53
C GLY A 150 4.09 -8.82 -1.53
N LYS A 151 3.52 -10.00 -1.78
CA LYS A 151 2.69 -10.66 -0.78
C LYS A 151 3.49 -10.95 0.48
N ALA A 152 2.77 -11.08 1.61
CA ALA A 152 3.43 -11.52 2.83
C ALA A 152 3.86 -12.98 2.70
N GLU A 153 5.05 -13.31 3.23
CA GLU A 153 5.56 -14.68 3.21
C GLU A 153 5.18 -15.44 4.46
N SER A 154 4.53 -14.77 5.41
CA SER A 154 4.12 -15.38 6.66
C SER A 154 2.95 -14.59 7.23
N ALA A 155 2.09 -15.24 8.01
CA ALA A 155 0.97 -14.56 8.64
C ALA A 155 1.52 -13.45 9.55
N TYR A 156 0.89 -12.25 9.50
CA TYR A 156 1.21 -11.13 10.38
C TYR A 156 2.61 -10.59 10.08
N SER A 157 3.05 -10.71 8.82
CA SER A 157 4.42 -10.34 8.47
C SER A 157 4.62 -8.84 8.68
N ARG A 158 5.77 -8.45 9.25
CA ARG A 158 6.05 -7.02 9.42
C ARG A 158 6.93 -6.53 8.24
N ASN A 159 7.19 -7.43 7.29
CA ASN A 159 8.15 -7.11 6.23
C ASN A 159 7.40 -6.75 4.94
N MET A 160 6.48 -5.77 5.00
CA MET A 160 5.74 -5.37 3.82
C MET A 160 6.40 -4.09 3.33
N LYS A 161 6.56 -3.93 2.01
CA LYS A 161 7.27 -2.79 1.45
C LYS A 161 6.62 -2.40 0.11
N LEU A 162 6.49 -1.08 -0.13
CA LEU A 162 6.02 -0.58 -1.41
C LEU A 162 7.24 -0.14 -2.21
N GLU A 163 7.25 -0.48 -3.51
CA GLU A 163 8.41 -0.04 -4.29
C GLU A 163 7.93 0.65 -5.57
N ASP A 164 8.66 1.70 -5.96
CA ASP A 164 8.37 2.50 -7.15
C ASP A 164 8.81 1.72 -8.41
N THR A 165 7.95 1.57 -9.43
CA THR A 165 8.35 0.91 -10.68
C THR A 165 8.66 1.91 -11.81
N THR A 166 8.80 3.20 -11.47
CA THR A 166 9.02 4.26 -12.46
C THR A 166 10.27 3.95 -13.27
N ILE A 167 11.38 3.68 -12.57
CA ILE A 167 12.61 3.30 -13.21
C ILE A 167 13.48 2.63 -12.14
N GLY A 168 14.37 1.73 -12.56
CA GLY A 168 15.40 1.21 -11.66
C GLY A 168 14.97 -0.05 -10.88
N TRP A 169 15.85 -0.51 -9.98
CA TRP A 169 15.70 -1.80 -9.33
C TRP A 169 14.52 -1.79 -8.38
N ARG A 170 13.77 -2.90 -8.39
CA ARG A 170 12.88 -3.21 -7.27
C ARG A 170 12.86 -4.73 -7.08
N PHE A 171 12.37 -5.20 -5.92
CA PHE A 171 12.47 -6.61 -5.56
C PHE A 171 13.90 -7.11 -5.80
N ILE A 172 14.88 -6.38 -5.25
CA ILE A 172 16.28 -6.75 -5.44
C ILE A 172 16.53 -8.17 -4.94
N ASN A 173 17.17 -8.98 -5.80
CA ASN A 173 17.60 -10.32 -5.46
C ASN A 173 18.95 -10.22 -4.77
N PRO A 174 19.12 -10.70 -3.52
CA PRO A 174 20.44 -10.62 -2.85
C PRO A 174 21.54 -11.26 -3.69
N LEU A 175 21.21 -12.31 -4.47
CA LEU A 175 22.24 -13.00 -5.26
C LEU A 175 22.67 -12.15 -6.47
N MET A 176 21.74 -11.36 -7.04
CA MET A 176 22.12 -10.45 -8.12
C MET A 176 23.06 -9.37 -7.55
N LYS A 177 22.68 -8.84 -6.38
CA LYS A 177 23.45 -7.77 -5.76
C LYS A 177 24.84 -8.28 -5.43
N SER A 178 24.94 -9.50 -4.89
CA SER A 178 26.27 -9.92 -4.45
C SER A 178 27.18 -10.31 -5.61
N GLN A 179 26.61 -10.81 -6.72
CA GLN A 179 27.44 -11.22 -7.85
C GLN A 179 27.76 -10.05 -8.79
N TYR A 180 26.74 -9.23 -9.11
N TYR A 180 26.75 -9.22 -9.11
CA TYR A 180 26.84 -8.27 -10.21
CA TYR A 180 26.89 -8.24 -10.18
C TYR A 180 26.62 -6.82 -9.74
C TYR A 180 26.75 -6.81 -9.69
N GLY A 181 26.19 -6.62 -8.48
CA GLY A 181 25.81 -5.31 -8.00
C GLY A 181 24.42 -4.94 -8.55
N VAL A 182 23.77 -3.99 -7.86
CA VAL A 182 22.51 -3.45 -8.35
C VAL A 182 22.68 -1.93 -8.51
N ASP A 183 23.72 -1.52 -9.25
CA ASP A 183 23.95 -0.10 -9.52
C ASP A 183 22.73 0.54 -10.19
N SER A 184 22.34 1.76 -9.75
CA SER A 184 21.34 2.55 -10.46
C SER A 184 21.85 2.85 -11.88
N MET A 185 20.94 3.20 -12.79
CA MET A 185 21.34 3.60 -14.14
C MET A 185 22.35 4.74 -14.10
N PRO A 186 22.15 5.87 -13.34
CA PRO A 186 23.20 6.89 -13.24
C PRO A 186 24.53 6.39 -12.67
N GLU A 187 24.48 5.52 -11.66
CA GLU A 187 25.73 4.85 -11.20
C GLU A 187 26.42 4.09 -12.34
N THR A 188 25.67 3.30 -13.15
CA THR A 188 26.34 2.63 -14.26
C THR A 188 26.98 3.64 -15.23
N ALA A 189 26.38 4.84 -15.36
CA ALA A 189 26.90 5.80 -16.32
C ALA A 189 28.17 6.43 -15.75
N ASP A 190 28.26 6.57 -14.44
CA ASP A 190 29.51 7.05 -13.81
C ASP A 190 30.61 5.99 -13.95
N ASN A 191 30.22 4.71 -13.81
CA ASN A 191 31.17 3.61 -13.99
C ASN A 191 31.74 3.66 -15.41
N VAL A 192 30.87 3.86 -16.42
CA VAL A 192 31.33 3.99 -17.80
C VAL A 192 32.25 5.20 -17.97
N ALA A 193 31.85 6.36 -17.41
CA ALA A 193 32.69 7.55 -17.42
C ALA A 193 34.05 7.27 -16.81
N ASP A 194 34.08 6.56 -15.68
CA ASP A 194 35.34 6.31 -15.01
C ASP A 194 36.18 5.32 -15.81
N ASP A 195 35.56 4.22 -16.30
CA ASP A 195 36.33 3.14 -16.89
C ASP A 195 36.81 3.47 -18.29
N TYR A 196 35.98 4.18 -19.07
CA TYR A 196 36.30 4.55 -20.43
C TYR A 196 36.91 5.95 -20.52
N GLN A 197 37.10 6.63 -19.37
CA GLN A 197 37.70 7.96 -19.26
C GLN A 197 36.95 9.00 -20.09
N VAL A 198 35.67 9.22 -19.76
CA VAL A 198 34.92 10.24 -20.47
C VAL A 198 34.73 11.44 -19.54
N SER A 199 35.30 12.59 -19.93
CA SER A 199 35.37 13.75 -19.04
C SER A 199 33.99 14.38 -18.88
N ARG A 200 33.75 15.01 -17.73
CA ARG A 200 32.60 15.88 -17.49
C ARG A 200 32.42 16.90 -18.62
N ALA A 201 33.51 17.58 -19.04
CA ALA A 201 33.46 18.60 -20.08
C ALA A 201 32.92 18.04 -21.40
N ASP A 202 33.40 16.83 -21.79
CA ASP A 202 32.98 16.18 -23.02
C ASP A 202 31.49 15.77 -22.91
N GLN A 203 31.09 15.30 -21.72
CA GLN A 203 29.71 14.90 -21.50
C GLN A 203 28.79 16.11 -21.66
N ASP A 204 29.19 17.25 -21.10
CA ASP A 204 28.38 18.47 -21.14
C ASP A 204 28.28 19.03 -22.55
N ALA A 205 29.37 18.96 -23.31
CA ALA A 205 29.39 19.40 -24.70
C ALA A 205 28.44 18.52 -25.53
N PHE A 206 28.45 17.20 -25.29
CA PHE A 206 27.59 16.29 -26.03
C PHE A 206 26.13 16.64 -25.73
N ALA A 207 25.83 16.92 -24.45
CA ALA A 207 24.46 17.21 -24.04
C ALA A 207 23.98 18.51 -24.69
N LEU A 208 24.86 19.53 -24.72
CA LEU A 208 24.51 20.79 -25.38
C LEU A 208 24.22 20.58 -26.86
N ARG A 209 25.07 19.79 -27.55
CA ARG A 209 24.83 19.52 -28.96
C ARG A 209 23.46 18.87 -29.15
N SER A 210 23.08 17.96 -28.23
CA SER A 210 21.79 17.26 -28.37
C SER A 210 20.67 18.29 -28.28
N GLN A 211 20.80 19.22 -27.31
CA GLN A 211 19.75 20.23 -27.11
C GLN A 211 19.68 21.15 -28.34
N GLN A 212 20.84 21.59 -28.84
CA GLN A 212 20.84 22.51 -29.99
C GLN A 212 20.26 21.81 -31.23
N LYS A 213 20.65 20.55 -31.46
CA LYS A 213 20.17 19.85 -32.64
C LYS A 213 18.67 19.57 -32.56
N ALA A 214 18.19 19.20 -31.37
CA ALA A 214 16.76 18.90 -31.22
C ALA A 214 15.94 20.17 -31.43
N ALA A 215 16.44 21.28 -30.86
CA ALA A 215 15.76 22.58 -30.98
C ALA A 215 15.66 22.98 -32.45
N ALA A 216 16.75 22.77 -33.23
CA ALA A 216 16.77 23.08 -34.65
C ALA A 216 15.80 22.19 -35.40
N ALA A 217 15.78 20.89 -35.05
CA ALA A 217 14.87 19.95 -35.73
C ALA A 217 13.43 20.28 -35.41
N GLN A 218 13.15 20.64 -34.14
CA GLN A 218 11.77 20.98 -33.76
C GLN A 218 11.31 22.20 -34.59
N ALA A 219 12.18 23.23 -34.67
CA ALA A 219 11.87 24.46 -35.41
C ALA A 219 11.69 24.19 -36.91
N ALA A 220 12.46 23.26 -37.48
CA ALA A 220 12.36 22.96 -38.90
C ALA A 220 11.09 22.15 -39.20
N GLY A 221 10.37 21.72 -38.16
CA GLY A 221 9.17 20.90 -38.34
C GLY A 221 9.46 19.42 -38.57
N PHE A 222 10.69 18.98 -38.32
CA PHE A 222 11.08 17.58 -38.49
C PHE A 222 10.29 16.67 -37.54
N PHE A 223 10.20 17.05 -36.25
CA PHE A 223 9.42 16.18 -35.35
C PHE A 223 7.94 16.22 -35.69
N ALA A 224 7.44 17.37 -36.16
CA ALA A 224 6.01 17.42 -36.48
C ALA A 224 5.65 16.40 -37.57
N GLU A 225 6.59 16.11 -38.49
CA GLU A 225 6.29 15.13 -39.54
C GLU A 225 6.16 13.72 -38.96
N GLU A 226 6.80 13.44 -37.79
CA GLU A 226 6.75 12.14 -37.13
C GLU A 226 5.54 11.99 -36.20
N ILE A 227 4.94 13.12 -35.76
CA ILE A 227 4.07 13.18 -34.59
C ILE A 227 2.60 13.12 -35.02
N VAL A 228 1.84 12.23 -34.37
CA VAL A 228 0.38 12.35 -34.38
C VAL A 228 -0.02 12.94 -33.04
N PRO A 229 -0.92 13.94 -33.02
CA PRO A 229 -1.36 14.56 -31.76
C PRO A 229 -2.11 13.59 -30.85
N VAL A 230 -1.99 13.78 -29.54
CA VAL A 230 -2.78 13.03 -28.59
C VAL A 230 -3.95 13.90 -28.13
N ARG A 231 -5.16 13.35 -28.26
CA ARG A 231 -6.36 14.04 -27.80
C ARG A 231 -6.73 13.51 -26.42
N ILE A 232 -6.91 14.44 -25.47
CA ILE A 232 -7.35 14.15 -24.11
C ILE A 232 -8.70 14.82 -23.84
N ALA A 233 -9.74 14.01 -23.52
CA ALA A 233 -11.08 14.51 -23.26
C ALA A 233 -11.16 15.13 -21.86
N GLU A 238 -11.59 19.27 -25.98
CA GLU A 238 -10.46 18.36 -25.67
C GLU A 238 -9.14 19.15 -25.63
N ILE A 239 -8.19 18.65 -24.85
CA ILE A 239 -6.83 19.15 -24.92
C ILE A 239 -6.12 18.32 -25.98
N ILE A 240 -5.23 18.95 -26.76
CA ILE A 240 -4.48 18.24 -27.78
C ILE A 240 -3.01 18.47 -27.48
N VAL A 241 -2.25 17.37 -27.35
CA VAL A 241 -0.83 17.44 -27.08
C VAL A 241 -0.10 17.14 -28.38
N GLU A 242 0.76 18.07 -28.85
CA GLU A 242 1.29 18.02 -30.20
C GLU A 242 2.81 18.12 -30.20
N ARG A 243 3.39 18.62 -29.11
CA ARG A 243 4.80 18.97 -29.13
C ARG A 243 5.58 18.14 -28.11
N ASP A 244 6.81 17.75 -28.49
CA ASP A 244 7.72 17.11 -27.55
C ASP A 244 8.05 18.11 -26.44
N GLU A 245 7.88 17.69 -25.18
CA GLU A 245 7.85 18.60 -24.04
C GLU A 245 9.19 18.60 -23.30
N HIS A 246 10.04 17.59 -23.55
CA HIS A 246 11.21 17.46 -22.67
C HIS A 246 12.36 18.40 -23.03
N LEU A 247 12.36 18.94 -24.26
CA LEU A 247 13.50 19.70 -24.78
C LEU A 247 13.80 20.89 -23.85
N ARG A 248 15.09 21.19 -23.65
CA ARG A 248 15.50 22.41 -22.96
C ARG A 248 16.38 23.23 -23.91
N PRO A 249 15.78 23.94 -24.90
CA PRO A 249 16.55 24.75 -25.85
C PRO A 249 17.37 25.84 -25.18
N GLU A 250 16.95 26.24 -24.00
CA GLU A 250 17.55 27.29 -23.16
C GLU A 250 18.90 26.84 -22.59
N THR A 251 19.28 25.55 -22.80
CA THR A 251 20.49 25.02 -22.17
C THR A 251 21.72 25.78 -22.65
N THR A 252 22.65 26.09 -21.73
CA THR A 252 23.94 26.60 -22.15
C THR A 252 25.02 25.78 -21.47
N LEU A 253 26.23 25.85 -22.04
CA LEU A 253 27.35 25.13 -21.47
C LEU A 253 27.58 25.59 -20.04
N GLU A 254 27.44 26.91 -19.79
CA GLU A 254 27.67 27.46 -18.46
C GLU A 254 26.68 26.89 -17.43
N ALA A 255 25.39 26.84 -17.79
CA ALA A 255 24.42 26.20 -16.91
C ALA A 255 24.71 24.71 -16.62
N LEU A 256 25.15 23.94 -17.64
CA LEU A 256 25.48 22.52 -17.48
C LEU A 256 26.67 22.35 -16.54
N THR A 257 27.62 23.28 -16.63
CA THR A 257 28.86 23.18 -15.86
C THR A 257 28.59 23.36 -14.36
N LYS A 258 27.54 24.10 -14.03
CA LYS A 258 27.18 24.40 -12.65
C LYS A 258 26.49 23.23 -11.95
N LEU A 259 25.92 22.28 -12.69
CA LEU A 259 25.14 21.24 -12.03
C LEU A 259 26.07 20.34 -11.20
N LYS A 260 25.53 19.82 -10.09
CA LYS A 260 26.26 18.90 -9.23
C LYS A 260 26.00 17.46 -9.67
N PRO A 261 27.03 16.59 -9.68
CA PRO A 261 26.82 15.19 -10.06
C PRO A 261 25.84 14.47 -9.13
N VAL A 262 24.92 13.71 -9.74
CA VAL A 262 23.91 12.94 -9.04
C VAL A 262 24.50 12.10 -7.90
N ASN A 263 25.68 11.52 -8.11
CA ASN A 263 26.17 10.49 -7.21
C ASN A 263 27.31 10.98 -6.33
N GLY A 264 27.56 12.30 -6.34
CA GLY A 264 28.50 12.87 -5.38
C GLY A 264 29.59 13.66 -6.09
N PRO A 265 30.38 14.45 -5.34
CA PRO A 265 31.27 15.47 -5.92
C PRO A 265 32.41 15.00 -6.83
N ASP A 266 32.82 13.74 -6.67
CA ASP A 266 33.91 13.19 -7.45
C ASP A 266 33.40 12.48 -8.70
N LYS A 267 32.10 12.58 -9.00
CA LYS A 267 31.50 11.89 -10.16
C LYS A 267 31.20 12.90 -11.28
N THR A 268 30.52 12.47 -12.35
CA THR A 268 30.41 13.34 -13.51
C THR A 268 29.00 13.34 -14.09
N VAL A 269 28.16 12.38 -13.75
CA VAL A 269 26.86 12.34 -14.40
C VAL A 269 25.93 13.30 -13.64
N THR A 270 25.19 14.14 -14.39
CA THR A 270 24.28 15.13 -13.80
C THR A 270 22.89 14.99 -14.41
N ALA A 271 21.90 15.71 -13.86
CA ALA A 271 20.60 15.75 -14.51
C ALA A 271 20.68 16.37 -15.92
N GLY A 272 21.71 17.17 -16.19
CA GLY A 272 21.76 17.85 -17.47
C GLY A 272 22.47 17.08 -18.58
N ASN A 273 23.28 16.06 -18.23
CA ASN A 273 23.93 15.24 -19.25
C ASN A 273 23.34 13.80 -19.25
N ALA A 274 22.08 13.66 -18.79
CA ALA A 274 21.39 12.39 -18.76
C ALA A 274 20.00 12.63 -19.36
N SER A 275 19.38 11.57 -19.88
CA SER A 275 17.98 11.69 -20.28
C SER A 275 17.06 11.74 -19.06
N GLY A 276 15.74 11.79 -19.28
CA GLY A 276 14.82 11.88 -18.15
C GLY A 276 13.91 10.64 -18.11
N VAL A 277 12.84 10.70 -17.32
CA VAL A 277 11.81 9.66 -17.39
C VAL A 277 10.58 10.29 -18.02
N ASN A 278 9.88 9.55 -18.91
CA ASN A 278 9.03 10.20 -19.89
C ASN A 278 7.90 9.27 -20.30
N ASP A 279 6.94 9.81 -21.05
CA ASP A 279 5.79 9.10 -21.58
C ASP A 279 5.72 9.25 -23.10
N GLY A 280 5.32 8.19 -23.80
CA GLY A 280 5.19 8.26 -25.25
C GLY A 280 4.90 6.89 -25.86
N ALA A 281 4.38 6.88 -27.11
CA ALA A 281 4.19 5.64 -27.84
C ALA A 281 4.57 5.86 -29.30
N ALA A 282 4.85 4.77 -30.02
CA ALA A 282 5.21 4.85 -31.45
C ALA A 282 4.78 3.55 -32.11
N ALA A 283 4.47 3.60 -33.42
CA ALA A 283 4.17 2.37 -34.16
C ALA A 283 4.48 2.52 -35.65
N MET A 284 4.67 1.38 -36.32
CA MET A 284 5.02 1.43 -37.74
C MET A 284 4.55 0.13 -38.40
N ILE A 285 4.33 0.19 -39.71
CA ILE A 285 3.89 -0.97 -40.49
C ILE A 285 5.11 -1.64 -41.12
N LEU A 286 5.19 -2.98 -41.01
CA LEU A 286 6.16 -3.78 -41.76
C LEU A 286 5.39 -4.74 -42.65
N ALA A 287 5.94 -4.98 -43.85
CA ALA A 287 5.19 -5.75 -44.83
C ALA A 287 6.15 -6.43 -45.80
N SER A 288 5.74 -7.61 -46.25
CA SER A 288 6.44 -8.30 -47.35
C SER A 288 6.19 -7.55 -48.67
N ALA A 289 6.97 -7.86 -49.71
CA ALA A 289 6.74 -7.24 -51.02
C ALA A 289 5.30 -7.51 -51.48
N ALA A 290 4.80 -8.74 -51.26
CA ALA A 290 3.44 -9.08 -51.67
C ALA A 290 2.39 -8.24 -50.93
N ALA A 291 2.61 -8.05 -49.62
CA ALA A 291 1.66 -7.29 -48.82
C ALA A 291 1.71 -5.81 -49.20
N VAL A 292 2.90 -5.29 -49.54
CA VAL A 292 3.02 -3.90 -49.96
C VAL A 292 2.09 -3.64 -51.16
N LYS A 293 2.13 -4.54 -52.14
CA LYS A 293 1.31 -4.42 -53.34
C LYS A 293 -0.17 -4.55 -52.97
N LYS A 294 -0.54 -5.63 -52.28
CA LYS A 294 -1.94 -5.90 -52.00
C LYS A 294 -2.59 -4.77 -51.18
N HIS A 295 -1.85 -4.15 -50.26
CA HIS A 295 -2.48 -3.19 -49.35
C HIS A 295 -2.24 -1.75 -49.77
N GLY A 296 -1.62 -1.56 -50.94
CA GLY A 296 -1.39 -0.21 -51.46
C GLY A 296 -0.47 0.65 -50.60
N LEU A 297 0.53 0.00 -49.97
CA LEU A 297 1.41 0.68 -49.03
C LEU A 297 2.56 1.31 -49.81
N THR A 298 3.27 2.24 -49.17
CA THR A 298 4.46 2.78 -49.79
C THR A 298 5.64 2.30 -48.95
N PRO A 299 6.52 1.47 -49.54
CA PRO A 299 7.67 0.93 -48.82
C PRO A 299 8.68 2.07 -48.74
N ARG A 300 9.35 2.18 -47.59
CA ARG A 300 10.22 3.32 -47.36
C ARG A 300 11.62 2.84 -47.04
N ALA A 301 11.73 1.67 -46.40
CA ALA A 301 13.06 1.11 -46.16
C ALA A 301 12.95 -0.41 -46.12
N ARG A 302 14.06 -1.12 -46.36
CA ARG A 302 14.06 -2.53 -46.05
C ARG A 302 14.88 -2.76 -44.77
N VAL A 303 14.40 -3.67 -43.92
CA VAL A 303 15.16 -4.02 -42.72
C VAL A 303 16.28 -4.98 -43.11
N LEU A 304 17.52 -4.71 -42.67
CA LEU A 304 18.64 -5.58 -42.98
C LEU A 304 18.86 -6.62 -41.87
N GLY A 305 18.65 -6.27 -40.59
CA GLY A 305 18.97 -7.21 -39.53
C GLY A 305 19.00 -6.55 -38.16
N MET A 306 18.96 -7.40 -37.11
CA MET A 306 19.06 -6.94 -35.73
C MET A 306 20.02 -7.86 -35.01
N ALA A 307 20.82 -7.31 -34.09
CA ALA A 307 21.64 -8.16 -33.23
C ALA A 307 21.61 -7.58 -31.82
N SER A 308 21.84 -8.46 -30.84
CA SER A 308 21.89 -8.12 -29.44
C SER A 308 23.25 -8.49 -28.87
N GLY A 309 23.61 -7.84 -27.76
CA GLY A 309 24.89 -8.11 -27.10
C GLY A 309 24.73 -7.96 -25.58
N GLY A 310 25.60 -8.63 -24.81
CA GLY A 310 25.54 -8.52 -23.36
C GLY A 310 26.85 -7.98 -22.84
N VAL A 311 26.80 -7.23 -21.71
CA VAL A 311 27.97 -6.72 -21.04
C VAL A 311 27.72 -6.83 -19.54
N ALA A 312 28.72 -6.50 -18.72
CA ALA A 312 28.50 -6.47 -17.28
C ALA A 312 27.40 -5.46 -16.95
N PRO A 313 26.42 -5.81 -16.09
CA PRO A 313 25.43 -4.84 -15.60
C PRO A 313 26.02 -3.51 -15.14
N ARG A 314 27.16 -3.57 -14.40
CA ARG A 314 27.74 -2.36 -13.84
C ARG A 314 28.15 -1.32 -14.91
N VAL A 315 28.33 -1.75 -16.17
CA VAL A 315 28.65 -0.82 -17.25
C VAL A 315 27.68 -0.99 -18.41
N MET A 316 26.40 -1.08 -18.09
CA MET A 316 25.38 -1.42 -19.09
C MET A 316 25.42 -0.48 -20.30
N GLY A 317 25.85 0.76 -20.08
CA GLY A 317 25.86 1.75 -21.15
C GLY A 317 26.77 1.41 -22.35
N ILE A 318 27.78 0.52 -22.21
CA ILE A 318 28.57 0.18 -23.40
C ILE A 318 28.00 -1.07 -24.09
N GLY A 319 26.81 -1.53 -23.65
CA GLY A 319 26.13 -2.63 -24.31
C GLY A 319 26.08 -2.55 -25.84
N PRO A 320 25.83 -1.36 -26.46
CA PRO A 320 25.73 -1.28 -27.92
C PRO A 320 26.98 -1.76 -28.65
N VAL A 321 28.14 -1.73 -27.97
CA VAL A 321 29.35 -2.04 -28.70
C VAL A 321 29.32 -3.50 -29.21
N PRO A 322 29.13 -4.54 -28.36
CA PRO A 322 29.00 -5.91 -28.86
C PRO A 322 27.83 -6.08 -29.80
N ALA A 323 26.72 -5.34 -29.57
CA ALA A 323 25.57 -5.51 -30.46
C ALA A 323 25.90 -5.01 -31.89
N VAL A 324 26.52 -3.82 -31.98
CA VAL A 324 26.87 -3.24 -33.28
C VAL A 324 27.93 -4.11 -33.97
N ARG A 325 28.96 -4.54 -33.22
CA ARG A 325 30.00 -5.36 -33.81
C ARG A 325 29.41 -6.65 -34.36
N LYS A 326 28.48 -7.26 -33.62
CA LYS A 326 27.87 -8.50 -34.08
C LYS A 326 27.06 -8.27 -35.36
N LEU A 327 26.25 -7.23 -35.39
CA LEU A 327 25.40 -6.96 -36.55
C LEU A 327 26.26 -6.61 -37.78
N THR A 328 27.23 -5.72 -37.61
CA THR A 328 28.01 -5.26 -38.76
C THR A 328 28.87 -6.40 -39.33
N GLU A 329 29.37 -7.29 -38.47
CA GLU A 329 30.17 -8.43 -38.91
C GLU A 329 29.32 -9.40 -39.72
N ARG A 330 28.09 -9.65 -39.28
CA ARG A 330 27.21 -10.55 -40.02
C ARG A 330 26.75 -9.94 -41.34
N LEU A 331 26.43 -8.63 -41.36
CA LEU A 331 25.92 -8.02 -42.58
C LEU A 331 27.05 -7.64 -43.56
N GLY A 332 28.29 -7.56 -43.07
CA GLY A 332 29.43 -7.07 -43.83
C GLY A 332 29.40 -5.57 -44.14
N ILE A 333 28.90 -4.74 -43.20
CA ILE A 333 28.73 -3.30 -43.35
C ILE A 333 29.58 -2.65 -42.27
N ALA A 334 30.55 -1.80 -42.65
CA ALA A 334 31.37 -1.10 -41.66
C ALA A 334 30.51 -0.06 -40.92
N VAL A 335 30.89 0.27 -39.67
CA VAL A 335 30.14 1.32 -38.96
C VAL A 335 30.19 2.64 -39.75
N SER A 336 31.35 2.90 -40.39
CA SER A 336 31.58 4.14 -41.13
C SER A 336 30.73 4.21 -42.40
N ASP A 337 30.13 3.09 -42.80
CA ASP A 337 29.29 3.04 -44.00
C ASP A 337 27.87 3.60 -43.76
N PHE A 338 27.43 3.71 -42.50
CA PHE A 338 26.07 4.15 -42.23
C PHE A 338 25.94 5.65 -42.47
N ASP A 339 24.84 6.06 -43.14
CA ASP A 339 24.55 7.47 -43.41
C ASP A 339 23.86 8.17 -42.23
N VAL A 340 23.25 7.39 -41.33
CA VAL A 340 22.81 7.94 -40.06
C VAL A 340 23.05 6.90 -38.97
N ILE A 341 23.46 7.37 -37.80
CA ILE A 341 23.51 6.53 -36.61
C ILE A 341 22.64 7.19 -35.54
N GLU A 342 21.55 6.50 -35.15
CA GLU A 342 20.72 6.91 -34.01
C GLU A 342 21.16 6.09 -32.80
N LEU A 343 21.93 6.72 -31.93
CA LEU A 343 22.46 6.06 -30.75
C LEU A 343 21.71 6.65 -29.56
N ASN A 344 20.99 5.82 -28.80
CA ASN A 344 20.18 6.38 -27.73
C ASN A 344 21.08 7.09 -26.72
N GLU A 345 20.60 8.24 -26.24
CA GLU A 345 21.42 9.01 -25.30
C GLU A 345 20.85 8.83 -23.90
N ALA A 346 20.90 7.61 -23.36
CA ALA A 346 20.52 7.47 -21.97
C ALA A 346 21.39 8.43 -21.14
N PHE A 347 22.70 8.43 -21.40
CA PHE A 347 23.63 9.27 -20.66
C PHE A 347 24.72 9.65 -21.66
N ALA A 348 25.12 10.94 -21.62
CA ALA A 348 26.21 11.42 -22.47
C ALA A 348 27.46 10.55 -22.27
N SER A 349 27.70 10.10 -21.03
CA SER A 349 28.94 9.37 -20.79
C SER A 349 28.97 8.07 -21.61
N GLN A 350 27.84 7.39 -21.72
CA GLN A 350 27.89 6.12 -22.42
C GLN A 350 27.73 6.35 -23.91
N GLY A 351 26.98 7.38 -24.30
CA GLY A 351 26.94 7.73 -25.72
C GLY A 351 28.35 7.96 -26.29
N LEU A 352 29.14 8.76 -25.57
CA LEU A 352 30.51 9.07 -25.99
C LEU A 352 31.37 7.80 -25.93
N ALA A 353 31.22 6.97 -24.86
CA ALA A 353 32.07 5.79 -24.73
C ALA A 353 31.84 4.83 -25.89
N VAL A 354 30.56 4.68 -26.30
CA VAL A 354 30.20 3.80 -27.38
C VAL A 354 30.83 4.30 -28.70
N LEU A 355 30.68 5.59 -29.02
CA LEU A 355 31.20 6.19 -30.23
C LEU A 355 32.70 5.96 -30.32
N ARG A 356 33.39 6.21 -29.23
CA ARG A 356 34.84 6.09 -29.17
C ARG A 356 35.25 4.63 -29.42
N GLU A 357 34.57 3.66 -28.78
CA GLU A 357 34.86 2.24 -29.01
C GLU A 357 34.61 1.84 -30.47
N LEU A 358 33.60 2.42 -31.12
CA LEU A 358 33.30 2.02 -32.49
C LEU A 358 34.07 2.85 -33.53
N GLY A 359 34.90 3.80 -33.09
CA GLY A 359 35.75 4.55 -34.00
C GLY A 359 35.02 5.67 -34.71
N VAL A 360 34.04 6.27 -34.02
CA VAL A 360 33.24 7.37 -34.55
C VAL A 360 33.49 8.63 -33.70
N ALA A 361 33.66 9.79 -34.36
CA ALA A 361 33.96 11.04 -33.64
C ALA A 361 32.79 11.39 -32.72
N ASP A 362 33.12 12.06 -31.60
CA ASP A 362 32.17 12.49 -30.58
C ASP A 362 31.07 13.37 -31.18
N ASP A 363 31.41 14.14 -32.22
CA ASP A 363 30.50 15.08 -32.87
C ASP A 363 30.30 14.72 -34.35
N ALA A 364 30.44 13.44 -34.70
CA ALA A 364 30.32 13.04 -36.10
C ALA A 364 28.96 13.48 -36.63
N PRO A 365 28.89 14.08 -37.84
CA PRO A 365 27.63 14.68 -38.31
C PRO A 365 26.51 13.67 -38.54
N GLN A 366 26.85 12.40 -38.80
CA GLN A 366 25.84 11.38 -39.03
C GLN A 366 25.23 10.83 -37.72
N VAL A 367 25.78 11.19 -36.56
CA VAL A 367 25.26 10.65 -35.31
C VAL A 367 24.19 11.59 -34.74
N ASN A 368 22.99 11.07 -34.46
CA ASN A 368 21.96 11.86 -33.78
C ASN A 368 21.86 13.29 -34.34
N PRO A 369 21.63 13.45 -35.66
CA PRO A 369 21.69 14.77 -36.28
C PRO A 369 20.52 15.67 -35.90
N ASN A 370 19.45 15.06 -35.39
CA ASN A 370 18.27 15.76 -34.89
C ASN A 370 18.25 15.78 -33.37
N GLY A 371 19.39 15.48 -32.75
CA GLY A 371 19.47 15.34 -31.31
C GLY A 371 18.95 13.98 -30.83
N GLY A 372 18.91 13.81 -29.51
CA GLY A 372 18.50 12.52 -28.98
C GLY A 372 17.89 12.66 -27.59
N ALA A 373 17.81 11.52 -26.88
CA ALA A 373 17.09 11.38 -25.63
C ALA A 373 17.46 12.44 -24.58
N ILE A 374 18.69 12.98 -24.59
CA ILE A 374 18.93 14.02 -23.57
C ILE A 374 17.96 15.19 -23.73
N ALA A 375 17.65 15.55 -24.97
CA ALA A 375 16.69 16.61 -25.27
C ALA A 375 15.28 16.03 -25.33
N LEU A 376 15.12 14.84 -25.92
CA LEU A 376 13.77 14.44 -26.31
C LEU A 376 13.08 13.64 -25.22
N GLY A 377 13.86 13.11 -24.27
CA GLY A 377 13.29 12.23 -23.25
C GLY A 377 13.39 10.74 -23.64
N HIS A 378 13.10 9.83 -22.69
CA HIS A 378 13.37 8.42 -22.92
C HIS A 378 12.24 7.57 -22.31
N PRO A 379 11.03 7.44 -22.91
CA PRO A 379 10.02 6.54 -22.34
C PRO A 379 10.44 5.14 -22.80
N LEU A 380 10.96 4.34 -21.87
CA LEU A 380 11.74 3.15 -22.20
C LEU A 380 11.18 2.34 -23.36
N GLY A 381 9.97 1.83 -23.23
CA GLY A 381 9.45 0.93 -24.25
C GLY A 381 9.25 1.58 -25.62
N MET A 382 9.06 2.90 -25.66
N MET A 382 9.03 2.91 -25.63
CA MET A 382 8.80 3.54 -26.94
CA MET A 382 8.79 3.66 -26.84
C MET A 382 10.11 3.95 -27.63
C MET A 382 10.11 3.87 -27.60
N SER A 383 11.19 4.13 -26.86
CA SER A 383 12.37 4.79 -27.43
C SER A 383 12.98 4.03 -28.62
N GLY A 384 13.05 2.70 -28.52
CA GLY A 384 13.71 1.97 -29.59
C GLY A 384 12.87 2.00 -30.86
N ALA A 385 11.54 2.07 -30.77
CA ALA A 385 10.73 2.22 -31.97
C ALA A 385 10.93 3.61 -32.59
N ARG A 386 11.00 4.62 -31.72
CA ARG A 386 11.30 5.97 -32.19
C ARG A 386 12.65 5.98 -32.93
N LEU A 387 13.69 5.33 -32.38
CA LEU A 387 14.99 5.44 -33.04
C LEU A 387 14.93 4.87 -34.45
N VAL A 388 14.23 3.73 -34.63
CA VAL A 388 14.10 3.14 -35.98
C VAL A 388 13.35 4.12 -36.88
N LEU A 389 12.20 4.61 -36.43
CA LEU A 389 11.45 5.47 -37.34
C LEU A 389 12.13 6.82 -37.64
N THR A 390 12.85 7.39 -36.66
CA THR A 390 13.56 8.63 -36.91
C THR A 390 14.80 8.39 -37.77
N ALA A 391 15.45 7.22 -37.64
CA ALA A 391 16.62 6.95 -38.50
C ALA A 391 16.10 6.93 -39.94
N LEU A 392 14.95 6.28 -40.17
CA LEU A 392 14.37 6.20 -41.51
C LEU A 392 14.02 7.61 -42.02
N HIS A 393 13.27 8.36 -41.20
CA HIS A 393 12.93 9.74 -41.53
C HIS A 393 14.18 10.53 -41.97
N GLN A 394 15.26 10.41 -41.20
CA GLN A 394 16.48 11.15 -41.46
C GLN A 394 17.15 10.70 -42.78
N LEU A 395 17.13 9.39 -43.07
CA LEU A 395 17.63 8.87 -44.35
C LEU A 395 16.87 9.52 -45.51
N GLU A 396 15.56 9.67 -45.36
CA GLU A 396 14.78 10.30 -46.41
C GLU A 396 15.16 11.77 -46.56
N LYS A 397 15.39 12.47 -45.43
CA LYS A 397 15.71 13.88 -45.49
C LYS A 397 17.11 14.06 -46.11
N SER A 398 18.04 13.17 -45.79
CA SER A 398 19.44 13.35 -46.18
C SER A 398 19.79 12.64 -47.50
N GLY A 399 18.85 11.88 -48.07
CA GLY A 399 19.07 11.00 -49.20
C GLY A 399 20.08 9.87 -48.91
N GLY A 400 20.30 9.55 -47.62
CA GLY A 400 21.21 8.50 -47.19
C GLY A 400 20.72 7.12 -47.58
N ARG A 401 21.60 6.12 -47.51
CA ARG A 401 21.19 4.78 -47.89
C ARG A 401 21.02 3.90 -46.66
N LYS A 402 22.10 3.69 -45.90
CA LYS A 402 22.01 2.76 -44.77
C LYS A 402 21.93 3.54 -43.45
N GLY A 403 21.10 3.00 -42.53
CA GLY A 403 20.91 3.58 -41.21
C GLY A 403 21.07 2.51 -40.11
N LEU A 404 21.73 2.91 -39.01
CA LEU A 404 21.89 2.07 -37.83
C LEU A 404 21.19 2.72 -36.63
N ALA A 405 20.35 1.95 -35.91
CA ALA A 405 19.81 2.43 -34.63
C ALA A 405 20.34 1.49 -33.55
N THR A 406 20.86 2.05 -32.46
CA THR A 406 21.40 1.18 -31.43
C THR A 406 21.19 1.81 -30.04
N MET A 407 21.04 0.95 -29.02
CA MET A 407 20.82 1.50 -27.68
C MET A 407 21.27 0.53 -26.60
N CYS A 408 21.55 1.10 -25.42
CA CYS A 408 21.95 0.31 -24.27
C CYS A 408 20.71 -0.14 -23.50
N VAL A 409 20.90 -1.11 -22.61
CA VAL A 409 19.79 -1.75 -21.91
C VAL A 409 20.22 -1.97 -20.47
N GLY A 410 19.33 -1.64 -19.51
CA GLY A 410 19.64 -1.85 -18.10
C GLY A 410 19.96 -3.32 -17.87
N VAL A 411 20.83 -3.57 -16.88
CA VAL A 411 21.28 -4.92 -16.52
C VAL A 411 22.19 -5.49 -17.61
N GLY A 412 22.70 -4.62 -18.49
CA GLY A 412 23.87 -4.90 -19.31
C GLY A 412 23.56 -5.56 -20.66
N GLN A 413 22.82 -4.88 -21.54
CA GLN A 413 22.68 -5.37 -22.90
C GLN A 413 22.82 -4.21 -23.88
N GLY A 414 22.95 -4.58 -25.17
CA GLY A 414 22.85 -3.65 -26.26
C GLY A 414 22.00 -4.29 -27.37
N LEU A 415 21.38 -3.43 -28.17
CA LEU A 415 20.61 -3.91 -29.30
C LEU A 415 20.93 -2.98 -30.46
N ALA A 416 21.02 -3.55 -31.66
CA ALA A 416 21.32 -2.75 -32.84
C ALA A 416 20.43 -3.24 -33.99
N LEU A 417 19.96 -2.31 -34.84
CA LEU A 417 19.11 -2.69 -35.96
C LEU A 417 19.51 -1.81 -37.16
N ALA A 418 19.66 -2.45 -38.33
CA ALA A 418 20.09 -1.75 -39.54
C ALA A 418 18.98 -1.79 -40.58
N ILE A 419 18.85 -0.65 -41.29
CA ILE A 419 17.84 -0.47 -42.33
C ILE A 419 18.51 0.12 -43.57
N GLU A 420 17.85 -0.03 -44.73
CA GLU A 420 18.32 0.65 -45.92
C GLU A 420 17.13 1.28 -46.63
N ARG A 421 17.25 2.58 -46.93
CA ARG A 421 16.19 3.33 -47.63
C ARG A 421 15.96 2.71 -49.00
N VAL A 422 14.70 2.59 -49.44
CA VAL A 422 14.47 2.09 -50.80
C VAL A 422 13.98 3.21 -51.73
N HIS B 20 -24.52 18.71 47.18
CA HIS B 20 -23.22 18.69 47.96
C HIS B 20 -22.05 18.99 47.03
N GLN B 21 -20.97 19.51 47.60
CA GLN B 21 -19.87 20.04 46.81
C GLN B 21 -18.57 19.26 47.10
N SER B 22 -18.65 18.27 48.00
CA SER B 22 -17.49 17.43 48.27
C SER B 22 -17.30 16.45 47.10
N MET B 23 -16.06 15.98 46.90
CA MET B 23 -15.81 14.95 45.90
C MET B 23 -16.42 13.63 46.37
N HIS B 24 -16.86 12.82 45.40
CA HIS B 24 -17.38 11.51 45.76
C HIS B 24 -16.23 10.51 45.82
N ASP B 25 -16.31 9.56 46.76
CA ASP B 25 -15.42 8.41 46.75
C ASP B 25 -15.69 7.59 45.49
N VAL B 26 -14.64 6.98 44.96
CA VAL B 26 -14.77 6.17 43.73
C VAL B 26 -14.25 4.75 43.98
N PHE B 27 -15.10 3.74 43.74
CA PHE B 27 -14.75 2.36 44.05
C PHE B 27 -14.48 1.57 42.78
N ILE B 28 -13.40 0.79 42.79
CA ILE B 28 -13.27 -0.21 41.74
C ILE B 28 -14.03 -1.45 42.23
N CYS B 29 -14.89 -1.98 41.36
CA CYS B 29 -15.68 -3.16 41.62
C CYS B 29 -15.06 -4.27 40.76
N ASP B 30 -15.84 -4.93 39.89
CA ASP B 30 -15.38 -6.13 39.22
C ASP B 30 -14.34 -5.73 38.16
N ALA B 31 -13.39 -6.63 37.90
CA ALA B 31 -12.37 -6.41 36.87
C ALA B 31 -12.06 -7.74 36.21
N ILE B 32 -11.74 -7.72 34.91
CA ILE B 32 -11.44 -8.96 34.19
C ILE B 32 -10.56 -8.62 32.98
N ARG B 33 -9.77 -9.60 32.55
CA ARG B 33 -8.94 -9.41 31.35
C ARG B 33 -8.91 -10.68 30.50
N THR B 34 -8.51 -10.51 29.22
CA THR B 34 -8.17 -11.64 28.37
C THR B 34 -6.83 -12.16 28.87
N PRO B 35 -6.42 -13.37 28.43
CA PRO B 35 -5.01 -13.73 28.46
C PRO B 35 -4.23 -12.79 27.53
N ILE B 36 -2.92 -12.67 27.76
CA ILE B 36 -2.07 -11.90 26.86
C ILE B 36 -1.44 -12.86 25.83
N GLY B 37 -1.61 -12.55 24.55
CA GLY B 37 -1.06 -13.38 23.48
C GLY B 37 0.28 -12.87 22.99
N ARG B 38 1.11 -13.78 22.44
CA ARG B 38 2.32 -13.44 21.72
C ARG B 38 1.99 -12.81 20.35
N PHE B 39 2.93 -12.02 19.82
CA PHE B 39 2.82 -11.49 18.47
C PHE B 39 2.63 -12.64 17.48
N GLY B 40 1.54 -12.60 16.69
CA GLY B 40 1.26 -13.62 15.69
C GLY B 40 0.77 -14.92 16.33
N GLY B 41 0.48 -14.87 17.64
CA GLY B 41 0.19 -16.06 18.43
C GLY B 41 -1.30 -16.29 18.65
N ALA B 42 -1.65 -16.64 19.90
CA ALA B 42 -2.94 -17.26 20.19
C ALA B 42 -4.12 -16.31 19.96
N LEU B 43 -3.94 -14.98 20.08
CA LEU B 43 -5.06 -14.06 19.88
C LEU B 43 -4.93 -13.25 18.59
N ALA B 44 -3.95 -13.59 17.73
CA ALA B 44 -3.63 -12.77 16.58
C ALA B 44 -4.80 -12.70 15.60
N SER B 45 -5.70 -13.70 15.61
CA SER B 45 -6.82 -13.71 14.67
C SER B 45 -7.99 -12.87 15.18
N VAL B 46 -7.93 -12.33 16.42
CA VAL B 46 -9.06 -11.59 16.98
C VAL B 46 -8.90 -10.10 16.69
N ARG B 47 -9.88 -9.50 16.01
CA ARG B 47 -9.82 -8.07 15.70
C ARG B 47 -9.73 -7.27 17.00
N ALA B 48 -9.01 -6.14 16.99
CA ALA B 48 -8.83 -5.35 18.21
C ALA B 48 -10.18 -4.91 18.79
N ASP B 49 -11.14 -4.53 17.95
CA ASP B 49 -12.41 -4.10 18.49
C ASP B 49 -13.17 -5.26 19.15
N ASP B 50 -13.20 -6.42 18.49
CA ASP B 50 -13.77 -7.63 19.07
C ASP B 50 -13.02 -8.02 20.36
N LEU B 51 -11.70 -7.88 20.36
CA LEU B 51 -10.94 -8.24 21.55
C LEU B 51 -11.34 -7.35 22.74
N ALA B 52 -11.46 -6.03 22.50
CA ALA B 52 -11.89 -5.06 23.50
C ALA B 52 -13.25 -5.46 24.07
N ALA B 53 -14.13 -6.00 23.21
CA ALA B 53 -15.48 -6.36 23.67
C ALA B 53 -15.48 -7.58 24.58
N VAL B 54 -14.48 -8.48 24.47
CA VAL B 54 -14.44 -9.70 25.29
C VAL B 54 -14.59 -9.39 26.79
N PRO B 55 -13.73 -8.56 27.45
CA PRO B 55 -13.92 -8.27 28.87
C PRO B 55 -15.23 -7.54 29.14
N LEU B 56 -15.72 -6.74 28.19
CA LEU B 56 -16.99 -6.08 28.44
C LEU B 56 -18.12 -7.13 28.55
N LYS B 57 -18.13 -8.09 27.62
CA LYS B 57 -19.16 -9.12 27.69
C LYS B 57 -19.03 -9.91 29.01
N ALA B 58 -17.80 -10.19 29.46
CA ALA B 58 -17.59 -10.87 30.73
C ALA B 58 -18.16 -10.04 31.90
N LEU B 59 -17.94 -8.71 31.88
CA LEU B 59 -18.43 -7.89 32.98
C LEU B 59 -19.96 -7.99 33.01
N ILE B 60 -20.57 -8.06 31.82
CA ILE B 60 -22.02 -8.15 31.80
C ILE B 60 -22.51 -9.44 32.47
N GLU B 61 -21.92 -10.59 32.07
CA GLU B 61 -22.32 -11.88 32.65
C GLU B 61 -22.06 -11.89 34.15
N ARG B 62 -20.95 -11.30 34.60
CA ARG B 62 -20.49 -11.37 35.97
C ARG B 62 -21.24 -10.44 36.96
N ASN B 63 -21.99 -9.43 36.46
CA ASN B 63 -22.58 -8.42 37.33
C ASN B 63 -24.04 -8.23 36.96
N PRO B 64 -24.89 -9.26 37.22
CA PRO B 64 -26.29 -9.21 36.78
C PRO B 64 -27.21 -8.25 37.56
N GLY B 65 -26.71 -7.62 38.63
CA GLY B 65 -27.55 -6.60 39.25
C GLY B 65 -27.51 -5.25 38.51
N VAL B 66 -26.57 -5.04 37.58
CA VAL B 66 -26.38 -3.72 36.98
C VAL B 66 -27.51 -3.42 36.00
N GLN B 67 -28.04 -2.18 36.03
CA GLN B 67 -28.94 -1.73 34.98
C GLN B 67 -28.06 -1.05 33.92
N TRP B 68 -27.77 -1.76 32.84
CA TRP B 68 -26.67 -1.42 31.94
C TRP B 68 -26.92 -0.09 31.23
N ASP B 69 -28.19 0.29 31.08
CA ASP B 69 -28.48 1.56 30.42
C ASP B 69 -28.16 2.75 31.32
N GLN B 70 -27.63 2.50 32.53
CA GLN B 70 -27.25 3.60 33.41
C GLN B 70 -25.73 3.77 33.44
N VAL B 71 -25.01 3.01 32.62
CA VAL B 71 -23.56 3.25 32.56
C VAL B 71 -23.36 4.61 31.89
N ASP B 72 -22.52 5.45 32.49
CA ASP B 72 -22.36 6.85 32.10
C ASP B 72 -21.32 6.96 30.99
N GLU B 73 -20.33 6.06 30.98
CA GLU B 73 -19.31 6.18 29.95
C GLU B 73 -18.43 4.93 30.01
N VAL B 74 -17.89 4.55 28.85
CA VAL B 74 -16.84 3.55 28.75
C VAL B 74 -15.56 4.28 28.30
N PHE B 75 -14.48 4.12 29.08
CA PHE B 75 -13.24 4.77 28.74
C PHE B 75 -12.23 3.67 28.46
N PHE B 76 -11.61 3.70 27.28
CA PHE B 76 -10.61 2.68 26.94
C PHE B 76 -9.30 3.33 26.54
N GLY B 77 -8.20 2.71 26.98
CA GLY B 77 -6.89 3.11 26.51
C GLY B 77 -6.52 2.30 25.25
N CYS B 78 -5.84 2.94 24.28
CA CYS B 78 -5.38 2.27 23.06
C CYS B 78 -4.32 3.14 22.42
N ALA B 79 -3.11 2.57 22.21
CA ALA B 79 -2.00 3.38 21.75
C ALA B 79 -1.96 3.56 20.23
N ASN B 80 -2.60 2.67 19.47
CA ASN B 80 -2.39 2.65 18.03
C ASN B 80 -3.52 3.43 17.34
N GLN B 81 -4.71 2.78 17.26
CA GLN B 81 -5.93 3.38 16.73
C GLN B 81 -5.91 3.61 15.23
N ALA B 82 -5.01 2.94 14.51
CA ALA B 82 -4.98 3.05 13.05
C ALA B 82 -5.69 1.86 12.42
N GLY B 83 -5.83 0.75 13.18
CA GLY B 83 -6.30 -0.53 12.67
C GLY B 83 -7.78 -0.74 12.94
N GLU B 84 -8.12 -1.98 13.32
CA GLU B 84 -9.50 -2.31 13.66
C GLU B 84 -9.91 -1.60 14.95
N ASP B 85 -8.94 -0.94 15.60
CA ASP B 85 -9.17 -0.11 16.77
C ASP B 85 -9.39 1.37 16.38
N ASN B 86 -9.71 1.66 15.10
CA ASN B 86 -9.83 3.05 14.67
C ASN B 86 -11.18 3.63 15.06
N ARG B 87 -11.25 4.98 15.13
CA ARG B 87 -12.51 5.70 15.22
C ARG B 87 -13.21 5.43 16.55
N ASN B 88 -12.41 5.43 17.63
CA ASN B 88 -12.93 5.44 19.00
C ASN B 88 -13.36 4.02 19.37
N VAL B 89 -12.34 3.21 19.71
CA VAL B 89 -12.52 1.79 19.91
C VAL B 89 -13.41 1.57 21.15
N ALA B 90 -13.40 2.49 22.13
CA ALA B 90 -14.24 2.35 23.32
C ALA B 90 -15.71 2.19 22.91
N ARG B 91 -16.16 3.05 22.00
CA ARG B 91 -17.56 3.06 21.56
C ARG B 91 -17.81 1.84 20.66
N MET B 92 -16.88 1.56 19.73
CA MET B 92 -16.99 0.34 18.91
C MET B 92 -17.18 -0.88 19.81
N ALA B 93 -16.29 -1.04 20.82
CA ALA B 93 -16.30 -2.24 21.67
C ALA B 93 -17.61 -2.39 22.46
N LEU B 94 -18.11 -1.27 23.00
CA LEU B 94 -19.31 -1.39 23.84
C LEU B 94 -20.49 -1.81 22.98
N LEU B 95 -20.51 -1.36 21.71
CA LEU B 95 -21.63 -1.73 20.83
C LEU B 95 -21.51 -3.22 20.45
N LEU B 96 -20.28 -3.68 20.18
CA LEU B 96 -20.05 -5.07 19.82
C LEU B 96 -20.34 -6.00 21.01
N ALA B 97 -20.14 -5.50 22.24
CA ALA B 97 -20.38 -6.26 23.45
C ALA B 97 -21.88 -6.43 23.74
N GLY B 98 -22.72 -5.68 23.03
CA GLY B 98 -24.15 -5.74 23.29
C GLY B 98 -24.58 -4.77 24.41
N LEU B 99 -23.72 -3.81 24.82
CA LEU B 99 -24.18 -2.78 25.74
C LEU B 99 -25.15 -1.84 25.01
N PRO B 100 -26.12 -1.20 25.74
CA PRO B 100 -27.08 -0.30 25.08
C PRO B 100 -26.41 0.82 24.29
N GLU B 101 -27.00 1.15 23.16
CA GLU B 101 -26.46 2.17 22.28
C GLU B 101 -26.52 3.56 22.91
N SER B 102 -27.25 3.70 24.04
CA SER B 102 -27.26 4.95 24.79
C SER B 102 -25.98 5.21 25.58
N ILE B 103 -25.06 4.22 25.64
CA ILE B 103 -23.87 4.43 26.49
C ILE B 103 -22.77 5.08 25.64
N PRO B 104 -22.20 6.22 26.09
CA PRO B 104 -21.13 6.88 25.34
C PRO B 104 -19.77 6.24 25.61
N GLY B 105 -18.76 6.48 24.76
CA GLY B 105 -17.45 5.91 25.06
C GLY B 105 -16.39 6.83 24.50
N VAL B 106 -15.17 6.78 25.08
CA VAL B 106 -14.11 7.66 24.65
C VAL B 106 -12.80 6.91 24.81
N THR B 107 -11.84 7.18 23.90
CA THR B 107 -10.60 6.42 23.88
C THR B 107 -9.44 7.36 24.21
N LEU B 108 -8.51 6.89 25.07
CA LEU B 108 -7.40 7.73 25.53
C LEU B 108 -6.11 7.14 24.99
N ASN B 109 -5.13 8.00 24.69
CA ASN B 109 -3.84 7.56 24.19
C ASN B 109 -2.78 8.28 25.00
N ARG B 110 -2.20 7.57 25.97
CA ARG B 110 -0.91 8.03 26.46
C ARG B 110 0.07 6.88 26.23
N LEU B 111 0.12 6.38 24.99
CA LEU B 111 1.01 5.27 24.63
C LEU B 111 0.90 4.13 25.64
N CYS B 112 2.07 3.72 26.24
CA CYS B 112 2.23 2.56 27.11
C CYS B 112 1.30 2.64 28.33
N ALA B 113 0.86 3.87 28.69
CA ALA B 113 0.11 4.07 29.92
C ALA B 113 -1.39 4.29 29.64
N SER B 114 -1.81 4.19 28.39
CA SER B 114 -3.20 4.50 28.03
C SER B 114 -4.24 3.87 28.95
N GLY B 115 -4.10 2.57 29.28
CA GLY B 115 -5.13 1.86 30.04
C GLY B 115 -5.17 2.32 31.50
N MET B 116 -4.02 2.75 32.02
CA MET B 116 -4.03 3.31 33.37
C MET B 116 -4.67 4.70 33.34
N ASP B 117 -4.41 5.47 32.27
CA ASP B 117 -5.03 6.78 32.11
C ASP B 117 -6.56 6.63 32.01
N ALA B 118 -7.05 5.59 31.30
CA ALA B 118 -8.49 5.32 31.25
C ALA B 118 -9.05 5.19 32.68
N VAL B 119 -8.34 4.47 33.55
CA VAL B 119 -8.83 4.24 34.92
C VAL B 119 -8.86 5.55 35.70
N GLY B 120 -7.77 6.31 35.64
CA GLY B 120 -7.68 7.59 36.34
C GLY B 120 -8.67 8.63 35.83
N THR B 121 -8.90 8.62 34.52
CA THR B 121 -9.82 9.56 33.91
C THR B 121 -11.24 9.20 34.35
N ALA B 122 -11.53 7.88 34.39
CA ALA B 122 -12.85 7.42 34.87
C ALA B 122 -13.05 7.86 36.33
N PHE B 123 -11.98 7.68 37.14
CA PHE B 123 -11.97 8.12 38.53
C PHE B 123 -12.32 9.61 38.65
N ARG B 124 -11.61 10.48 37.90
CA ARG B 124 -11.84 11.92 37.97
C ARG B 124 -13.25 12.33 37.56
N ALA B 125 -13.82 11.62 36.57
CA ALA B 125 -15.20 11.87 36.12
C ALA B 125 -16.22 11.60 37.25
N ILE B 126 -16.02 10.52 38.03
CA ILE B 126 -16.92 10.22 39.14
C ILE B 126 -16.61 11.14 40.31
N ALA B 127 -15.31 11.31 40.63
CA ALA B 127 -14.92 12.11 41.76
C ALA B 127 -15.46 13.54 41.64
N SER B 128 -15.53 14.07 40.41
CA SER B 128 -15.98 15.43 40.18
C SER B 128 -17.49 15.54 40.20
N GLY B 129 -18.16 14.39 40.41
CA GLY B 129 -19.63 14.41 40.52
C GLY B 129 -20.34 14.38 39.17
N GLU B 130 -19.62 14.20 38.05
CA GLU B 130 -20.24 14.27 36.74
C GLU B 130 -20.83 12.92 36.29
N MET B 131 -20.38 11.81 36.88
CA MET B 131 -20.87 10.48 36.53
C MET B 131 -20.95 9.63 37.80
N GLU B 132 -21.62 8.46 37.71
CA GLU B 132 -21.84 7.57 38.86
C GLU B 132 -21.31 6.15 38.59
N LEU B 133 -21.43 5.68 37.34
CA LEU B 133 -21.12 4.29 36.98
C LEU B 133 -20.40 4.30 35.63
N VAL B 134 -19.16 3.78 35.60
CA VAL B 134 -18.38 3.81 34.36
C VAL B 134 -17.65 2.46 34.21
N ILE B 135 -17.15 2.21 32.99
CA ILE B 135 -16.24 1.12 32.72
C ILE B 135 -14.94 1.74 32.25
N ALA B 136 -13.81 1.28 32.80
CA ALA B 136 -12.52 1.71 32.30
C ALA B 136 -11.74 0.47 31.88
N GLY B 137 -10.94 0.57 30.81
CA GLY B 137 -10.12 -0.54 30.37
C GLY B 137 -9.10 -0.11 29.32
N GLY B 138 -8.56 -1.10 28.61
CA GLY B 138 -7.56 -0.84 27.59
C GLY B 138 -7.45 -2.04 26.66
N VAL B 139 -6.94 -1.81 25.45
CA VAL B 139 -6.82 -2.89 24.47
C VAL B 139 -5.63 -2.57 23.60
N GLU B 140 -4.92 -3.61 23.16
CA GLU B 140 -3.96 -3.46 22.07
C GLU B 140 -3.92 -4.78 21.31
N SER B 141 -3.98 -4.68 19.97
CA SER B 141 -3.66 -5.86 19.18
C SER B 141 -2.43 -5.54 18.35
N MET B 142 -1.22 -5.78 18.90
CA MET B 142 -0.02 -5.44 18.18
C MET B 142 0.23 -6.38 17.00
N SER B 143 -0.29 -7.61 17.09
CA SER B 143 -0.29 -8.55 15.97
C SER B 143 -0.95 -7.93 14.74
N ARG B 144 -2.10 -7.30 14.94
CA ARG B 144 -2.89 -6.81 13.84
C ARG B 144 -2.63 -5.32 13.54
N ALA B 145 -1.59 -4.72 14.14
CA ALA B 145 -1.34 -3.31 13.90
C ALA B 145 -1.08 -3.15 12.39
N PRO B 146 -1.75 -2.19 11.72
CA PRO B 146 -1.64 -2.09 10.26
C PRO B 146 -0.38 -1.39 9.77
N PHE B 147 -0.19 -1.39 8.45
CA PHE B 147 0.78 -0.52 7.80
C PHE B 147 0.09 0.80 7.46
N VAL B 148 0.85 1.90 7.49
CA VAL B 148 0.31 3.23 7.18
C VAL B 148 1.10 3.87 6.04
N MET B 149 0.40 4.65 5.20
CA MET B 149 1.05 5.27 4.04
C MET B 149 0.56 6.71 3.93
N GLY B 150 1.48 7.68 3.97
CA GLY B 150 1.10 9.08 3.80
C GLY B 150 0.48 9.33 2.42
N LYS B 151 -0.36 10.37 2.34
CA LYS B 151 -0.92 10.77 1.04
C LYS B 151 0.21 11.35 0.18
N ALA B 152 0.06 11.29 -1.14
CA ALA B 152 0.96 12.02 -2.04
C ALA B 152 0.79 13.53 -1.82
N GLU B 153 1.91 14.22 -1.76
CA GLU B 153 1.87 15.67 -1.59
C GLU B 153 2.02 16.37 -2.94
N SER B 154 2.17 15.59 -4.03
CA SER B 154 2.14 16.12 -5.38
C SER B 154 1.60 15.07 -6.34
N ALA B 155 0.98 15.52 -7.45
CA ALA B 155 0.50 14.59 -8.48
C ALA B 155 1.67 13.72 -8.97
N TYR B 156 1.43 12.41 -9.08
CA TYR B 156 2.41 11.46 -9.65
C TYR B 156 3.63 11.34 -8.75
N SER B 157 3.46 11.61 -7.44
CA SER B 157 4.57 11.52 -6.49
C SER B 157 5.20 10.12 -6.52
N ARG B 158 6.53 10.09 -6.51
CA ARG B 158 7.28 8.85 -6.39
C ARG B 158 7.63 8.55 -4.92
N ASN B 159 7.23 9.41 -3.99
CA ASN B 159 7.70 9.29 -2.60
C ASN B 159 6.64 8.59 -1.74
N MET B 160 6.08 7.48 -2.22
CA MET B 160 5.08 6.78 -1.42
C MET B 160 5.78 5.66 -0.65
N LYS B 161 5.44 5.46 0.64
CA LYS B 161 6.03 4.34 1.35
C LYS B 161 5.10 3.84 2.46
N LEU B 162 5.30 2.58 2.87
CA LEU B 162 4.55 1.96 3.94
C LEU B 162 5.38 2.03 5.22
N GLU B 163 4.72 2.28 6.35
CA GLU B 163 5.41 2.17 7.63
C GLU B 163 4.58 1.28 8.56
N ASP B 164 5.28 0.53 9.40
CA ASP B 164 4.67 -0.47 10.25
C ASP B 164 4.28 0.23 11.55
N THR B 165 3.03 0.06 11.98
CA THR B 165 2.57 0.69 13.21
C THR B 165 2.63 -0.28 14.40
N THR B 166 3.25 -1.46 14.24
CA THR B 166 3.30 -2.45 15.31
C THR B 166 3.86 -1.83 16.59
N ILE B 167 5.02 -1.18 16.44
CA ILE B 167 5.65 -0.51 17.56
C ILE B 167 6.66 0.50 17.02
N GLY B 168 6.89 1.58 17.75
CA GLY B 168 8.03 2.41 17.43
C GLY B 168 7.69 3.63 16.57
N TRP B 169 8.71 4.43 16.25
CA TRP B 169 8.52 5.69 15.53
C TRP B 169 8.00 5.42 14.12
N ARG B 170 7.06 6.26 13.66
CA ARG B 170 6.76 6.36 12.23
C ARG B 170 6.37 7.82 11.92
N PHE B 171 6.43 8.18 10.64
CA PHE B 171 6.25 9.56 10.21
C PHE B 171 7.13 10.49 11.06
N ILE B 172 8.42 10.19 11.10
CA ILE B 172 9.28 10.92 12.03
C ILE B 172 9.34 12.39 11.62
N ASN B 173 9.20 13.28 12.61
CA ASN B 173 9.29 14.72 12.41
C ASN B 173 10.77 15.08 12.48
N PRO B 174 11.39 15.69 11.44
CA PRO B 174 12.82 16.04 11.52
C PRO B 174 13.16 16.91 12.71
N LEU B 175 12.18 17.70 13.18
CA LEU B 175 12.37 18.62 14.29
C LEU B 175 12.45 17.88 15.61
N MET B 176 11.64 16.83 15.76
CA MET B 176 11.71 15.97 16.95
C MET B 176 13.08 15.28 16.97
N LYS B 177 13.50 14.79 15.79
CA LYS B 177 14.79 14.10 15.74
C LYS B 177 15.93 15.04 16.15
N SER B 178 15.95 16.28 15.63
CA SER B 178 17.05 17.19 15.91
C SER B 178 17.07 17.65 17.36
N GLN B 179 15.90 17.84 17.99
CA GLN B 179 15.82 18.45 19.31
C GLN B 179 15.86 17.39 20.43
N TYR B 180 15.17 16.26 20.24
CA TYR B 180 15.03 15.25 21.29
C TYR B 180 15.61 13.87 20.92
N GLY B 181 15.87 13.62 19.63
CA GLY B 181 16.23 12.29 19.15
C GLY B 181 14.97 11.47 18.90
N VAL B 182 15.10 10.40 18.11
CA VAL B 182 13.99 9.48 17.93
C VAL B 182 14.50 8.07 18.29
N ASP B 183 15.12 7.94 19.46
CA ASP B 183 15.63 6.68 19.95
C ASP B 183 14.51 5.63 20.03
N SER B 184 14.81 4.41 19.60
CA SER B 184 13.90 3.28 19.79
C SER B 184 13.72 3.02 21.30
N MET B 185 12.67 2.31 21.70
CA MET B 185 12.48 2.03 23.13
C MET B 185 13.66 1.23 23.71
N PRO B 186 14.21 0.18 23.04
CA PRO B 186 15.40 -0.47 23.59
C PRO B 186 16.63 0.44 23.70
N GLU B 187 16.81 1.36 22.74
CA GLU B 187 17.88 2.35 22.86
C GLU B 187 17.68 3.22 24.11
N THR B 188 16.42 3.62 24.40
CA THR B 188 16.17 4.42 25.61
C THR B 188 16.50 3.61 26.86
N ALA B 189 16.18 2.30 26.84
CA ALA B 189 16.44 1.44 27.97
C ALA B 189 17.96 1.33 28.17
N ASP B 190 18.73 1.35 27.08
CA ASP B 190 20.19 1.29 27.21
C ASP B 190 20.73 2.60 27.76
N ASN B 191 20.13 3.73 27.34
CA ASN B 191 20.49 5.03 27.88
C ASN B 191 20.26 5.06 29.40
N VAL B 192 19.11 4.58 29.85
CA VAL B 192 18.85 4.47 31.29
C VAL B 192 19.90 3.60 31.96
N ALA B 193 20.20 2.42 31.39
CA ALA B 193 21.22 1.54 31.99
C ALA B 193 22.56 2.26 32.13
N ASP B 194 22.92 3.06 31.13
CA ASP B 194 24.21 3.75 31.09
C ASP B 194 24.21 4.89 32.09
N ASP B 195 23.13 5.70 32.06
CA ASP B 195 23.09 6.92 32.85
C ASP B 195 22.88 6.61 34.32
N TYR B 196 22.08 5.58 34.63
CA TYR B 196 21.76 5.32 36.03
C TYR B 196 22.58 4.14 36.60
N GLN B 197 23.44 3.53 35.76
CA GLN B 197 24.35 2.44 36.13
C GLN B 197 23.58 1.19 36.57
N VAL B 198 22.86 0.58 35.64
CA VAL B 198 22.18 -0.67 35.92
C VAL B 198 22.89 -1.75 35.11
N SER B 199 23.49 -2.74 35.79
CA SER B 199 24.31 -3.72 35.11
C SER B 199 23.43 -4.70 34.37
N ARG B 200 24.00 -5.30 33.32
CA ARG B 200 23.47 -6.47 32.63
C ARG B 200 23.10 -7.57 33.62
N ALA B 201 24.00 -7.86 34.58
CA ALA B 201 23.76 -8.92 35.56
C ALA B 201 22.48 -8.65 36.36
N ASP B 202 22.32 -7.39 36.81
CA ASP B 202 21.15 -7.06 37.62
C ASP B 202 19.88 -7.11 36.79
N GLN B 203 19.98 -6.71 35.53
CA GLN B 203 18.84 -6.72 34.62
C GLN B 203 18.39 -8.17 34.43
N ASP B 204 19.37 -9.06 34.23
CA ASP B 204 19.05 -10.45 33.95
C ASP B 204 18.45 -11.12 35.20
N ALA B 205 18.94 -10.74 36.38
CA ALA B 205 18.43 -11.33 37.62
C ALA B 205 16.99 -10.89 37.82
N PHE B 206 16.72 -9.61 37.50
CA PHE B 206 15.38 -9.06 37.64
C PHE B 206 14.45 -9.78 36.66
N ALA B 207 14.91 -9.99 35.41
CA ALA B 207 14.13 -10.73 34.43
C ALA B 207 13.82 -12.15 34.90
N LEU B 208 14.83 -12.83 35.48
CA LEU B 208 14.62 -14.20 35.99
C LEU B 208 13.58 -14.21 37.11
N ARG B 209 13.64 -13.23 38.04
CA ARG B 209 12.67 -13.18 39.11
C ARG B 209 11.26 -12.99 38.54
N SER B 210 11.13 -12.19 37.48
CA SER B 210 9.82 -11.97 36.89
C SER B 210 9.27 -13.29 36.35
N GLN B 211 10.08 -14.05 35.60
CA GLN B 211 9.63 -15.32 35.05
C GLN B 211 9.30 -16.28 36.19
N GLN B 212 10.14 -16.37 37.22
CA GLN B 212 9.90 -17.32 38.30
C GLN B 212 8.61 -16.97 39.03
N LYS B 213 8.41 -15.68 39.33
CA LYS B 213 7.22 -15.31 40.08
C LYS B 213 5.96 -15.48 39.23
N ALA B 214 6.05 -15.18 37.93
CA ALA B 214 4.88 -15.35 37.07
C ALA B 214 4.53 -16.84 36.89
N ALA B 215 5.55 -17.69 36.70
CA ALA B 215 5.31 -19.14 36.63
C ALA B 215 4.60 -19.67 37.89
N ALA B 216 5.05 -19.22 39.07
CA ALA B 216 4.44 -19.63 40.33
C ALA B 216 3.00 -19.16 40.44
N ALA B 217 2.74 -17.87 40.12
CA ALA B 217 1.39 -17.32 40.17
C ALA B 217 0.48 -18.07 39.23
N GLN B 218 1.00 -18.39 38.04
CA GLN B 218 0.23 -19.14 37.05
C GLN B 218 -0.15 -20.52 37.58
N ALA B 219 0.83 -21.25 38.11
CA ALA B 219 0.62 -22.56 38.72
C ALA B 219 -0.39 -22.50 39.89
N ALA B 220 -0.37 -21.42 40.67
CA ALA B 220 -1.28 -21.22 41.78
C ALA B 220 -2.70 -20.91 41.32
N GLY B 221 -2.90 -20.59 40.02
CA GLY B 221 -4.21 -20.21 39.54
C GLY B 221 -4.52 -18.73 39.78
N PHE B 222 -3.49 -17.93 40.09
CA PHE B 222 -3.70 -16.51 40.33
C PHE B 222 -4.19 -15.80 39.06
N PHE B 223 -3.55 -16.05 37.91
CA PHE B 223 -3.96 -15.38 36.69
C PHE B 223 -5.32 -15.86 36.21
N ALA B 224 -5.64 -17.13 36.49
CA ALA B 224 -6.91 -17.69 36.08
C ALA B 224 -8.06 -16.91 36.71
N GLU B 225 -7.88 -16.43 37.95
CA GLU B 225 -8.89 -15.59 38.58
C GLU B 225 -9.08 -14.26 37.86
N GLU B 226 -8.08 -13.75 37.15
CA GLU B 226 -8.20 -12.48 36.47
C GLU B 226 -8.77 -12.67 35.05
N ILE B 227 -8.75 -13.91 34.52
CA ILE B 227 -8.85 -14.09 33.07
C ILE B 227 -10.25 -14.55 32.68
N VAL B 228 -10.79 -13.92 31.62
CA VAL B 228 -11.86 -14.53 30.84
C VAL B 228 -11.24 -15.19 29.60
N PRO B 229 -11.48 -16.50 29.34
CA PRO B 229 -10.87 -17.17 28.19
C PRO B 229 -11.50 -16.71 26.88
N VAL B 230 -10.74 -16.80 25.78
CA VAL B 230 -11.20 -16.40 24.46
C VAL B 230 -11.35 -17.64 23.56
N ARG B 231 -12.54 -17.82 23.03
CA ARG B 231 -12.81 -18.91 22.09
C ARG B 231 -12.29 -18.52 20.71
N ILE B 232 -11.53 -19.43 20.05
CA ILE B 232 -11.00 -19.22 18.70
C ILE B 232 -11.45 -20.39 17.81
N ALA B 233 -11.90 -20.10 16.57
CA ALA B 233 -12.27 -21.16 15.63
C ALA B 233 -11.03 -21.67 14.89
N HIS B 234 -10.90 -23.00 14.81
CA HIS B 234 -9.95 -23.66 13.92
C HIS B 234 -10.77 -24.42 12.88
N LYS B 235 -10.09 -24.98 11.86
CA LYS B 235 -10.75 -25.77 10.82
C LYS B 235 -11.61 -26.87 11.42
N LYS B 236 -11.06 -27.60 12.40
CA LYS B 236 -11.68 -28.85 12.84
C LYS B 236 -12.60 -28.63 14.04
N GLY B 237 -12.69 -27.40 14.54
CA GLY B 237 -13.52 -27.06 15.69
C GLY B 237 -12.93 -25.87 16.46
N GLU B 238 -13.53 -25.55 17.61
CA GLU B 238 -13.11 -24.38 18.38
C GLU B 238 -12.16 -24.78 19.52
N ILE B 239 -11.24 -23.86 19.85
CA ILE B 239 -10.42 -24.03 21.03
C ILE B 239 -10.66 -22.81 21.94
N ILE B 240 -10.15 -22.89 23.18
CA ILE B 240 -10.24 -21.83 24.16
C ILE B 240 -8.80 -21.44 24.50
N VAL B 241 -8.49 -20.14 24.40
CA VAL B 241 -7.22 -19.63 24.90
C VAL B 241 -7.46 -19.20 26.35
N GLU B 242 -6.83 -19.89 27.29
CA GLU B 242 -7.06 -19.68 28.71
C GLU B 242 -5.85 -19.06 29.37
N ARG B 243 -4.65 -19.33 28.84
CA ARG B 243 -3.46 -19.00 29.61
C ARG B 243 -2.68 -17.90 28.89
N ASP B 244 -2.00 -17.04 29.68
CA ASP B 244 -1.07 -16.06 29.15
C ASP B 244 0.05 -16.79 28.38
N GLU B 245 0.31 -16.36 27.15
CA GLU B 245 1.14 -17.12 26.22
C GLU B 245 2.62 -16.70 26.30
N HIS B 246 2.91 -15.53 26.85
CA HIS B 246 4.25 -14.94 26.72
C HIS B 246 5.25 -15.58 27.69
N LEU B 247 4.79 -16.23 28.76
CA LEU B 247 5.67 -16.67 29.85
C LEU B 247 6.73 -17.64 29.34
N ARG B 248 7.98 -17.52 29.85
CA ARG B 248 9.06 -18.46 29.56
C ARG B 248 9.50 -19.06 30.90
N PRO B 249 8.73 -20.02 31.46
CA PRO B 249 9.01 -20.54 32.80
C PRO B 249 10.34 -21.31 32.85
N GLU B 250 10.83 -21.72 31.69
CA GLU B 250 12.10 -22.44 31.55
C GLU B 250 13.32 -21.53 31.59
N THR B 251 13.11 -20.21 31.78
CA THR B 251 14.19 -19.23 31.79
C THR B 251 15.16 -19.53 32.94
N THR B 252 16.47 -19.46 32.66
CA THR B 252 17.47 -19.55 33.71
C THR B 252 18.47 -18.42 33.49
N LEU B 253 19.29 -18.14 34.52
CA LEU B 253 20.26 -17.05 34.45
C LEU B 253 21.26 -17.34 33.34
N GLU B 254 21.68 -18.62 33.27
CA GLU B 254 22.61 -19.08 32.26
C GLU B 254 22.03 -18.83 30.87
N ALA B 255 20.73 -19.09 30.66
CA ALA B 255 20.14 -18.83 29.35
C ALA B 255 20.13 -17.33 29.04
N LEU B 256 19.77 -16.51 30.02
CA LEU B 256 19.70 -15.06 29.81
C LEU B 256 21.07 -14.48 29.52
N THR B 257 22.10 -15.01 30.20
CA THR B 257 23.49 -14.59 30.06
C THR B 257 24.03 -14.76 28.65
N LYS B 258 23.51 -15.74 27.89
CA LYS B 258 24.06 -15.99 26.57
C LYS B 258 23.43 -15.10 25.49
N LEU B 259 22.34 -14.38 25.77
CA LEU B 259 21.72 -13.55 24.73
C LEU B 259 22.62 -12.38 24.38
N LYS B 260 22.55 -11.90 23.13
CA LYS B 260 23.31 -10.75 22.71
C LYS B 260 22.49 -9.46 22.82
N PRO B 261 23.10 -8.33 23.24
CA PRO B 261 22.37 -7.06 23.37
C PRO B 261 21.86 -6.59 22.02
N VAL B 262 20.62 -6.07 22.03
CA VAL B 262 19.94 -5.62 20.82
C VAL B 262 20.75 -4.52 20.14
N ASN B 263 21.41 -3.67 20.92
CA ASN B 263 21.97 -2.47 20.31
C ASN B 263 23.50 -2.54 20.21
N GLY B 264 24.10 -3.72 20.45
CA GLY B 264 25.53 -3.87 20.24
C GLY B 264 26.28 -4.29 21.51
N PRO B 265 27.60 -4.62 21.41
CA PRO B 265 28.25 -5.42 22.45
C PRO B 265 28.60 -4.78 23.79
N ASP B 266 28.69 -3.44 23.86
CA ASP B 266 28.90 -2.75 25.12
C ASP B 266 27.56 -2.34 25.75
N LYS B 267 26.45 -2.81 25.16
CA LYS B 267 25.11 -2.48 25.64
C LYS B 267 24.59 -3.64 26.49
N THR B 268 23.39 -3.48 27.08
CA THR B 268 22.96 -4.40 28.12
C THR B 268 21.55 -4.92 27.87
N VAL B 269 20.74 -4.20 27.08
CA VAL B 269 19.36 -4.62 26.89
C VAL B 269 19.29 -5.75 25.86
N THR B 270 18.59 -6.84 26.22
CA THR B 270 18.43 -7.98 25.33
C THR B 270 16.95 -8.31 25.17
N ALA B 271 16.66 -9.29 24.31
CA ALA B 271 15.28 -9.74 24.18
C ALA B 271 14.79 -10.41 25.47
N GLY B 272 15.73 -10.88 26.32
CA GLY B 272 15.39 -11.61 27.52
C GLY B 272 15.15 -10.75 28.76
N ASN B 273 15.64 -9.50 28.75
CA ASN B 273 15.45 -8.59 29.86
C ASN B 273 14.52 -7.43 29.49
N ALA B 274 13.68 -7.62 28.45
CA ALA B 274 12.74 -6.62 27.97
C ALA B 274 11.42 -7.33 27.78
N SER B 275 10.31 -6.57 27.82
CA SER B 275 9.04 -7.18 27.44
C SER B 275 8.99 -7.44 25.94
N GLY B 276 7.88 -8.01 25.45
CA GLY B 276 7.75 -8.18 24.02
C GLY B 276 6.60 -7.34 23.45
N VAL B 277 6.10 -7.76 22.29
CA VAL B 277 4.95 -7.09 21.73
C VAL B 277 3.82 -8.10 21.72
N ASN B 278 2.58 -7.66 22.02
CA ASN B 278 1.61 -8.63 22.47
C ASN B 278 0.20 -8.09 22.24
N ASP B 279 -0.78 -8.98 22.48
CA ASP B 279 -2.18 -8.68 22.27
C ASP B 279 -2.94 -8.96 23.58
N GLY B 280 -3.92 -8.11 23.91
CA GLY B 280 -4.77 -8.34 25.07
C GLY B 280 -5.75 -7.19 25.31
N ALA B 281 -6.76 -7.45 26.15
CA ALA B 281 -7.66 -6.39 26.60
C ALA B 281 -8.07 -6.62 28.06
N ALA B 282 -8.55 -5.57 28.73
CA ALA B 282 -8.92 -5.64 30.15
C ALA B 282 -9.97 -4.57 30.39
N ALA B 283 -10.85 -4.77 31.40
CA ALA B 283 -11.83 -3.74 31.75
C ALA B 283 -12.26 -3.97 33.19
N MET B 284 -12.78 -2.91 33.84
CA MET B 284 -13.22 -2.93 35.22
C MET B 284 -14.29 -1.87 35.41
N ILE B 285 -15.14 -2.07 36.43
CA ILE B 285 -16.23 -1.17 36.75
C ILE B 285 -15.75 -0.22 37.85
N LEU B 286 -16.03 1.08 37.69
CA LEU B 286 -15.83 2.05 38.78
C LEU B 286 -17.18 2.67 39.08
N ALA B 287 -17.44 2.97 40.35
CA ALA B 287 -18.78 3.40 40.74
C ALA B 287 -18.69 4.28 41.99
N SER B 288 -19.57 5.28 42.08
CA SER B 288 -19.79 6.01 43.32
C SER B 288 -20.50 5.10 44.33
N ALA B 289 -20.50 5.49 45.61
CA ALA B 289 -21.17 4.70 46.64
C ALA B 289 -22.64 4.49 46.27
N ALA B 290 -23.30 5.51 45.74
CA ALA B 290 -24.71 5.43 45.35
C ALA B 290 -24.93 4.37 44.25
N ALA B 291 -24.04 4.36 43.23
CA ALA B 291 -24.11 3.36 42.16
C ALA B 291 -23.78 1.95 42.68
N VAL B 292 -22.81 1.82 43.59
CA VAL B 292 -22.54 0.50 44.15
C VAL B 292 -23.84 -0.09 44.71
N LYS B 293 -24.58 0.74 45.47
CA LYS B 293 -25.78 0.30 46.17
C LYS B 293 -26.88 -0.01 45.17
N LYS B 294 -27.08 0.86 44.19
CA LYS B 294 -28.17 0.67 43.24
C LYS B 294 -27.95 -0.54 42.32
N HIS B 295 -26.71 -0.77 41.84
CA HIS B 295 -26.43 -1.81 40.84
C HIS B 295 -25.98 -3.14 41.46
N GLY B 296 -25.99 -3.25 42.81
CA GLY B 296 -25.67 -4.51 43.44
C GLY B 296 -24.19 -4.90 43.32
N LEU B 297 -23.31 -3.88 43.19
CA LEU B 297 -21.92 -4.19 42.91
C LEU B 297 -21.18 -4.52 44.19
N THR B 298 -19.99 -5.12 44.08
CA THR B 298 -19.18 -5.38 45.25
C THR B 298 -17.97 -4.46 45.16
N PRO B 299 -17.84 -3.48 46.08
CA PRO B 299 -16.69 -2.55 46.04
C PRO B 299 -15.47 -3.26 46.61
N ARG B 300 -14.32 -3.04 45.96
CA ARG B 300 -13.14 -3.79 46.29
C ARG B 300 -12.03 -2.84 46.72
N ALA B 301 -11.98 -1.68 46.07
CA ALA B 301 -10.99 -0.66 46.43
C ALA B 301 -11.53 0.72 46.14
N ARG B 302 -10.97 1.70 46.85
CA ARG B 302 -11.15 3.11 46.58
C ARG B 302 -9.94 3.58 45.76
N VAL B 303 -10.21 4.41 44.74
CA VAL B 303 -9.10 5.04 44.01
C VAL B 303 -8.65 6.28 44.80
N LEU B 304 -7.36 6.40 45.11
CA LEU B 304 -6.86 7.56 45.84
C LEU B 304 -6.46 8.70 44.90
N GLY B 305 -5.88 8.40 43.72
CA GLY B 305 -5.50 9.48 42.81
C GLY B 305 -4.52 9.00 41.74
N MET B 306 -4.27 9.88 40.76
CA MET B 306 -3.35 9.57 39.66
C MET B 306 -2.50 10.81 39.42
N ALA B 307 -1.22 10.61 39.05
CA ALA B 307 -0.42 11.77 38.68
C ALA B 307 0.49 11.35 37.51
N SER B 308 0.88 12.33 36.71
CA SER B 308 1.73 12.14 35.54
C SER B 308 2.98 12.99 35.67
N GLY B 309 4.03 12.58 34.95
CA GLY B 309 5.23 13.37 34.91
C GLY B 309 5.93 13.20 33.58
N GLY B 310 6.79 14.15 33.24
CA GLY B 310 7.50 14.09 31.96
C GLY B 310 9.00 14.06 32.23
N VAL B 311 9.72 13.39 31.33
CA VAL B 311 11.17 13.37 31.38
C VAL B 311 11.70 13.51 29.95
N ALA B 312 13.04 13.54 29.80
CA ALA B 312 13.62 13.50 28.46
C ALA B 312 13.19 12.22 27.74
N PRO B 313 12.73 12.33 26.46
CA PRO B 313 12.46 11.13 25.66
C PRO B 313 13.57 10.08 25.68
N ARG B 314 14.83 10.54 25.65
CA ARG B 314 15.94 9.62 25.49
C ARG B 314 16.10 8.71 26.72
N VAL B 315 15.49 9.11 27.85
CA VAL B 315 15.51 8.27 29.05
C VAL B 315 14.07 8.04 29.54
N MET B 316 13.18 7.69 28.60
CA MET B 316 11.76 7.63 28.94
C MET B 316 11.48 6.67 30.10
N GLY B 317 12.29 5.60 30.21
CA GLY B 317 12.15 4.59 31.26
C GLY B 317 12.11 5.12 32.70
N ILE B 318 12.74 6.29 32.96
CA ILE B 318 12.76 6.90 34.29
C ILE B 318 11.52 7.76 34.56
N GLY B 319 10.61 7.88 33.58
CA GLY B 319 9.38 8.66 33.72
C GLY B 319 8.56 8.40 34.99
N PRO B 320 8.45 7.14 35.50
CA PRO B 320 7.69 6.89 36.73
C PRO B 320 8.18 7.68 37.95
N VAL B 321 9.45 8.09 37.94
CA VAL B 321 9.99 8.71 39.13
C VAL B 321 9.27 10.03 39.43
N PRO B 322 9.20 11.04 38.51
CA PRO B 322 8.44 12.25 38.83
C PRO B 322 6.96 11.97 39.09
N ALA B 323 6.39 10.99 38.37
CA ALA B 323 4.97 10.68 38.54
C ALA B 323 4.67 10.21 39.97
N VAL B 324 5.48 9.24 40.47
CA VAL B 324 5.31 8.70 41.81
C VAL B 324 5.57 9.81 42.84
N ARG B 325 6.64 10.58 42.64
CA ARG B 325 6.96 11.68 43.55
C ARG B 325 5.80 12.67 43.66
N LYS B 326 5.19 13.02 42.52
CA LYS B 326 4.11 13.97 42.54
C LYS B 326 2.90 13.38 43.27
N LEU B 327 2.56 12.12 42.98
CA LEU B 327 1.37 11.51 43.56
C LEU B 327 1.55 11.34 45.07
N THR B 328 2.71 10.82 45.48
CA THR B 328 2.90 10.53 46.89
C THR B 328 2.94 11.82 47.72
N GLU B 329 3.55 12.87 47.18
CA GLU B 329 3.60 14.16 47.89
C GLU B 329 2.20 14.72 48.06
N ARG B 330 1.36 14.65 47.02
CA ARG B 330 0.01 15.18 47.16
C ARG B 330 -0.84 14.33 48.12
N LEU B 331 -0.72 13.00 48.10
CA LEU B 331 -1.59 12.16 48.93
C LEU B 331 -1.08 12.09 50.36
N GLY B 332 0.20 12.45 50.55
CA GLY B 332 0.91 12.28 51.80
C GLY B 332 1.17 10.82 52.17
N ILE B 333 1.55 9.98 51.20
CA ILE B 333 1.76 8.56 51.46
C ILE B 333 3.18 8.23 51.01
N ALA B 334 4.03 7.69 51.89
CA ALA B 334 5.38 7.36 51.45
C ALA B 334 5.37 6.12 50.54
N VAL B 335 6.36 6.04 49.64
CA VAL B 335 6.49 4.87 48.77
C VAL B 335 6.56 3.57 49.61
N SER B 336 7.25 3.60 50.76
CA SER B 336 7.41 2.43 51.62
C SER B 336 6.10 2.01 52.32
N ASP B 337 5.06 2.85 52.23
CA ASP B 337 3.77 2.60 52.83
C ASP B 337 2.92 1.65 51.97
N PHE B 338 3.29 1.43 50.68
CA PHE B 338 2.44 0.62 49.81
C PHE B 338 2.70 -0.87 50.06
N ASP B 339 1.60 -1.65 50.14
CA ASP B 339 1.72 -3.09 50.33
C ASP B 339 1.95 -3.82 49.02
N VAL B 340 1.66 -3.18 47.89
CA VAL B 340 2.02 -3.74 46.59
C VAL B 340 2.45 -2.59 45.70
N ILE B 341 3.52 -2.80 44.94
CA ILE B 341 3.90 -1.86 43.90
C ILE B 341 3.93 -2.66 42.59
N GLU B 342 3.04 -2.29 41.66
CA GLU B 342 3.05 -2.89 40.35
C GLU B 342 3.74 -1.89 39.41
N LEU B 343 4.98 -2.20 39.05
CA LEU B 343 5.80 -1.34 38.22
C LEU B 343 5.98 -2.06 36.89
N ASN B 344 5.55 -1.41 35.79
CA ASN B 344 5.55 -2.09 34.51
C ASN B 344 7.01 -2.40 34.13
N GLU B 345 7.21 -3.59 33.59
CA GLU B 345 8.55 -4.04 33.26
C GLU B 345 8.75 -3.92 31.75
N ALA B 346 8.67 -2.72 31.19
CA ALA B 346 9.01 -2.55 29.78
C ALA B 346 10.42 -3.11 29.56
N PHE B 347 11.34 -2.68 30.43
CA PHE B 347 12.72 -3.16 30.38
C PHE B 347 13.21 -3.29 31.81
N ALA B 348 13.96 -4.36 32.11
CA ALA B 348 14.53 -4.50 33.44
C ALA B 348 15.40 -3.29 33.80
N SER B 349 16.14 -2.72 32.84
CA SER B 349 17.00 -1.58 33.14
C SER B 349 16.21 -0.42 33.77
N GLN B 350 15.04 -0.09 33.19
CA GLN B 350 14.30 1.04 33.72
C GLN B 350 13.53 0.66 34.99
N GLY B 351 13.00 -0.56 35.04
CA GLY B 351 12.40 -1.06 36.28
C GLY B 351 13.35 -0.87 37.47
N LEU B 352 14.59 -1.32 37.34
CA LEU B 352 15.53 -1.21 38.45
C LEU B 352 15.87 0.25 38.74
N ALA B 353 16.14 1.03 37.69
CA ALA B 353 16.52 2.43 37.86
C ALA B 353 15.45 3.17 38.66
N VAL B 354 14.17 2.87 38.36
CA VAL B 354 13.06 3.55 39.01
C VAL B 354 13.02 3.15 40.49
N LEU B 355 13.15 1.85 40.79
CA LEU B 355 13.11 1.39 42.17
C LEU B 355 14.21 2.10 42.96
N ARG B 356 15.38 2.20 42.35
CA ARG B 356 16.53 2.75 43.07
C ARG B 356 16.35 4.24 43.37
N GLU B 357 15.78 4.97 42.42
CA GLU B 357 15.53 6.39 42.59
C GLU B 357 14.44 6.61 43.64
N LEU B 358 13.50 5.65 43.79
CA LEU B 358 12.41 5.82 44.74
C LEU B 358 12.78 5.21 46.10
N GLY B 359 13.96 4.65 46.23
CA GLY B 359 14.38 4.11 47.52
C GLY B 359 13.77 2.75 47.87
N VAL B 360 13.57 1.89 46.86
CA VAL B 360 13.05 0.55 47.04
C VAL B 360 14.11 -0.46 46.64
N ALA B 361 14.27 -1.52 47.44
CA ALA B 361 15.26 -2.55 47.10
C ALA B 361 14.97 -3.22 45.75
N ASP B 362 16.02 -3.68 45.05
CA ASP B 362 15.87 -4.28 43.72
C ASP B 362 14.91 -5.47 43.72
N ASP B 363 14.77 -6.16 44.85
CA ASP B 363 13.99 -7.39 44.92
C ASP B 363 12.98 -7.30 46.08
N ALA B 364 12.58 -6.07 46.44
CA ALA B 364 11.64 -5.83 47.52
C ALA B 364 10.42 -6.71 47.30
N PRO B 365 9.93 -7.44 48.33
CA PRO B 365 8.88 -8.44 48.11
C PRO B 365 7.53 -7.84 47.67
N GLN B 366 7.29 -6.55 47.99
CA GLN B 366 6.03 -5.91 47.59
C GLN B 366 5.99 -5.55 46.11
N VAL B 367 7.14 -5.61 45.40
CA VAL B 367 7.21 -5.17 43.99
C VAL B 367 6.94 -6.36 43.06
N ASN B 368 5.96 -6.20 42.15
CA ASN B 368 5.68 -7.21 41.13
C ASN B 368 5.71 -8.63 41.72
N PRO B 369 4.92 -8.93 42.78
CA PRO B 369 5.03 -10.22 43.46
C PRO B 369 4.58 -11.42 42.62
N ASN B 370 3.83 -11.17 41.52
CA ASN B 370 3.36 -12.19 40.61
C ASN B 370 4.06 -12.04 39.25
N GLY B 371 5.22 -11.37 39.27
CA GLY B 371 5.96 -11.07 38.06
C GLY B 371 5.33 -9.93 37.27
N GLY B 372 5.83 -9.71 36.06
CA GLY B 372 5.40 -8.54 35.31
C GLY B 372 5.61 -8.77 33.82
N ALA B 373 5.72 -7.66 33.08
CA ALA B 373 5.63 -7.68 31.62
C ALA B 373 6.77 -8.45 30.95
N ILE B 374 7.95 -8.57 31.58
CA ILE B 374 8.97 -9.39 30.95
C ILE B 374 8.43 -10.82 30.74
N ALA B 375 7.72 -11.36 31.75
CA ALA B 375 7.10 -12.67 31.66
C ALA B 375 5.77 -12.59 30.90
N LEU B 376 4.94 -11.58 31.22
CA LEU B 376 3.54 -11.59 30.79
C LEU B 376 3.33 -10.97 29.40
N GLY B 377 4.25 -10.11 28.97
CA GLY B 377 4.01 -9.39 27.71
C GLY B 377 3.37 -8.01 27.94
N HIS B 378 3.32 -7.17 26.89
CA HIS B 378 3.01 -5.75 27.06
C HIS B 378 2.17 -5.22 25.89
N PRO B 379 0.85 -5.56 25.81
CA PRO B 379 -0.04 -4.98 24.79
C PRO B 379 -0.33 -3.57 25.29
N LEU B 380 0.29 -2.56 24.65
CA LEU B 380 0.47 -1.23 25.23
C LEU B 380 -0.80 -0.71 25.93
N GLY B 381 -1.88 -0.58 25.17
CA GLY B 381 -3.11 0.02 25.70
C GLY B 381 -3.73 -0.75 26.88
N MET B 382 -3.61 -2.07 26.89
CA MET B 382 -4.13 -2.93 27.95
C MET B 382 -3.27 -2.83 29.22
N SER B 383 -1.94 -2.69 29.11
CA SER B 383 -1.06 -2.99 30.24
C SER B 383 -1.46 -2.22 31.49
N GLY B 384 -1.72 -0.92 31.30
CA GLY B 384 -1.96 -0.02 32.42
C GLY B 384 -3.24 -0.40 33.19
N ALA B 385 -4.25 -0.85 32.46
CA ALA B 385 -5.45 -1.39 33.10
C ALA B 385 -5.14 -2.69 33.87
N ARG B 386 -4.37 -3.59 33.25
CA ARG B 386 -3.94 -4.81 33.93
C ARG B 386 -3.22 -4.49 35.25
N LEU B 387 -2.31 -3.50 35.23
CA LEU B 387 -1.53 -3.22 36.43
C LEU B 387 -2.45 -2.84 37.60
N VAL B 388 -3.51 -2.07 37.31
CA VAL B 388 -4.41 -1.64 38.36
C VAL B 388 -5.18 -2.85 38.87
N LEU B 389 -5.72 -3.65 37.94
CA LEU B 389 -6.56 -4.75 38.40
C LEU B 389 -5.74 -5.82 39.12
N THR B 390 -4.48 -6.00 38.70
CA THR B 390 -3.64 -7.00 39.33
C THR B 390 -3.15 -6.49 40.68
N ALA B 391 -2.84 -5.18 40.78
CA ALA B 391 -2.49 -4.62 42.10
C ALA B 391 -3.63 -4.88 43.10
N LEU B 392 -4.87 -4.64 42.68
CA LEU B 392 -6.02 -4.83 43.57
C LEU B 392 -6.15 -6.31 43.96
N HIS B 393 -6.04 -7.19 42.96
CA HIS B 393 -6.12 -8.64 43.15
C HIS B 393 -5.08 -9.09 44.20
N GLN B 394 -3.85 -8.59 44.06
CA GLN B 394 -2.77 -8.95 44.98
C GLN B 394 -3.06 -8.44 46.40
N LEU B 395 -3.57 -7.21 46.52
CA LEU B 395 -3.93 -6.67 47.83
C LEU B 395 -4.96 -7.58 48.53
N GLU B 396 -5.97 -8.03 47.77
CA GLU B 396 -6.97 -8.92 48.32
C GLU B 396 -6.38 -10.25 48.78
N LYS B 397 -5.48 -10.85 47.98
CA LYS B 397 -4.89 -12.13 48.36
C LYS B 397 -3.98 -12.00 49.58
N SER B 398 -3.28 -10.87 49.70
CA SER B 398 -2.24 -10.76 50.69
C SER B 398 -2.72 -10.02 51.95
N GLY B 399 -3.95 -9.53 51.93
CA GLY B 399 -4.46 -8.70 53.01
C GLY B 399 -3.78 -7.34 53.10
N GLY B 400 -3.18 -6.85 52.01
CA GLY B 400 -2.55 -5.53 52.02
C GLY B 400 -3.60 -4.43 51.97
N ARG B 401 -3.18 -3.19 52.23
CA ARG B 401 -4.12 -2.09 52.27
C ARG B 401 -3.95 -1.20 51.03
N LYS B 402 -2.77 -0.58 50.86
CA LYS B 402 -2.58 0.40 49.78
C LYS B 402 -1.71 -0.19 48.68
N GLY B 403 -2.04 0.17 47.43
CA GLY B 403 -1.32 -0.26 46.24
C GLY B 403 -1.00 0.91 45.33
N LEU B 404 0.17 0.81 44.68
CA LEU B 404 0.67 1.75 43.70
C LEU B 404 0.91 1.00 42.40
N ALA B 405 0.36 1.51 41.28
CA ALA B 405 0.63 1.03 39.92
C ALA B 405 1.31 2.16 39.18
N THR B 406 2.45 1.88 38.52
CA THR B 406 3.13 2.96 37.80
C THR B 406 3.83 2.37 36.57
N MET B 407 4.01 3.21 35.54
CA MET B 407 4.64 2.73 34.33
C MET B 407 5.24 3.87 33.53
N CYS B 408 6.24 3.51 32.70
CA CYS B 408 6.87 4.51 31.84
C CYS B 408 6.07 4.61 30.55
N VAL B 409 6.40 5.64 29.76
CA VAL B 409 5.70 5.99 28.54
C VAL B 409 6.74 6.44 27.51
N GLY B 410 6.61 5.91 26.29
CA GLY B 410 7.41 6.37 25.16
C GLY B 410 7.29 7.89 25.00
N VAL B 411 8.41 8.48 24.55
CA VAL B 411 8.57 9.92 24.33
C VAL B 411 8.60 10.66 25.66
N GLY B 412 8.84 9.92 26.77
CA GLY B 412 9.31 10.53 28.00
C GLY B 412 8.20 10.94 28.98
N GLN B 413 7.38 9.97 29.41
CA GLN B 413 6.45 10.25 30.50
C GLN B 413 6.44 9.08 31.49
N GLY B 414 5.76 9.37 32.60
CA GLY B 414 5.38 8.36 33.60
C GLY B 414 3.97 8.63 34.10
N LEU B 415 3.30 7.56 34.56
CA LEU B 415 1.98 7.71 35.14
C LEU B 415 1.92 6.84 36.40
N ALA B 416 1.26 7.34 37.44
CA ALA B 416 1.16 6.59 38.70
C ALA B 416 -0.26 6.69 39.19
N LEU B 417 -0.77 5.61 39.79
CA LEU B 417 -2.14 5.59 40.30
C LEU B 417 -2.16 4.78 41.58
N ALA B 418 -2.75 5.35 42.64
CA ALA B 418 -2.78 4.68 43.94
C ALA B 418 -4.22 4.28 44.29
N ILE B 419 -4.36 3.14 44.96
CA ILE B 419 -5.65 2.56 45.38
C ILE B 419 -5.54 2.11 46.83
N GLU B 420 -6.68 1.88 47.48
CA GLU B 420 -6.66 1.37 48.85
C GLU B 420 -7.80 0.36 48.96
N ARG B 421 -7.49 -0.87 49.42
CA ARG B 421 -8.50 -1.92 49.54
C ARG B 421 -9.54 -1.49 50.56
N VAL B 422 -10.84 -1.69 50.25
CA VAL B 422 -11.97 -1.47 51.15
C VAL B 422 -12.60 -2.84 51.45
N HIS C 20 -13.04 13.76 53.36
CA HIS C 20 -13.82 14.64 52.43
C HIS C 20 -12.92 15.73 51.84
N GLN C 21 -13.19 16.14 50.59
CA GLN C 21 -12.45 17.23 49.97
C GLN C 21 -13.39 18.01 49.06
N SER C 22 -13.33 19.37 49.10
CA SER C 22 -14.20 20.21 48.28
C SER C 22 -13.71 20.14 46.83
N MET C 23 -14.68 20.05 45.91
CA MET C 23 -14.42 20.28 44.50
C MET C 23 -13.82 21.68 44.29
N HIS C 24 -13.00 21.84 43.25
CA HIS C 24 -12.38 23.13 42.95
C HIS C 24 -13.02 23.75 41.71
N ASP C 25 -13.20 25.08 41.76
CA ASP C 25 -13.67 25.81 40.58
C ASP C 25 -12.57 25.88 39.52
N VAL C 26 -12.99 25.88 38.25
CA VAL C 26 -12.04 25.78 37.16
C VAL C 26 -12.36 26.90 36.16
N PHE C 27 -11.33 27.68 35.84
CA PHE C 27 -11.51 28.82 34.95
C PHE C 27 -10.78 28.63 33.62
N ILE C 28 -11.46 29.03 32.54
CA ILE C 28 -10.82 29.17 31.25
C ILE C 28 -10.21 30.57 31.17
N CYS C 29 -8.93 30.61 30.79
CA CYS C 29 -8.16 31.83 30.61
C CYS C 29 -7.94 32.05 29.10
N ASP C 30 -6.70 32.29 28.64
CA ASP C 30 -6.52 32.63 27.23
C ASP C 30 -6.86 31.40 26.35
N ALA C 31 -7.20 31.65 25.08
CA ALA C 31 -7.52 30.61 24.12
C ALA C 31 -7.20 31.18 22.74
N ILE C 32 -6.84 30.31 21.76
CA ILE C 32 -6.32 30.77 20.48
C ILE C 32 -6.44 29.59 19.50
N ARG C 33 -6.61 29.90 18.20
CA ARG C 33 -6.74 28.82 17.24
C ARG C 33 -5.99 29.23 15.98
N THR C 34 -5.67 28.24 15.15
CA THR C 34 -5.19 28.52 13.80
C THR C 34 -6.40 28.91 12.95
N PRO C 35 -6.20 29.41 11.71
CA PRO C 35 -7.31 29.44 10.73
C PRO C 35 -7.65 27.98 10.41
N ILE C 36 -8.85 27.79 9.84
CA ILE C 36 -9.21 26.47 9.36
C ILE C 36 -8.98 26.44 7.85
N GLY C 37 -8.17 25.47 7.41
CA GLY C 37 -7.87 25.23 6.02
C GLY C 37 -8.86 24.28 5.33
N ARG C 38 -9.02 24.47 4.01
CA ARG C 38 -9.73 23.56 3.14
C ARG C 38 -8.89 22.30 2.86
N PHE C 39 -9.56 21.17 2.63
CA PHE C 39 -8.89 19.93 2.25
C PHE C 39 -7.93 20.21 1.09
N GLY C 40 -6.64 19.82 1.24
CA GLY C 40 -5.65 20.06 0.20
C GLY C 40 -5.32 21.54 -0.01
N GLY C 41 -5.70 22.39 0.95
CA GLY C 41 -5.65 23.82 0.78
C GLY C 41 -4.48 24.45 1.54
N ALA C 42 -4.74 25.58 2.18
CA ALA C 42 -3.74 26.48 2.77
C ALA C 42 -2.83 25.80 3.81
N LEU C 43 -3.37 24.84 4.59
CA LEU C 43 -2.56 24.21 5.64
C LEU C 43 -2.21 22.76 5.30
N ALA C 44 -2.41 22.34 4.03
CA ALA C 44 -2.23 20.94 3.66
C ALA C 44 -0.78 20.49 3.84
N SER C 45 0.18 21.43 3.76
CA SER C 45 1.59 21.09 3.87
C SER C 45 2.06 20.98 5.33
N VAL C 46 1.18 21.28 6.30
CA VAL C 46 1.59 21.39 7.70
C VAL C 46 1.27 20.05 8.39
N ARG C 47 2.32 19.39 8.91
CA ARG C 47 2.13 18.15 9.66
C ARG C 47 1.20 18.38 10.87
N ALA C 48 0.34 17.41 11.20
CA ALA C 48 -0.58 17.54 12.32
C ALA C 48 0.12 17.91 13.62
N ASP C 49 1.28 17.27 13.89
CA ASP C 49 1.99 17.54 15.14
C ASP C 49 2.47 19.00 15.17
N ASP C 50 3.02 19.49 14.05
CA ASP C 50 3.50 20.87 13.98
C ASP C 50 2.31 21.83 14.07
N LEU C 51 1.18 21.43 13.47
CA LEU C 51 -0.01 22.26 13.47
C LEU C 51 -0.52 22.46 14.91
N ALA C 52 -0.64 21.37 15.66
CA ALA C 52 -1.00 21.35 17.07
C ALA C 52 -0.07 22.26 17.87
N ALA C 53 1.23 22.30 17.52
CA ALA C 53 2.17 23.14 18.26
C ALA C 53 1.95 24.64 18.02
N VAL C 54 1.27 25.03 16.94
CA VAL C 54 1.12 26.45 16.62
C VAL C 54 0.35 27.17 17.73
N PRO C 55 -0.86 26.72 18.16
CA PRO C 55 -1.56 27.43 19.24
C PRO C 55 -0.82 27.34 20.57
N LEU C 56 -0.07 26.26 20.80
CA LEU C 56 0.71 26.16 22.04
C LEU C 56 1.77 27.24 22.07
N LYS C 57 2.52 27.40 20.97
CA LYS C 57 3.50 28.47 20.91
C LYS C 57 2.86 29.84 21.10
N ALA C 58 1.65 30.06 20.55
CA ALA C 58 0.97 31.34 20.68
C ALA C 58 0.60 31.60 22.14
N LEU C 59 0.13 30.56 22.86
CA LEU C 59 -0.23 30.71 24.26
C LEU C 59 1.00 31.13 25.08
N ILE C 60 2.17 30.60 24.71
CA ILE C 60 3.40 30.92 25.44
C ILE C 60 3.71 32.42 25.24
N GLU C 61 3.66 32.85 23.97
CA GLU C 61 3.96 34.24 23.62
C GLU C 61 2.95 35.18 24.27
N ARG C 62 1.68 34.78 24.34
CA ARG C 62 0.60 35.63 24.81
C ARG C 62 0.51 35.77 26.34
N ASN C 63 1.09 34.87 27.13
CA ASN C 63 0.90 34.87 28.58
C ASN C 63 2.26 34.79 29.28
N PRO C 64 3.05 35.89 29.33
CA PRO C 64 4.42 35.82 29.86
C PRO C 64 4.56 35.64 31.37
N GLY C 65 3.49 35.89 32.15
CA GLY C 65 3.54 35.65 33.59
C GLY C 65 3.52 34.17 33.99
N VAL C 66 3.27 33.26 33.03
CA VAL C 66 3.12 31.87 33.37
C VAL C 66 4.48 31.23 33.60
N GLN C 67 4.64 30.47 34.71
CA GLN C 67 5.82 29.62 34.85
C GLN C 67 5.53 28.29 34.14
N TRP C 68 6.02 28.12 32.90
CA TRP C 68 5.57 27.01 32.03
C TRP C 68 5.89 25.63 32.57
N ASP C 69 6.99 25.49 33.35
CA ASP C 69 7.32 24.21 33.96
C ASP C 69 6.31 23.82 35.04
N GLN C 70 5.28 24.64 35.29
CA GLN C 70 4.24 24.27 36.25
C GLN C 70 2.97 23.75 35.56
N VAL C 71 2.95 23.69 34.24
CA VAL C 71 1.82 23.06 33.57
C VAL C 71 1.77 21.58 33.95
N ASP C 72 0.59 21.14 34.43
CA ASP C 72 0.35 19.80 34.93
C ASP C 72 0.10 18.81 33.79
N GLU C 73 -0.50 19.28 32.68
CA GLU C 73 -0.84 18.33 31.62
C GLU C 73 -1.31 19.14 30.40
N VAL C 74 -1.04 18.59 29.21
CA VAL C 74 -1.63 19.06 27.98
C VAL C 74 -2.56 17.95 27.47
N PHE C 75 -3.84 18.28 27.32
CA PHE C 75 -4.81 17.32 26.82
C PHE C 75 -5.17 17.78 25.41
N PHE C 76 -5.02 16.91 24.39
CA PHE C 76 -5.42 17.28 23.03
C PHE C 76 -6.43 16.27 22.44
N GLY C 77 -7.48 16.75 21.81
CA GLY C 77 -8.33 15.86 21.03
C GLY C 77 -7.80 15.66 19.62
N CYS C 78 -7.98 14.44 19.09
CA CYS C 78 -7.52 14.12 17.74
C CYS C 78 -8.23 12.82 17.35
N ALA C 79 -9.00 12.86 16.25
CA ALA C 79 -9.83 11.72 15.87
C ALA C 79 -9.08 10.64 15.09
N ASN C 80 -7.89 10.92 14.52
CA ASN C 80 -7.30 10.03 13.54
C ASN C 80 -6.16 9.25 14.20
N GLN C 81 -5.03 9.93 14.47
CA GLN C 81 -3.89 9.37 15.17
C GLN C 81 -3.16 8.24 14.42
N ALA C 82 -3.41 8.08 13.12
CA ALA C 82 -2.69 7.12 12.28
C ALA C 82 -1.54 7.78 11.51
N GLY C 83 -1.56 9.11 11.39
CA GLY C 83 -0.62 9.83 10.54
C GLY C 83 0.49 10.48 11.36
N GLU C 84 0.86 11.71 10.97
CA GLU C 84 1.83 12.52 11.70
C GLU C 84 1.34 12.88 13.11
N ASP C 85 0.08 12.54 13.39
CA ASP C 85 -0.53 12.71 14.70
C ASP C 85 -0.45 11.42 15.53
N ASN C 86 0.41 10.46 15.15
CA ASN C 86 0.44 9.17 15.83
C ASN C 86 1.21 9.27 17.15
N ARG C 87 0.92 8.32 18.04
CA ARG C 87 1.75 8.08 19.22
C ARG C 87 1.68 9.25 20.18
N ASN C 88 0.44 9.74 20.37
CA ASN C 88 0.11 10.70 21.42
C ASN C 88 0.52 12.09 20.95
N VAL C 89 -0.32 12.66 20.07
CA VAL C 89 -0.01 13.94 19.46
C VAL C 89 0.16 15.04 20.51
N ALA C 90 -0.57 14.97 21.64
CA ALA C 90 -0.45 16.02 22.68
C ALA C 90 0.99 16.20 23.13
N ARG C 91 1.67 15.07 23.37
CA ARG C 91 3.03 15.09 23.88
C ARG C 91 4.00 15.54 22.77
N MET C 92 3.74 15.06 21.54
CA MET C 92 4.54 15.47 20.37
C MET C 92 4.45 17.00 20.21
N ALA C 93 3.24 17.53 20.28
CA ALA C 93 3.02 18.96 20.07
C ALA C 93 3.68 19.83 21.13
N LEU C 94 3.58 19.43 22.41
CA LEU C 94 4.12 20.28 23.45
C LEU C 94 5.64 20.36 23.33
N LEU C 95 6.25 19.24 22.94
CA LEU C 95 7.70 19.22 22.77
C LEU C 95 8.09 20.07 21.55
N LEU C 96 7.29 20.00 20.49
CA LEU C 96 7.62 20.79 19.31
C LEU C 96 7.39 22.27 19.57
N ALA C 97 6.49 22.61 20.51
CA ALA C 97 6.18 23.99 20.83
C ALA C 97 7.27 24.61 21.72
N GLY C 98 8.21 23.80 22.18
CA GLY C 98 9.22 24.34 23.08
C GLY C 98 8.82 24.34 24.56
N LEU C 99 7.68 23.73 24.94
CA LEU C 99 7.36 23.56 26.35
C LEU C 99 8.37 22.62 27.02
N PRO C 100 8.69 22.79 28.33
CA PRO C 100 9.64 21.91 29.00
C PRO C 100 9.27 20.43 28.88
N GLU C 101 10.30 19.56 28.76
CA GLU C 101 10.09 18.12 28.65
C GLU C 101 9.47 17.50 29.90
N SER C 102 9.42 18.25 31.01
CA SER C 102 8.79 17.80 32.25
C SER C 102 7.26 17.83 32.14
N ILE C 103 6.69 18.43 31.09
CA ILE C 103 5.23 18.55 31.01
C ILE C 103 4.66 17.31 30.29
N PRO C 104 3.74 16.57 30.96
CA PRO C 104 3.06 15.42 30.36
C PRO C 104 1.94 15.81 29.40
N GLY C 105 1.56 14.88 28.53
CA GLY C 105 0.48 15.11 27.59
C GLY C 105 -0.30 13.84 27.32
N VAL C 106 -1.57 14.00 26.91
CA VAL C 106 -2.41 12.85 26.65
C VAL C 106 -3.39 13.25 25.54
N THR C 107 -3.75 12.30 24.68
CA THR C 107 -4.60 12.57 23.52
C THR C 107 -5.90 11.81 23.67
N LEU C 108 -7.02 12.48 23.34
CA LEU C 108 -8.35 11.93 23.54
C LEU C 108 -9.00 11.77 22.18
N ASN C 109 -9.85 10.74 22.06
CA ASN C 109 -10.54 10.49 20.81
C ASN C 109 -11.99 10.18 21.12
N ARG C 110 -12.83 11.19 20.90
CA ARG C 110 -14.27 10.94 20.78
C ARG C 110 -14.71 11.45 19.41
N LEU C 111 -13.99 11.04 18.35
CA LEU C 111 -14.21 11.49 16.98
C LEU C 111 -14.44 13.01 16.91
N CYS C 112 -15.58 13.41 16.33
CA CYS C 112 -16.00 14.80 16.11
C CYS C 112 -15.88 15.66 17.37
N ALA C 113 -16.08 15.07 18.57
CA ALA C 113 -16.16 15.84 19.81
C ALA C 113 -14.85 15.79 20.60
N SER C 114 -13.77 15.25 20.00
CA SER C 114 -12.53 15.06 20.77
C SER C 114 -12.01 16.33 21.47
N GLY C 115 -12.04 17.46 20.76
CA GLY C 115 -11.52 18.73 21.26
C GLY C 115 -12.32 19.25 22.45
N MET C 116 -13.63 19.00 22.42
CA MET C 116 -14.48 19.40 23.52
C MET C 116 -14.21 18.46 24.70
N ASP C 117 -13.96 17.17 24.42
CA ASP C 117 -13.69 16.21 25.47
C ASP C 117 -12.39 16.58 26.16
N ALA C 118 -11.40 17.08 25.38
CA ALA C 118 -10.16 17.53 26.02
C ALA C 118 -10.45 18.63 27.06
N VAL C 119 -11.34 19.57 26.75
CA VAL C 119 -11.62 20.69 27.66
C VAL C 119 -12.31 20.15 28.92
N GLY C 120 -13.35 19.31 28.72
CA GLY C 120 -14.10 18.76 29.86
C GLY C 120 -13.26 17.84 30.74
N THR C 121 -12.35 17.05 30.11
CA THR C 121 -11.45 16.15 30.83
C THR C 121 -10.42 16.99 31.61
N ALA C 122 -9.94 18.07 30.99
CA ALA C 122 -9.05 18.98 31.74
C ALA C 122 -9.79 19.56 32.95
N PHE C 123 -11.06 19.97 32.74
CA PHE C 123 -11.90 20.53 33.79
C PHE C 123 -12.06 19.54 34.97
N ARG C 124 -12.36 18.26 34.69
CA ARG C 124 -12.56 17.26 35.72
C ARG C 124 -11.29 17.02 36.53
N ALA C 125 -10.16 17.06 35.82
CA ALA C 125 -8.87 16.90 36.46
C ALA C 125 -8.61 18.03 37.46
N ILE C 126 -8.92 19.28 37.10
CA ILE C 126 -8.73 20.35 38.06
C ILE C 126 -9.80 20.34 39.17
N ALA C 127 -11.06 20.11 38.80
CA ALA C 127 -12.17 20.10 39.75
C ALA C 127 -11.94 19.08 40.88
N SER C 128 -11.31 17.93 40.55
CA SER C 128 -11.13 16.82 41.48
C SER C 128 -9.84 17.01 42.27
N GLY C 129 -9.16 18.13 42.06
CA GLY C 129 -8.01 18.50 42.89
C GLY C 129 -6.71 17.82 42.46
N GLU C 130 -6.73 17.17 41.29
CA GLU C 130 -5.55 16.43 40.88
C GLU C 130 -4.53 17.33 40.15
N MET C 131 -4.97 18.51 39.71
CA MET C 131 -4.09 19.38 38.92
C MET C 131 -4.55 20.81 39.14
N GLU C 132 -3.68 21.76 38.75
CA GLU C 132 -3.93 23.17 38.97
C GLU C 132 -3.95 23.96 37.66
N LEU C 133 -3.04 23.65 36.73
CA LEU C 133 -2.83 24.43 35.52
C LEU C 133 -2.65 23.47 34.34
N VAL C 134 -3.52 23.61 33.33
CA VAL C 134 -3.53 22.64 32.24
C VAL C 134 -3.77 23.38 30.91
N ILE C 135 -3.38 22.74 29.80
CA ILE C 135 -3.77 23.24 28.48
C ILE C 135 -4.68 22.18 27.88
N ALA C 136 -5.78 22.63 27.25
CA ALA C 136 -6.66 21.73 26.55
C ALA C 136 -6.83 22.22 25.11
N GLY C 137 -6.88 21.27 24.17
CA GLY C 137 -7.15 21.71 22.81
C GLY C 137 -7.45 20.53 21.88
N GLY C 138 -7.33 20.77 20.56
CA GLY C 138 -7.59 19.70 19.60
C GLY C 138 -6.94 20.05 18.26
N VAL C 139 -6.75 19.01 17.43
CA VAL C 139 -6.09 19.18 16.14
C VAL C 139 -6.68 18.14 15.20
N GLU C 140 -6.77 18.50 13.92
CA GLU C 140 -6.94 17.49 12.89
C GLU C 140 -6.29 18.01 11.61
N SER C 141 -5.51 17.15 10.96
CA SER C 141 -5.10 17.39 9.59
C SER C 141 -5.78 16.37 8.70
N MET C 142 -6.98 16.67 8.22
CA MET C 142 -7.65 15.72 7.36
C MET C 142 -7.03 15.64 5.96
N SER C 143 -6.43 16.73 5.47
CA SER C 143 -5.63 16.72 4.24
C SER C 143 -4.60 15.61 4.29
N ARG C 144 -3.89 15.50 5.43
CA ARG C 144 -2.74 14.62 5.53
C ARG C 144 -3.06 13.25 6.14
N ALA C 145 -4.34 12.97 6.36
CA ALA C 145 -4.76 11.67 6.89
C ALA C 145 -4.23 10.55 5.97
N PRO C 146 -3.53 9.53 6.51
CA PRO C 146 -2.90 8.53 5.65
C PRO C 146 -3.87 7.44 5.20
N PHE C 147 -3.38 6.54 4.34
CA PHE C 147 -4.06 5.30 4.01
C PHE C 147 -3.57 4.26 4.98
N VAL C 148 -4.38 3.23 5.20
CA VAL C 148 -4.00 2.17 6.12
C VAL C 148 -4.19 0.82 5.43
N MET C 149 -3.33 -0.14 5.80
CA MET C 149 -3.40 -1.49 5.24
C MET C 149 -3.20 -2.50 6.37
N GLY C 150 -4.20 -3.38 6.53
CA GLY C 150 -4.08 -4.49 7.47
C GLY C 150 -2.94 -5.44 7.13
N LYS C 151 -2.33 -6.04 8.16
CA LYS C 151 -1.39 -7.13 7.91
C LYS C 151 -2.12 -8.33 7.28
N ALA C 152 -1.34 -9.16 6.56
CA ALA C 152 -1.84 -10.43 6.04
C ALA C 152 -2.15 -11.39 7.20
N GLU C 153 -3.28 -12.10 7.12
N GLU C 153 -3.28 -12.10 7.13
CA GLU C 153 -3.67 -13.08 8.11
CA GLU C 153 -3.63 -13.08 8.15
C GLU C 153 -2.96 -14.41 7.86
C GLU C 153 -3.35 -14.50 7.67
N SER C 154 -2.54 -14.64 6.60
CA SER C 154 -1.90 -15.89 6.21
C SER C 154 -0.79 -15.63 5.18
N ALA C 155 0.10 -16.61 5.00
CA ALA C 155 1.15 -16.52 3.99
C ALA C 155 0.51 -16.51 2.61
N TYR C 156 0.99 -15.59 1.75
CA TYR C 156 0.55 -15.49 0.36
C TYR C 156 -0.90 -15.03 0.26
N SER C 157 -1.36 -14.30 1.28
CA SER C 157 -2.74 -13.83 1.25
C SER C 157 -3.00 -12.95 0.04
N ARG C 158 -4.15 -13.17 -0.57
CA ARG C 158 -4.64 -12.31 -1.65
C ARG C 158 -5.60 -11.25 -1.14
N ASN C 159 -5.78 -11.17 0.17
CA ASN C 159 -6.82 -10.29 0.71
C ASN C 159 -6.15 -9.06 1.36
N MET C 160 -5.41 -8.26 0.60
CA MET C 160 -4.80 -7.04 1.14
C MET C 160 -5.59 -5.87 0.57
N LYS C 161 -5.79 -4.83 1.39
CA LYS C 161 -6.60 -3.71 0.99
C LYS C 161 -6.03 -2.44 1.61
N LEU C 162 -6.10 -1.33 0.87
CA LEU C 162 -5.67 -0.03 1.33
C LEU C 162 -6.94 0.78 1.54
N GLU C 163 -7.03 1.50 2.66
CA GLU C 163 -8.21 2.30 2.93
C GLU C 163 -7.82 3.70 3.39
N ASP C 164 -8.69 4.64 3.04
CA ASP C 164 -8.45 6.06 3.29
C ASP C 164 -8.91 6.36 4.72
N THR C 165 -8.11 7.13 5.49
CA THR C 165 -8.50 7.48 6.86
C THR C 165 -8.99 8.92 6.98
N THR C 166 -9.19 9.60 5.85
CA THR C 166 -9.57 11.02 5.85
C THR C 166 -10.82 11.22 6.72
N ILE C 167 -11.86 10.44 6.42
CA ILE C 167 -13.13 10.49 7.12
C ILE C 167 -13.84 9.16 6.88
N GLY C 168 -14.66 8.72 7.83
CA GLY C 168 -15.61 7.64 7.60
C GLY C 168 -15.02 6.25 7.86
N TRP C 169 -15.81 5.21 7.54
CA TRP C 169 -15.52 3.86 8.01
C TRP C 169 -14.30 3.27 7.31
N ARG C 170 -13.45 2.54 8.07
CA ARG C 170 -12.45 1.64 7.50
C ARG C 170 -12.29 0.44 8.45
N PHE C 171 -11.72 -0.68 7.93
CA PHE C 171 -11.67 -1.95 8.65
C PHE C 171 -13.06 -2.28 9.20
N ILE C 172 -14.07 -2.27 8.33
CA ILE C 172 -15.43 -2.49 8.77
C ILE C 172 -15.62 -3.88 9.40
N ASN C 173 -16.20 -3.92 10.60
CA ASN C 173 -16.46 -5.15 11.33
C ASN C 173 -17.79 -5.68 10.81
N PRO C 174 -17.86 -6.91 10.25
CA PRO C 174 -19.15 -7.45 9.78
C PRO C 174 -20.27 -7.45 10.83
N LEU C 175 -19.90 -7.59 12.11
CA LEU C 175 -20.90 -7.62 13.19
C LEU C 175 -21.42 -6.21 13.42
N MET C 176 -20.56 -5.19 13.23
CA MET C 176 -21.05 -3.82 13.40
C MET C 176 -22.03 -3.54 12.26
N LYS C 177 -21.65 -3.98 11.05
CA LYS C 177 -22.49 -3.71 9.89
C LYS C 177 -23.85 -4.39 10.04
N SER C 178 -23.89 -5.62 10.53
CA SER C 178 -25.17 -6.33 10.59
C SER C 178 -26.04 -5.79 11.72
N GLN C 179 -25.44 -5.33 12.82
CA GLN C 179 -26.26 -4.95 13.96
C GLN C 179 -26.68 -3.48 13.90
N TYR C 180 -25.76 -2.61 13.43
CA TYR C 180 -25.94 -1.17 13.57
C TYR C 180 -25.87 -0.47 12.22
N GLY C 181 -25.35 -1.17 11.20
CA GLY C 181 -25.07 -0.52 9.91
C GLY C 181 -23.74 0.24 9.93
N VAL C 182 -23.22 0.56 8.74
CA VAL C 182 -22.03 1.42 8.67
C VAL C 182 -22.33 2.58 7.72
N ASP C 183 -23.42 3.30 8.02
CA ASP C 183 -23.81 4.46 7.24
C ASP C 183 -22.68 5.52 7.26
N SER C 184 -22.41 6.14 6.10
CA SER C 184 -21.47 7.25 6.04
C SER C 184 -22.04 8.41 6.86
N MET C 185 -21.21 9.41 7.18
CA MET C 185 -21.74 10.55 7.94
C MET C 185 -22.87 11.25 7.18
N PRO C 186 -22.75 11.58 5.87
CA PRO C 186 -23.89 12.18 5.16
C PRO C 186 -25.12 11.27 5.12
N GLU C 187 -24.94 9.95 5.01
CA GLU C 187 -26.10 9.06 5.08
C GLU C 187 -26.83 9.18 6.42
N THR C 188 -26.09 9.30 7.54
CA THR C 188 -26.79 9.46 8.81
C THR C 188 -27.52 10.80 8.84
N ALA C 189 -27.00 11.81 8.12
CA ALA C 189 -27.65 13.12 8.13
C ALA C 189 -28.96 13.04 7.36
N ASP C 190 -28.97 12.21 6.32
CA ASP C 190 -30.21 11.99 5.57
C ASP C 190 -31.21 11.21 6.41
N ASN C 191 -30.75 10.21 7.16
CA ASN C 191 -31.61 9.44 8.06
C ASN C 191 -32.27 10.38 9.07
N VAL C 192 -31.49 11.32 9.61
CA VAL C 192 -32.01 12.32 10.53
C VAL C 192 -33.04 13.19 9.83
N ALA C 193 -32.74 13.62 8.60
CA ALA C 193 -33.68 14.48 7.87
C ALA C 193 -34.99 13.70 7.60
N ASP C 194 -34.88 12.41 7.24
CA ASP C 194 -36.04 11.59 6.94
C ASP C 194 -36.87 11.38 8.20
N ASP C 195 -36.21 10.96 9.28
CA ASP C 195 -36.91 10.52 10.49
C ASP C 195 -37.56 11.71 11.20
N TYR C 196 -36.78 12.79 11.34
CA TYR C 196 -37.23 13.96 12.07
C TYR C 196 -37.92 14.95 11.13
N GLN C 197 -37.98 14.62 9.83
CA GLN C 197 -38.71 15.37 8.81
C GLN C 197 -38.20 16.81 8.70
N VAL C 198 -36.89 16.96 8.41
CA VAL C 198 -36.31 18.28 8.18
C VAL C 198 -36.18 18.50 6.68
N SER C 199 -36.93 19.49 6.16
CA SER C 199 -37.09 19.71 4.74
C SER C 199 -35.77 20.20 4.13
N ARG C 200 -35.55 19.90 2.84
CA ARG C 200 -34.43 20.48 2.10
C ARG C 200 -34.44 22.01 2.21
N ALA C 201 -35.63 22.63 2.10
CA ALA C 201 -35.72 24.10 2.13
C ALA C 201 -35.17 24.64 3.45
N ASP C 202 -35.54 23.99 4.57
CA ASP C 202 -35.12 24.50 5.86
C ASP C 202 -33.60 24.32 6.03
N GLN C 203 -33.10 23.18 5.52
CA GLN C 203 -31.66 22.89 5.59
C GLN C 203 -30.84 23.96 4.86
N ASP C 204 -31.30 24.33 3.66
CA ASP C 204 -30.63 25.32 2.83
C ASP C 204 -30.69 26.71 3.45
N ALA C 205 -31.85 27.09 4.01
CA ALA C 205 -31.98 28.37 4.71
C ALA C 205 -31.00 28.45 5.88
N PHE C 206 -30.89 27.34 6.66
CA PHE C 206 -29.96 27.27 7.77
C PHE C 206 -28.52 27.46 7.25
N ALA C 207 -28.16 26.80 6.15
CA ALA C 207 -26.79 26.89 5.62
C ALA C 207 -26.49 28.32 5.16
N LEU C 208 -27.47 28.96 4.52
CA LEU C 208 -27.30 30.34 4.07
C LEU C 208 -27.05 31.28 5.25
N ARG C 209 -27.85 31.13 6.33
CA ARG C 209 -27.66 31.95 7.52
C ARG C 209 -26.27 31.74 8.10
N SER C 210 -25.82 30.49 8.09
CA SER C 210 -24.49 30.23 8.59
C SER C 210 -23.43 31.01 7.77
N GLN C 211 -23.52 30.99 6.42
CA GLN C 211 -22.57 31.70 5.55
C GLN C 211 -22.69 33.22 5.78
N GLN C 212 -23.92 33.74 5.92
CA GLN C 212 -24.08 35.18 6.10
C GLN C 212 -23.49 35.64 7.43
N LYS C 213 -23.72 34.85 8.49
CA LYS C 213 -23.29 35.28 9.81
C LYS C 213 -21.76 35.18 9.90
N ALA C 214 -21.20 34.13 9.27
CA ALA C 214 -19.75 33.99 9.31
C ALA C 214 -19.06 35.09 8.50
N ALA C 215 -19.64 35.42 7.34
CA ALA C 215 -19.13 36.50 6.50
C ALA C 215 -19.12 37.83 7.28
N ALA C 216 -20.20 38.14 7.98
CA ALA C 216 -20.29 39.32 8.83
C ALA C 216 -19.26 39.30 9.96
N ALA C 217 -19.14 38.16 10.66
CA ALA C 217 -18.16 38.07 11.75
C ALA C 217 -16.74 38.22 11.20
N GLN C 218 -16.45 37.63 10.03
CA GLN C 218 -15.12 37.75 9.48
C GLN C 218 -14.81 39.22 9.16
N ALA C 219 -15.73 39.91 8.49
CA ALA C 219 -15.55 41.32 8.11
C ALA C 219 -15.36 42.18 9.36
N ALA C 220 -15.97 41.79 10.47
CA ALA C 220 -15.93 42.59 11.68
C ALA C 220 -14.62 42.35 12.43
N GLY C 221 -13.80 41.40 11.95
CA GLY C 221 -12.55 41.04 12.62
C GLY C 221 -12.76 40.13 13.84
N PHE C 222 -13.96 39.53 13.99
CA PHE C 222 -14.25 38.63 15.12
C PHE C 222 -13.32 37.40 15.07
N PHE C 223 -13.19 36.74 13.91
CA PHE C 223 -12.35 35.55 13.80
C PHE C 223 -10.89 35.94 14.01
N ALA C 224 -10.53 37.16 13.58
CA ALA C 224 -9.14 37.55 13.62
C ALA C 224 -8.67 37.64 15.06
N GLU C 225 -9.59 37.99 15.97
CA GLU C 225 -9.27 37.98 17.41
C GLU C 225 -9.01 36.56 17.93
N GLU C 226 -9.59 35.53 17.30
CA GLU C 226 -9.37 34.15 17.75
C GLU C 226 -8.10 33.54 17.17
N ILE C 227 -7.50 34.14 16.14
CA ILE C 227 -6.60 33.41 15.24
C ILE C 227 -5.16 33.83 15.48
N VAL C 228 -4.29 32.83 15.49
CA VAL C 228 -2.87 33.04 15.28
C VAL C 228 -2.51 32.54 13.88
N PRO C 229 -1.77 33.33 13.05
CA PRO C 229 -1.39 32.87 11.71
C PRO C 229 -0.41 31.71 11.75
N VAL C 230 -0.46 30.88 10.71
CA VAL C 230 0.41 29.74 10.56
C VAL C 230 1.46 30.09 9.50
N ARG C 231 2.73 29.84 9.83
CA ARG C 231 3.86 30.01 8.92
C ARG C 231 3.99 28.76 8.04
N ILE C 232 4.17 28.96 6.72
CA ILE C 232 4.24 27.90 5.71
C ILE C 232 5.57 28.04 4.99
N ALA C 233 6.31 26.93 4.87
CA ALA C 233 7.57 26.95 4.10
C ALA C 233 7.23 27.20 2.64
N HIS C 234 8.02 28.05 1.99
CA HIS C 234 7.74 28.39 0.58
C HIS C 234 9.02 28.71 -0.17
N LYS C 235 9.06 28.30 -1.44
CA LYS C 235 10.09 28.81 -2.34
C LYS C 235 10.05 30.33 -2.32
N LYS C 236 11.24 30.93 -2.20
CA LYS C 236 11.46 32.36 -2.20
C LYS C 236 11.08 33.00 -0.87
N GLY C 237 10.77 32.20 0.15
CA GLY C 237 10.57 32.74 1.49
C GLY C 237 9.22 32.34 2.07
N GLU C 238 9.18 32.15 3.40
CA GLU C 238 7.99 31.64 4.05
C GLU C 238 6.88 32.67 3.95
N ILE C 239 5.64 32.18 3.93
CA ILE C 239 4.45 33.01 3.90
C ILE C 239 3.59 32.69 5.14
N ILE C 240 2.49 33.44 5.32
CA ILE C 240 1.60 33.17 6.43
C ILE C 240 0.20 32.88 5.88
N VAL C 241 -0.52 32.04 6.61
CA VAL C 241 -1.94 31.85 6.44
C VAL C 241 -2.63 32.53 7.63
N GLU C 242 -3.54 33.48 7.34
CA GLU C 242 -4.12 34.39 8.32
C GLU C 242 -5.62 34.19 8.48
N ARG C 243 -6.32 33.72 7.43
CA ARG C 243 -7.77 33.74 7.45
C ARG C 243 -8.34 32.34 7.23
N ASP C 244 -9.53 32.09 7.80
CA ASP C 244 -10.28 30.87 7.55
C ASP C 244 -10.54 30.78 6.06
N GLU C 245 -10.37 29.58 5.47
CA GLU C 245 -10.37 29.41 4.01
C GLU C 245 -11.68 28.81 3.51
N HIS C 246 -12.53 28.30 4.41
CA HIS C 246 -13.67 27.47 3.98
C HIS C 246 -14.89 28.31 3.61
N LEU C 247 -14.94 29.58 4.05
CA LEU C 247 -16.15 30.41 3.94
C LEU C 247 -16.54 30.57 2.47
N ARG C 248 -17.87 30.58 2.19
CA ARG C 248 -18.41 30.89 0.87
C ARG C 248 -19.36 32.08 1.03
N PRO C 249 -18.82 33.32 1.26
CA PRO C 249 -19.66 34.46 1.65
C PRO C 249 -20.64 34.84 0.56
N GLU C 250 -20.39 34.41 -0.68
CA GLU C 250 -21.24 34.79 -1.78
C GLU C 250 -22.35 33.75 -1.99
N THR C 251 -22.51 32.80 -1.06
CA THR C 251 -23.56 31.77 -1.19
C THR C 251 -24.95 32.43 -1.32
N THR C 252 -25.80 31.89 -2.20
CA THR C 252 -27.18 32.39 -2.22
C THR C 252 -28.13 31.22 -2.08
N LEU C 253 -29.39 31.49 -1.70
CA LEU C 253 -30.37 30.42 -1.63
C LEU C 253 -30.46 29.70 -2.98
N GLU C 254 -30.42 30.47 -4.07
CA GLU C 254 -30.58 29.88 -5.39
C GLU C 254 -29.47 28.87 -5.66
N ALA C 255 -28.22 29.21 -5.29
CA ALA C 255 -27.11 28.30 -5.56
C ALA C 255 -27.26 27.01 -4.74
N LEU C 256 -27.72 27.14 -3.48
CA LEU C 256 -27.88 25.97 -2.61
C LEU C 256 -28.97 25.05 -3.14
N THR C 257 -30.03 25.66 -3.66
CA THR C 257 -31.19 24.94 -4.16
C THR C 257 -30.81 24.11 -5.39
N LYS C 258 -29.84 24.60 -6.17
CA LYS C 258 -29.40 23.90 -7.38
C LYS C 258 -28.51 22.68 -7.10
N LEU C 259 -27.94 22.52 -5.89
CA LEU C 259 -27.01 21.41 -5.70
C LEU C 259 -27.78 20.09 -5.65
N LYS C 260 -27.11 19.04 -6.13
CA LYS C 260 -27.63 17.69 -6.05
C LYS C 260 -27.30 17.03 -4.71
N PRO C 261 -28.24 16.28 -4.12
CA PRO C 261 -27.97 15.57 -2.87
C PRO C 261 -26.89 14.52 -3.09
N VAL C 262 -26.01 14.41 -2.10
CA VAL C 262 -24.86 13.51 -2.11
C VAL C 262 -25.27 12.03 -2.23
N ASN C 263 -26.43 11.65 -1.68
CA ASN C 263 -26.76 10.22 -1.61
C ASN C 263 -27.88 9.87 -2.59
N GLY C 264 -28.24 10.81 -3.45
CA GLY C 264 -29.17 10.38 -4.49
C GLY C 264 -30.38 11.29 -4.55
N PRO C 265 -31.13 11.20 -5.67
CA PRO C 265 -32.16 12.18 -6.00
C PRO C 265 -33.27 12.56 -5.01
N ASP C 266 -33.71 11.63 -4.16
CA ASP C 266 -34.76 11.96 -3.18
C ASP C 266 -34.20 12.09 -1.77
N LYS C 267 -32.90 12.40 -1.69
CA LYS C 267 -32.28 12.72 -0.41
C LYS C 267 -32.19 14.23 -0.28
N THR C 268 -31.56 14.72 0.81
CA THR C 268 -31.65 16.16 1.08
C THR C 268 -30.29 16.77 1.40
N VAL C 269 -29.32 15.93 1.83
CA VAL C 269 -28.03 16.46 2.27
C VAL C 269 -27.17 16.72 1.05
N THR C 270 -26.60 17.95 0.96
CA THR C 270 -25.76 18.31 -0.17
C THR C 270 -24.40 18.79 0.32
N ALA C 271 -23.48 19.09 -0.61
CA ALA C 271 -22.22 19.65 -0.16
C ALA C 271 -22.42 21.08 0.37
N GLY C 272 -23.56 21.71 0.06
CA GLY C 272 -23.80 23.09 0.48
C GLY C 272 -24.45 23.19 1.86
N ASN C 273 -25.12 22.13 2.31
CA ASN C 273 -25.79 22.23 3.60
C ASN C 273 -25.11 21.30 4.61
N ALA C 274 -23.85 20.93 4.29
CA ALA C 274 -23.01 20.10 5.16
C ALA C 274 -21.69 20.83 5.38
N SER C 275 -21.01 20.46 6.47
CA SER C 275 -19.64 20.97 6.62
C SER C 275 -18.69 20.29 5.64
N GLY C 276 -17.40 20.64 5.72
CA GLY C 276 -16.43 19.99 4.89
C GLY C 276 -15.47 19.09 5.68
N VAL C 277 -14.36 18.72 5.02
CA VAL C 277 -13.23 18.10 5.72
C VAL C 277 -12.07 19.10 5.68
N ASN C 278 -11.37 19.28 6.81
CA ASN C 278 -10.63 20.52 6.96
C ASN C 278 -9.45 20.28 7.91
N ASP C 279 -8.55 21.25 7.97
CA ASP C 279 -7.34 21.22 8.82
C ASP C 279 -7.37 22.38 9.81
N GLY C 280 -6.90 22.15 11.05
CA GLY C 280 -6.86 23.26 12.01
C GLY C 280 -6.49 22.75 13.40
N ALA C 281 -6.06 23.67 14.29
CA ALA C 281 -5.78 23.34 15.69
C ALA C 281 -6.22 24.50 16.59
N ALA C 282 -6.48 24.20 17.88
CA ALA C 282 -6.90 25.22 18.85
C ALA C 282 -6.43 24.76 20.21
N ALA C 283 -6.27 25.72 21.16
CA ALA C 283 -5.84 25.40 22.51
C ALA C 283 -6.20 26.54 23.46
N MET C 284 -6.37 26.20 24.75
CA MET C 284 -6.75 27.18 25.75
C MET C 284 -6.17 26.73 27.09
N ILE C 285 -6.00 27.69 28.01
CA ILE C 285 -5.50 27.44 29.35
C ILE C 285 -6.71 27.27 30.28
N LEU C 286 -6.70 26.23 31.13
CA LEU C 286 -7.61 26.11 32.27
C LEU C 286 -6.83 26.10 33.58
N ALA C 287 -7.41 26.68 34.63
CA ALA C 287 -6.68 26.90 35.88
C ALA C 287 -7.64 26.93 37.05
N SER C 288 -7.21 26.38 38.20
CA SER C 288 -7.87 26.62 39.47
C SER C 288 -7.68 28.08 39.90
N ALA C 289 -8.42 28.51 40.93
CA ALA C 289 -8.25 29.87 41.45
C ALA C 289 -6.81 30.11 41.85
N ALA C 290 -6.19 29.13 42.54
CA ALA C 290 -4.82 29.34 43.02
C ALA C 290 -3.85 29.55 41.86
N ALA C 291 -4.01 28.75 40.79
CA ALA C 291 -3.13 28.89 39.64
C ALA C 291 -3.32 30.24 38.94
N VAL C 292 -4.58 30.67 38.84
CA VAL C 292 -4.91 31.97 38.23
C VAL C 292 -4.06 33.05 38.91
N LYS C 293 -4.02 33.00 40.25
CA LYS C 293 -3.31 33.98 41.07
C LYS C 293 -1.80 33.85 40.88
N LYS C 294 -1.28 32.63 41.03
CA LYS C 294 0.15 32.38 40.91
C LYS C 294 0.70 32.81 39.55
N HIS C 295 -0.06 32.60 38.46
CA HIS C 295 0.50 32.72 37.12
C HIS C 295 0.10 34.02 36.42
N GLY C 296 -0.61 34.89 37.12
CA GLY C 296 -1.02 36.19 36.60
C GLY C 296 -1.98 36.07 35.43
N LEU C 297 -2.83 35.04 35.45
CA LEU C 297 -3.76 34.83 34.37
C LEU C 297 -5.01 35.68 34.55
N THR C 298 -5.72 35.87 33.43
CA THR C 298 -7.00 36.56 33.40
C THR C 298 -8.08 35.50 33.22
N PRO C 299 -8.87 35.20 34.27
CA PRO C 299 -9.94 34.21 34.18
C PRO C 299 -11.08 34.82 33.38
N ARG C 300 -11.62 34.05 32.43
CA ARG C 300 -12.63 34.59 31.54
C ARG C 300 -13.98 33.93 31.78
N ALA C 301 -13.98 32.64 32.16
CA ALA C 301 -15.22 31.90 32.37
C ALA C 301 -14.91 30.77 33.36
N ARG C 302 -15.96 30.35 34.06
CA ARG C 302 -15.89 29.17 34.89
C ARG C 302 -16.53 28.04 34.08
N VAL C 303 -15.95 26.83 34.15
CA VAL C 303 -16.59 25.68 33.53
C VAL C 303 -17.65 25.14 34.48
N LEU C 304 -18.86 24.95 33.97
CA LEU C 304 -19.96 24.45 34.78
C LEU C 304 -20.03 22.92 34.75
N GLY C 305 -19.83 22.30 33.58
CA GLY C 305 -19.92 20.85 33.51
C GLY C 305 -19.90 20.34 32.07
N MET C 306 -19.74 19.02 31.91
CA MET C 306 -19.88 18.41 30.60
C MET C 306 -20.70 17.14 30.74
N ALA C 307 -21.50 16.81 29.72
CA ALA C 307 -22.19 15.53 29.73
C ALA C 307 -22.12 14.93 28.32
N SER C 308 -22.23 13.59 28.26
CA SER C 308 -22.23 12.86 27.00
C SER C 308 -23.48 11.99 26.92
N GLY C 309 -23.87 11.66 25.68
CA GLY C 309 -25.06 10.83 25.46
C GLY C 309 -24.81 9.93 24.25
N GLY C 310 -25.50 8.79 24.19
CA GLY C 310 -25.34 7.92 23.04
C GLY C 310 -26.68 7.76 22.36
N VAL C 311 -26.65 7.55 21.04
CA VAL C 311 -27.85 7.34 20.26
C VAL C 311 -27.50 6.24 19.25
N ALA C 312 -28.52 5.76 18.50
CA ALA C 312 -28.23 4.85 17.41
C ALA C 312 -27.21 5.46 16.42
N PRO C 313 -26.16 4.71 16.03
CA PRO C 313 -25.22 5.17 15.00
C PRO C 313 -25.92 5.71 13.73
N ARG C 314 -27.01 5.07 13.29
CA ARG C 314 -27.63 5.49 12.02
C ARG C 314 -28.20 6.93 12.09
N VAL C 315 -28.42 7.47 13.29
CA VAL C 315 -28.87 8.85 13.43
C VAL C 315 -27.95 9.62 14.38
N MET C 316 -26.64 9.49 14.16
CA MET C 316 -25.68 10.07 15.07
C MET C 316 -25.91 11.57 15.28
N GLY C 317 -26.47 12.28 14.29
CA GLY C 317 -26.56 13.72 14.34
C GLY C 317 -27.48 14.21 15.47
N ILE C 318 -28.34 13.32 16.00
CA ILE C 318 -29.26 13.69 17.06
C ILE C 318 -28.60 13.49 18.43
N GLY C 319 -27.36 13.01 18.45
CA GLY C 319 -26.62 12.79 19.68
C GLY C 319 -26.65 13.95 20.69
N PRO C 320 -26.57 15.24 20.27
CA PRO C 320 -26.57 16.32 21.25
C PRO C 320 -27.81 16.36 22.16
N VAL C 321 -28.93 15.79 21.67
CA VAL C 321 -30.15 15.92 22.45
C VAL C 321 -30.00 15.23 23.81
N PRO C 322 -29.69 13.92 23.94
CA PRO C 322 -29.49 13.33 25.27
C PRO C 322 -28.35 13.97 26.06
N ALA C 323 -27.32 14.45 25.33
CA ALA C 323 -26.20 15.09 26.03
C ALA C 323 -26.64 16.41 26.68
N VAL C 324 -27.38 17.25 25.95
CA VAL C 324 -27.81 18.53 26.50
C VAL C 324 -28.81 18.26 27.64
N ARG C 325 -29.73 17.30 27.45
CA ARG C 325 -30.72 17.01 28.49
C ARG C 325 -30.02 16.58 29.77
N LYS C 326 -29.05 15.67 29.65
CA LYS C 326 -28.31 15.18 30.80
C LYS C 326 -27.64 16.34 31.54
N LEU C 327 -26.96 17.22 30.77
CA LEU C 327 -26.18 18.27 31.40
C LEU C 327 -27.14 19.27 32.08
N THR C 328 -28.18 19.72 31.35
CA THR C 328 -29.04 20.78 31.88
C THR C 328 -29.83 20.25 33.08
N GLU C 329 -30.20 18.97 33.08
CA GLU C 329 -30.95 18.44 34.20
C GLU C 329 -30.06 18.33 35.45
N ARG C 330 -28.80 17.96 35.25
CA ARG C 330 -27.85 17.91 36.36
C ARG C 330 -27.55 19.31 36.88
N LEU C 331 -27.34 20.28 35.98
CA LEU C 331 -26.98 21.62 36.43
C LEU C 331 -28.22 22.40 36.90
N GLY C 332 -29.42 21.97 36.49
CA GLY C 332 -30.62 22.75 36.78
C GLY C 332 -30.67 24.09 36.01
N ILE C 333 -30.36 24.07 34.71
CA ILE C 333 -30.38 25.27 33.87
C ILE C 333 -31.24 24.93 32.65
N ALA C 334 -32.21 25.78 32.28
CA ALA C 334 -33.01 25.48 31.11
C ALA C 334 -32.17 25.81 29.86
N VAL C 335 -32.43 25.08 28.76
CA VAL C 335 -31.75 25.39 27.51
C VAL C 335 -31.97 26.87 27.15
N SER C 336 -33.18 27.39 27.42
CA SER C 336 -33.54 28.76 27.06
C SER C 336 -32.79 29.80 27.89
N ASP C 337 -32.02 29.36 28.88
CA ASP C 337 -31.33 30.29 29.76
C ASP C 337 -29.95 30.63 29.23
N PHE C 338 -29.44 29.88 28.24
CA PHE C 338 -28.13 30.21 27.70
C PHE C 338 -28.22 31.42 26.76
N ASP C 339 -27.25 32.34 26.91
CA ASP C 339 -27.06 33.52 26.08
C ASP C 339 -26.36 33.22 24.76
N VAL C 340 -25.60 32.11 24.70
CA VAL C 340 -25.08 31.62 23.42
C VAL C 340 -25.20 30.11 23.41
N ILE C 341 -25.63 29.55 22.27
CA ILE C 341 -25.56 28.12 22.01
C ILE C 341 -24.71 27.91 20.77
N GLU C 342 -23.53 27.29 20.95
CA GLU C 342 -22.71 26.90 19.82
C GLU C 342 -22.98 25.41 19.52
N LEU C 343 -23.80 25.16 18.50
CA LEU C 343 -24.18 23.81 18.08
C LEU C 343 -23.38 23.49 16.82
N ASN C 344 -22.56 22.43 16.87
CA ASN C 344 -21.74 22.16 15.70
C ASN C 344 -22.63 21.86 14.50
N GLU C 345 -22.27 22.41 13.34
CA GLU C 345 -23.03 22.24 12.11
C GLU C 345 -22.37 21.21 11.21
N ALA C 346 -22.29 19.96 11.69
CA ALA C 346 -21.81 18.90 10.82
C ALA C 346 -22.72 18.87 9.59
N PHE C 347 -24.04 18.92 9.83
CA PHE C 347 -25.01 18.95 8.75
C PHE C 347 -26.22 19.79 9.20
N ALA C 348 -26.78 20.56 8.26
CA ALA C 348 -27.92 21.38 8.59
C ALA C 348 -29.07 20.50 9.08
N SER C 349 -29.24 19.31 8.50
CA SER C 349 -30.39 18.49 8.89
C SER C 349 -30.35 18.18 10.39
N GLN C 350 -29.16 17.82 10.91
CA GLN C 350 -29.03 17.45 12.31
C GLN C 350 -29.04 18.68 13.20
N GLY C 351 -28.46 19.80 12.74
CA GLY C 351 -28.52 21.02 13.53
C GLY C 351 -29.99 21.40 13.80
N LEU C 352 -30.79 21.40 12.73
CA LEU C 352 -32.20 21.76 12.88
C LEU C 352 -32.94 20.76 13.76
N ALA C 353 -32.70 19.46 13.52
CA ALA C 353 -33.40 18.42 14.29
C ALA C 353 -33.09 18.57 15.78
N VAL C 354 -31.84 18.86 16.13
CA VAL C 354 -31.46 19.06 17.53
C VAL C 354 -32.23 20.25 18.11
N LEU C 355 -32.21 21.38 17.41
CA LEU C 355 -32.82 22.62 17.90
C LEU C 355 -34.31 22.35 18.16
N ARG C 356 -34.95 21.69 17.21
CA ARG C 356 -36.38 21.39 17.32
C ARG C 356 -36.68 20.48 18.52
N GLU C 357 -35.87 19.44 18.75
CA GLU C 357 -36.11 18.56 19.90
C GLU C 357 -35.94 19.34 21.21
N LEU C 358 -35.05 20.34 21.19
CA LEU C 358 -34.76 21.06 22.43
C LEU C 358 -35.68 22.27 22.63
N GLY C 359 -36.60 22.52 21.70
CA GLY C 359 -37.53 23.64 21.78
C GLY C 359 -36.93 25.01 21.43
N VAL C 360 -35.87 25.05 20.61
CA VAL C 360 -35.23 26.32 20.24
C VAL C 360 -35.58 26.59 18.78
N ALA C 361 -35.93 27.84 18.42
CA ALA C 361 -36.28 28.15 17.04
C ALA C 361 -35.11 27.86 16.08
N ASP C 362 -35.43 27.53 14.80
CA ASP C 362 -34.45 27.22 13.75
C ASP C 362 -33.48 28.37 13.52
N ASP C 363 -33.91 29.61 13.82
CA ASP C 363 -33.13 30.80 13.57
C ASP C 363 -32.95 31.58 14.86
N ALA C 364 -33.07 30.93 16.02
CA ALA C 364 -32.99 31.62 17.30
C ALA C 364 -31.71 32.46 17.34
N PRO C 365 -31.76 33.75 17.76
CA PRO C 365 -30.58 34.61 17.68
C PRO C 365 -29.37 34.20 18.51
N GLN C 366 -29.58 33.45 19.59
CA GLN C 366 -28.45 33.02 20.44
C GLN C 366 -27.69 31.81 19.85
N VAL C 367 -28.24 31.17 18.82
CA VAL C 367 -27.63 29.97 18.23
C VAL C 367 -26.63 30.36 17.14
N ASN C 368 -25.38 29.91 17.26
CA ASN C 368 -24.36 30.11 16.25
C ASN C 368 -24.40 31.53 15.67
N PRO C 369 -24.23 32.59 16.50
CA PRO C 369 -24.45 33.96 16.02
C PRO C 369 -23.37 34.43 15.06
N ASN C 370 -22.23 33.72 15.03
CA ASN C 370 -21.16 34.05 14.11
C ASN C 370 -21.03 32.94 13.06
N GLY C 371 -22.12 32.19 12.86
CA GLY C 371 -22.02 31.09 11.93
C GLY C 371 -21.32 29.88 12.55
N GLY C 372 -21.11 28.86 11.71
CA GLY C 372 -20.65 27.58 12.20
C GLY C 372 -20.00 26.80 11.08
N ALA C 373 -19.80 25.49 11.34
CA ALA C 373 -18.93 24.65 10.53
C ALA C 373 -19.38 24.58 9.06
N ILE C 374 -20.67 24.82 8.77
CA ILE C 374 -20.99 24.86 7.34
C ILE C 374 -20.13 25.93 6.64
N ALA C 375 -19.96 27.11 7.29
CA ALA C 375 -19.15 28.18 6.69
C ALA C 375 -17.67 27.91 7.01
N LEU C 376 -17.37 27.54 8.26
CA LEU C 376 -16.00 27.61 8.78
C LEU C 376 -15.21 26.31 8.50
N GLY C 377 -15.92 25.19 8.31
CA GLY C 377 -15.21 23.92 8.17
C GLY C 377 -15.14 23.09 9.47
N HIS C 378 -14.71 21.82 9.38
CA HIS C 378 -14.81 20.91 10.52
C HIS C 378 -13.61 19.97 10.63
N PRO C 379 -12.43 20.44 11.08
CA PRO C 379 -11.31 19.53 11.34
C PRO C 379 -11.64 18.84 12.66
N LEU C 380 -11.97 17.53 12.60
CA LEU C 380 -12.68 16.82 13.67
C LEU C 380 -12.14 17.14 15.07
N GLY C 381 -10.85 16.87 15.31
CA GLY C 381 -10.33 16.97 16.67
C GLY C 381 -10.29 18.41 17.19
N MET C 382 -10.28 19.41 16.30
N MET C 382 -10.22 19.38 16.26
CA MET C 382 -10.18 20.79 16.75
CA MET C 382 -10.16 20.81 16.56
C MET C 382 -11.56 21.43 16.98
C MET C 382 -11.52 21.36 16.97
N SER C 383 -12.58 20.94 16.27
CA SER C 383 -13.86 21.65 16.27
C SER C 383 -14.42 21.88 17.68
N GLY C 384 -14.37 20.84 18.51
CA GLY C 384 -14.95 20.95 19.85
C GLY C 384 -14.22 21.99 20.71
N ALA C 385 -12.89 22.12 20.54
CA ALA C 385 -12.19 23.17 21.27
C ALA C 385 -12.58 24.55 20.74
N ARG C 386 -12.75 24.64 19.42
CA ARG C 386 -13.15 25.89 18.76
C ARG C 386 -14.50 26.31 19.34
N LEU C 387 -15.43 25.37 19.51
CA LEU C 387 -16.79 25.77 19.89
C LEU C 387 -16.75 26.38 21.29
N VAL C 388 -15.92 25.79 22.17
CA VAL C 388 -15.83 26.33 23.53
C VAL C 388 -15.20 27.74 23.50
N LEU C 389 -14.05 27.89 22.84
CA LEU C 389 -13.42 29.21 22.84
C LEU C 389 -14.26 30.28 22.12
N THR C 390 -15.02 29.91 21.09
CA THR C 390 -15.80 30.89 20.36
C THR C 390 -17.08 31.23 21.13
N ALA C 391 -17.62 30.24 21.87
CA ALA C 391 -18.75 30.52 22.75
C ALA C 391 -18.34 31.60 23.74
N LEU C 392 -17.16 31.41 24.36
CA LEU C 392 -16.70 32.35 25.38
C LEU C 392 -16.48 33.76 24.78
N HIS C 393 -15.83 33.81 23.62
CA HIS C 393 -15.59 35.01 22.83
C HIS C 393 -16.91 35.75 22.60
N GLN C 394 -17.95 35.01 22.21
CA GLN C 394 -19.24 35.62 21.93
C GLN C 394 -19.88 36.16 23.22
N LEU C 395 -19.75 35.43 24.32
CA LEU C 395 -20.29 35.91 25.61
C LEU C 395 -19.64 37.25 25.98
N GLU C 396 -18.37 37.39 25.65
CA GLU C 396 -17.61 38.58 25.98
C GLU C 396 -18.06 39.76 25.13
N LYS C 397 -18.31 39.54 23.84
CA LYS C 397 -18.74 40.59 22.93
C LYS C 397 -20.18 41.01 23.22
N SER C 398 -21.04 40.09 23.65
CA SER C 398 -22.44 40.42 23.80
C SER C 398 -22.79 40.78 25.25
N GLY C 399 -21.87 40.58 26.20
CA GLY C 399 -22.16 40.71 27.62
C GLY C 399 -23.12 39.64 28.14
N GLY C 400 -23.19 38.48 27.48
CA GLY C 400 -23.94 37.33 27.99
C GLY C 400 -23.21 36.65 29.16
N ARG C 401 -23.93 35.74 29.81
CA ARG C 401 -23.40 35.11 31.00
C ARG C 401 -23.12 33.63 30.75
N LYS C 402 -24.15 32.87 30.34
CA LYS C 402 -23.99 31.42 30.27
C LYS C 402 -23.93 31.01 28.82
N GLY C 403 -23.01 30.06 28.54
CA GLY C 403 -22.80 29.53 27.20
C GLY C 403 -22.93 28.02 27.19
N LEU C 404 -23.50 27.46 26.11
CA LEU C 404 -23.59 26.01 25.89
C LEU C 404 -22.91 25.71 24.55
N ALA C 405 -22.00 24.74 24.54
CA ALA C 405 -21.42 24.21 23.32
C ALA C 405 -21.77 22.73 23.24
N THR C 406 -22.23 22.29 22.06
CA THR C 406 -22.65 20.90 21.92
C THR C 406 -22.39 20.43 20.49
N MET C 407 -22.16 19.10 20.33
CA MET C 407 -21.91 18.60 18.99
C MET C 407 -22.21 17.09 18.91
N CYS C 408 -22.51 16.64 17.70
CA CYS C 408 -22.76 15.23 17.46
C CYS C 408 -21.42 14.53 17.20
N VAL C 409 -21.44 13.20 17.24
CA VAL C 409 -20.26 12.35 17.20
C VAL C 409 -20.61 11.13 16.34
N GLY C 410 -19.74 10.82 15.37
CA GLY C 410 -19.89 9.65 14.53
C GLY C 410 -20.03 8.41 15.41
N VAL C 411 -20.82 7.46 14.93
CA VAL C 411 -21.12 6.18 15.56
C VAL C 411 -22.05 6.43 16.77
N GLY C 412 -22.69 7.60 16.75
CA GLY C 412 -23.87 7.85 17.56
C GLY C 412 -23.59 8.37 18.98
N GLN C 413 -22.96 9.55 19.10
CA GLN C 413 -22.89 10.17 20.42
C GLN C 413 -23.21 11.67 20.31
N GLY C 414 -23.34 12.29 21.48
CA GLY C 414 -23.33 13.73 21.59
C GLY C 414 -22.54 14.13 22.83
N LEU C 415 -22.02 15.36 22.83
CA LEU C 415 -21.26 15.92 23.93
C LEU C 415 -21.71 17.36 24.10
N ALA C 416 -21.78 17.83 25.35
CA ALA C 416 -22.27 19.15 25.69
C ALA C 416 -21.45 19.66 26.86
N LEU C 417 -21.08 20.94 26.79
CA LEU C 417 -20.27 21.59 27.82
C LEU C 417 -20.80 23.00 28.05
N ALA C 418 -20.93 23.38 29.34
CA ALA C 418 -21.53 24.65 29.73
C ALA C 418 -20.48 25.48 30.46
N ILE C 419 -20.49 26.78 30.19
CA ILE C 419 -19.56 27.72 30.77
C ILE C 419 -20.37 28.93 31.30
N GLU C 420 -19.73 29.70 32.18
CA GLU C 420 -20.34 30.94 32.65
C GLU C 420 -19.25 32.01 32.67
N ARG C 421 -19.52 33.14 32.01
CA ARG C 421 -18.56 34.24 32.00
C ARG C 421 -18.32 34.74 33.44
N VAL C 422 -17.06 35.10 33.71
CA VAL C 422 -16.66 35.74 34.94
C VAL C 422 -15.92 37.03 34.55
N MET D 23 16.40 -19.78 -45.70
CA MET D 23 15.90 -20.19 -44.33
C MET D 23 16.78 -21.31 -43.81
N HIS D 24 16.99 -21.38 -42.48
CA HIS D 24 17.66 -22.50 -41.85
C HIS D 24 16.65 -23.35 -41.08
N ASP D 25 16.84 -24.67 -41.08
CA ASP D 25 16.07 -25.55 -40.21
C ASP D 25 16.42 -25.19 -38.77
N VAL D 26 15.47 -25.42 -37.87
CA VAL D 26 15.69 -25.15 -36.46
C VAL D 26 15.35 -26.40 -35.66
N PHE D 27 16.30 -26.86 -34.86
CA PHE D 27 16.14 -28.12 -34.15
C PHE D 27 15.96 -27.84 -32.67
N ILE D 28 14.95 -28.49 -32.08
CA ILE D 28 14.84 -28.49 -30.64
C ILE D 28 15.73 -29.62 -30.11
N CYS D 29 16.56 -29.28 -29.13
CA CYS D 29 17.46 -30.23 -28.48
C CYS D 29 16.95 -30.52 -27.06
N ASP D 30 17.84 -30.50 -26.04
CA ASP D 30 17.44 -30.85 -24.69
C ASP D 30 16.37 -29.89 -24.15
N ALA D 31 15.53 -30.35 -23.22
CA ALA D 31 14.51 -29.53 -22.59
C ALA D 31 14.27 -30.07 -21.19
N ILE D 32 13.81 -29.21 -20.27
CA ILE D 32 13.72 -29.57 -18.86
C ILE D 32 12.79 -28.58 -18.19
N ARG D 33 12.16 -29.00 -17.09
CA ARG D 33 11.29 -28.10 -16.37
C ARG D 33 11.37 -28.41 -14.89
N THR D 34 10.88 -27.45 -14.07
CA THR D 34 10.67 -27.67 -12.66
C THR D 34 9.39 -28.50 -12.51
N PRO D 35 9.11 -29.02 -11.29
CA PRO D 35 7.75 -29.49 -11.00
C PRO D 35 6.88 -28.22 -11.02
N ILE D 36 5.57 -28.44 -11.16
CA ILE D 36 4.64 -27.36 -11.02
C ILE D 36 4.06 -27.39 -9.59
N GLY D 37 4.14 -26.23 -8.90
CA GLY D 37 3.66 -26.11 -7.52
C GLY D 37 2.25 -25.51 -7.45
N ARG D 38 1.55 -25.84 -6.36
CA ARG D 38 0.25 -25.25 -6.05
C ARG D 38 0.45 -23.82 -5.54
N PHE D 39 -0.59 -23.01 -5.67
CA PHE D 39 -0.58 -21.66 -5.08
C PHE D 39 -0.30 -21.75 -3.57
N GLY D 40 0.75 -21.07 -3.10
CA GLY D 40 1.08 -21.09 -1.70
C GLY D 40 1.69 -22.42 -1.26
N GLY D 41 2.12 -23.24 -2.23
CA GLY D 41 2.57 -24.60 -1.98
C GLY D 41 4.09 -24.74 -2.05
N ALA D 42 4.53 -25.82 -2.71
CA ALA D 42 5.90 -26.30 -2.53
C ALA D 42 6.93 -25.32 -3.11
N LEU D 43 6.54 -24.48 -4.10
CA LEU D 43 7.51 -23.58 -4.68
C LEU D 43 7.23 -22.12 -4.31
N ALA D 44 6.30 -21.88 -3.37
CA ALA D 44 5.83 -20.53 -3.07
C ALA D 44 6.97 -19.66 -2.54
N SER D 45 8.01 -20.27 -1.96
CA SER D 45 9.08 -19.48 -1.36
C SER D 45 10.14 -19.12 -2.38
N VAL D 46 10.04 -19.66 -3.61
CA VAL D 46 11.09 -19.46 -4.61
C VAL D 46 10.71 -18.24 -5.48
N ARG D 47 11.59 -17.22 -5.51
CA ARG D 47 11.44 -16.05 -6.37
C ARG D 47 11.34 -16.47 -7.84
N ALA D 48 10.52 -15.75 -8.65
CA ALA D 48 10.35 -16.07 -10.07
C ALA D 48 11.68 -16.10 -10.83
N ASP D 49 12.57 -15.12 -10.56
CA ASP D 49 13.84 -15.07 -11.26
C ASP D 49 14.70 -16.30 -10.90
N ASP D 50 14.82 -16.61 -9.59
CA ASP D 50 15.50 -17.83 -9.16
C ASP D 50 14.87 -19.08 -9.78
N LEU D 51 13.53 -19.13 -9.80
CA LEU D 51 12.85 -20.29 -10.37
C LEU D 51 13.20 -20.49 -11.85
N ALA D 52 13.14 -19.40 -12.64
CA ALA D 52 13.51 -19.43 -14.05
C ALA D 52 14.95 -19.91 -14.22
N ALA D 53 15.82 -19.57 -13.28
CA ALA D 53 17.21 -20.00 -13.39
C ALA D 53 17.38 -21.52 -13.19
N VAL D 54 16.44 -22.19 -12.53
CA VAL D 54 16.65 -23.62 -12.25
C VAL D 54 16.77 -24.47 -13.53
N PRO D 55 15.81 -24.40 -14.49
CA PRO D 55 15.99 -25.13 -15.75
C PRO D 55 17.23 -24.71 -16.54
N LEU D 56 17.62 -23.41 -16.48
CA LEU D 56 18.82 -22.98 -17.20
C LEU D 56 20.05 -23.67 -16.62
N LYS D 57 20.15 -23.74 -15.27
CA LYS D 57 21.28 -24.44 -14.64
C LYS D 57 21.32 -25.91 -15.06
N ALA D 58 20.14 -26.53 -15.16
CA ALA D 58 20.05 -27.95 -15.51
C ALA D 58 20.50 -28.15 -16.98
N LEU D 59 20.06 -27.27 -17.89
CA LEU D 59 20.50 -27.36 -19.29
C LEU D 59 22.03 -27.31 -19.38
N ILE D 60 22.65 -26.45 -18.59
CA ILE D 60 24.11 -26.32 -18.59
C ILE D 60 24.76 -27.65 -18.16
N GLU D 61 24.26 -28.25 -17.07
CA GLU D 61 24.84 -29.44 -16.48
C GLU D 61 24.63 -30.62 -17.43
N ARG D 62 23.48 -30.63 -18.12
CA ARG D 62 23.11 -31.79 -18.92
C ARG D 62 23.80 -31.81 -20.29
N ASN D 63 24.40 -30.71 -20.76
CA ASN D 63 24.87 -30.61 -22.14
C ASN D 63 26.30 -30.08 -22.16
N PRO D 64 27.30 -30.91 -21.74
CA PRO D 64 28.67 -30.44 -21.55
C PRO D 64 29.43 -30.16 -22.84
N GLY D 65 28.92 -30.53 -24.02
CA GLY D 65 29.60 -30.09 -25.25
C GLY D 65 29.39 -28.61 -25.63
N VAL D 66 28.38 -27.95 -25.05
CA VAL D 66 27.99 -26.60 -25.45
C VAL D 66 29.09 -25.60 -25.08
N GLN D 67 29.46 -24.72 -25.99
CA GLN D 67 30.23 -23.52 -25.61
C GLN D 67 29.24 -22.42 -25.24
N TRP D 68 29.04 -22.21 -23.93
CA TRP D 68 27.94 -21.36 -23.43
C TRP D 68 28.11 -19.88 -23.79
N ASP D 69 29.33 -19.43 -24.10
CA ASP D 69 29.55 -18.06 -24.52
C ASP D 69 28.98 -17.82 -25.92
N GLN D 70 28.49 -18.87 -26.60
CA GLN D 70 27.98 -18.74 -27.97
C GLN D 70 26.45 -18.74 -28.01
N VAL D 71 25.77 -18.76 -26.85
CA VAL D 71 24.31 -18.62 -26.87
C VAL D 71 23.95 -17.21 -27.38
N ASP D 72 23.11 -17.14 -28.42
CA ASP D 72 22.81 -15.86 -29.05
C ASP D 72 21.74 -15.11 -28.26
N GLU D 73 20.87 -15.83 -27.53
CA GLU D 73 19.76 -15.17 -26.85
C GLU D 73 19.03 -16.19 -26.00
N VAL D 74 18.53 -15.72 -24.84
CA VAL D 74 17.57 -16.46 -24.02
C VAL D 74 16.24 -15.74 -24.11
N PHE D 75 15.22 -16.43 -24.64
CA PHE D 75 13.88 -15.86 -24.71
C PHE D 75 13.02 -16.53 -23.63
N PHE D 76 12.34 -15.75 -22.76
CA PHE D 76 11.43 -16.36 -21.80
C PHE D 76 10.05 -15.72 -21.84
N GLY D 77 9.03 -16.56 -21.74
CA GLY D 77 7.68 -16.04 -21.54
C GLY D 77 7.37 -15.82 -20.05
N CYS D 78 6.61 -14.75 -19.77
CA CYS D 78 6.20 -14.43 -18.40
C CYS D 78 5.00 -13.48 -18.51
N ALA D 79 3.86 -13.84 -17.90
CA ALA D 79 2.64 -13.07 -18.10
C ALA D 79 2.57 -11.87 -17.14
N ASN D 80 3.34 -11.86 -16.05
CA ASN D 80 3.08 -10.92 -14.97
C ASN D 80 4.09 -9.76 -15.05
N GLN D 81 5.32 -10.04 -14.66
CA GLN D 81 6.44 -9.10 -14.77
C GLN D 81 6.39 -7.90 -13.80
N ALA D 82 5.50 -7.92 -12.80
CA ALA D 82 5.40 -6.85 -11.80
C ALA D 82 6.20 -7.18 -10.54
N GLY D 83 6.49 -8.45 -10.32
CA GLY D 83 7.10 -8.86 -9.07
C GLY D 83 8.59 -9.11 -9.24
N GLU D 84 9.05 -10.22 -8.66
CA GLU D 84 10.46 -10.54 -8.72
C GLU D 84 10.83 -10.96 -10.14
N ASP D 85 9.85 -11.06 -11.03
CA ASP D 85 10.07 -11.29 -12.46
C ASP D 85 10.15 -9.96 -13.25
N ASN D 86 10.31 -8.81 -12.56
CA ASN D 86 10.31 -7.52 -13.22
C ASN D 86 11.61 -7.30 -13.98
N ARG D 87 11.52 -6.39 -14.96
CA ARG D 87 12.68 -5.80 -15.62
C ARG D 87 13.46 -6.86 -16.40
N ASN D 88 12.72 -7.70 -17.15
CA ASN D 88 13.26 -8.59 -18.17
C ASN D 88 13.82 -9.85 -17.48
N VAL D 89 12.90 -10.72 -17.02
CA VAL D 89 13.25 -11.87 -16.19
C VAL D 89 14.19 -12.81 -16.96
N ALA D 90 14.12 -12.82 -18.30
CA ALA D 90 15.00 -13.70 -19.08
C ALA D 90 16.46 -13.37 -18.78
N ARG D 91 16.77 -12.08 -18.77
CA ARG D 91 18.15 -11.64 -18.53
C ARG D 91 18.51 -11.89 -17.06
N MET D 92 17.60 -11.54 -16.12
CA MET D 92 17.86 -11.81 -14.70
C MET D 92 18.17 -13.31 -14.52
N ALA D 93 17.33 -14.18 -15.11
CA ALA D 93 17.49 -15.62 -14.88
C ALA D 93 18.82 -16.16 -15.45
N LEU D 94 19.19 -15.70 -16.65
CA LEU D 94 20.41 -16.28 -17.25
C LEU D 94 21.58 -15.83 -16.41
N LEU D 95 21.51 -14.64 -15.79
CA LEU D 95 22.65 -14.21 -14.98
C LEU D 95 22.73 -15.01 -13.67
N LEU D 96 21.57 -15.28 -13.06
CA LEU D 96 21.50 -16.08 -11.84
C LEU D 96 21.90 -17.52 -12.12
N ALA D 97 21.66 -18.01 -13.34
CA ALA D 97 22.00 -19.38 -13.68
C ALA D 97 23.50 -19.54 -13.96
N GLY D 98 24.23 -18.42 -14.06
CA GLY D 98 25.66 -18.51 -14.31
C GLY D 98 26.01 -18.63 -15.80
N LEU D 99 25.06 -18.29 -16.72
CA LEU D 99 25.47 -18.07 -18.10
C LEU D 99 26.36 -16.83 -18.19
N PRO D 100 27.24 -16.69 -19.21
CA PRO D 100 28.14 -15.55 -19.28
C PRO D 100 27.36 -14.23 -19.37
N GLU D 101 27.95 -13.13 -18.87
CA GLU D 101 27.24 -11.86 -18.93
C GLU D 101 27.12 -11.35 -20.38
N SER D 102 27.85 -11.93 -21.31
CA SER D 102 27.75 -11.60 -22.73
C SER D 102 26.49 -12.12 -23.40
N ILE D 103 25.68 -12.92 -22.70
CA ILE D 103 24.51 -13.53 -23.33
C ILE D 103 23.31 -12.62 -23.14
N PRO D 104 22.61 -12.20 -24.21
CA PRO D 104 21.41 -11.37 -24.08
C PRO D 104 20.15 -12.17 -23.78
N GLY D 105 19.11 -11.47 -23.32
CA GLY D 105 17.87 -12.12 -22.94
C GLY D 105 16.72 -11.17 -23.17
N VAL D 106 15.53 -11.72 -23.47
CA VAL D 106 14.37 -10.89 -23.76
C VAL D 106 13.14 -11.66 -23.26
N THR D 107 12.14 -10.94 -22.74
CA THR D 107 10.99 -11.56 -22.16
C THR D 107 9.76 -11.25 -23.01
N LEU D 108 8.93 -12.28 -23.21
N LEU D 108 8.92 -12.25 -23.26
CA LEU D 108 7.72 -12.25 -24.05
CA LEU D 108 7.72 -12.01 -24.06
C LEU D 108 6.49 -12.25 -23.14
C LEU D 108 6.48 -12.31 -23.25
N ASN D 109 5.40 -11.59 -23.58
CA ASN D 109 4.16 -11.65 -22.85
C ASN D 109 3.04 -11.77 -23.88
N ARG D 110 2.52 -12.99 -23.99
CA ARG D 110 1.20 -13.19 -24.58
C ARG D 110 0.35 -13.95 -23.58
N LEU D 111 0.30 -13.42 -22.33
CA LEU D 111 -0.39 -14.06 -21.22
C LEU D 111 -0.14 -15.57 -21.20
N CYS D 112 -1.24 -16.34 -21.28
CA CYS D 112 -1.26 -17.81 -21.15
C CYS D 112 -0.29 -18.46 -22.14
N ALA D 113 -0.03 -17.81 -23.31
CA ALA D 113 0.73 -18.47 -24.37
C ALA D 113 2.20 -18.02 -24.38
N SER D 114 2.61 -17.24 -23.37
CA SER D 114 3.91 -16.59 -23.41
C SER D 114 5.06 -17.56 -23.66
N GLY D 115 5.08 -18.70 -22.94
CA GLY D 115 6.18 -19.67 -23.05
C GLY D 115 6.23 -20.32 -24.43
N MET D 116 5.07 -20.50 -25.06
CA MET D 116 5.03 -20.99 -26.44
C MET D 116 5.53 -19.93 -27.44
N ASP D 117 5.10 -18.67 -27.25
CA ASP D 117 5.61 -17.58 -28.06
C ASP D 117 7.14 -17.46 -27.98
N ALA D 118 7.74 -17.71 -26.79
CA ALA D 118 9.20 -17.69 -26.69
C ALA D 118 9.82 -18.73 -27.63
N VAL D 119 9.23 -19.94 -27.68
CA VAL D 119 9.76 -21.00 -28.52
C VAL D 119 9.64 -20.57 -29.98
N GLY D 120 8.47 -20.08 -30.36
CA GLY D 120 8.23 -19.72 -31.75
C GLY D 120 9.08 -18.53 -32.22
N THR D 121 9.35 -17.59 -31.29
CA THR D 121 10.14 -16.40 -31.58
C THR D 121 11.61 -16.82 -31.72
N ALA D 122 12.04 -17.73 -30.83
CA ALA D 122 13.37 -18.34 -30.94
C ALA D 122 13.55 -19.06 -32.28
N PHE D 123 12.51 -19.79 -32.70
CA PHE D 123 12.51 -20.44 -34.01
C PHE D 123 12.67 -19.43 -35.15
N ARG D 124 11.89 -18.34 -35.14
CA ARG D 124 11.96 -17.36 -36.22
C ARG D 124 13.36 -16.74 -36.30
N ALA D 125 13.97 -16.52 -35.14
CA ALA D 125 15.27 -15.87 -35.14
C ALA D 125 16.34 -16.74 -35.80
N ILE D 126 16.31 -18.06 -35.54
CA ILE D 126 17.26 -18.97 -36.16
C ILE D 126 16.88 -19.18 -37.64
N ALA D 127 15.59 -19.35 -37.90
CA ALA D 127 15.11 -19.66 -39.25
C ALA D 127 15.54 -18.56 -40.24
N SER D 128 15.49 -17.29 -39.81
CA SER D 128 15.79 -16.13 -40.63
C SER D 128 17.30 -15.87 -40.72
N GLY D 129 18.09 -16.73 -40.09
CA GLY D 129 19.54 -16.67 -40.14
C GLY D 129 20.14 -15.59 -39.24
N GLU D 130 19.34 -15.07 -38.31
CA GLU D 130 19.83 -14.06 -37.38
C GLU D 130 20.62 -14.66 -36.22
N MET D 131 20.38 -15.94 -35.88
CA MET D 131 20.95 -16.56 -34.68
C MET D 131 21.24 -18.03 -35.00
N GLU D 132 22.07 -18.68 -34.17
CA GLU D 132 22.38 -20.10 -34.32
C GLU D 132 22.01 -20.94 -33.10
N LEU D 133 22.15 -20.40 -31.87
CA LEU D 133 22.00 -21.17 -30.65
C LEU D 133 21.24 -20.31 -29.64
N VAL D 134 20.06 -20.79 -29.23
CA VAL D 134 19.23 -19.99 -28.33
C VAL D 134 18.64 -20.92 -27.27
N ILE D 135 18.12 -20.30 -26.20
CA ILE D 135 17.34 -21.01 -25.20
C ILE D 135 15.97 -20.35 -25.20
N ALA D 136 14.89 -21.17 -25.19
CA ALA D 136 13.55 -20.62 -25.07
C ALA D 136 12.88 -21.27 -23.88
N GLY D 137 12.13 -20.49 -23.09
CA GLY D 137 11.41 -21.04 -21.96
C GLY D 137 10.31 -20.10 -21.48
N GLY D 138 9.91 -20.34 -20.24
CA GLY D 138 8.81 -19.61 -19.61
C GLY D 138 8.82 -19.81 -18.11
N VAL D 139 8.25 -18.84 -17.39
CA VAL D 139 8.18 -18.87 -15.95
C VAL D 139 6.93 -18.13 -15.52
N GLU D 140 6.36 -18.64 -14.42
CA GLU D 140 5.43 -17.85 -13.65
C GLU D 140 5.52 -18.25 -12.19
N SER D 141 5.52 -17.25 -11.28
CA SER D 141 5.29 -17.51 -9.85
C SER D 141 3.99 -16.85 -9.43
N MET D 142 2.88 -17.56 -9.59
CA MET D 142 1.61 -16.91 -9.26
C MET D 142 1.43 -16.77 -7.74
N SER D 143 2.05 -17.67 -6.98
CA SER D 143 2.08 -17.52 -5.52
C SER D 143 2.60 -16.13 -5.15
N ARG D 144 3.66 -15.68 -5.84
CA ARG D 144 4.39 -14.50 -5.42
C ARG D 144 4.00 -13.25 -6.20
N ALA D 145 3.01 -13.34 -7.07
CA ALA D 145 2.49 -12.21 -7.81
C ALA D 145 2.19 -11.07 -6.81
N PRO D 146 2.70 -9.85 -7.04
CA PRO D 146 2.49 -8.75 -6.08
C PRO D 146 1.14 -8.04 -6.15
N PHE D 147 0.91 -7.16 -5.17
CA PHE D 147 -0.16 -6.18 -5.32
C PHE D 147 0.41 -4.94 -6.00
N VAL D 148 -0.44 -4.23 -6.75
N VAL D 148 -0.49 -4.17 -6.61
CA VAL D 148 -0.02 -3.00 -7.41
CA VAL D 148 -0.08 -3.03 -7.39
C VAL D 148 -0.91 -1.87 -6.91
C VAL D 148 -0.98 -1.84 -7.06
N MET D 149 -0.36 -0.66 -6.95
CA MET D 149 -1.05 0.55 -6.57
C MET D 149 -0.67 1.67 -7.56
N GLY D 150 -1.68 2.23 -8.22
CA GLY D 150 -1.45 3.35 -9.13
C GLY D 150 -0.96 4.60 -8.39
N LYS D 151 -0.21 5.47 -9.09
CA LYS D 151 0.22 6.73 -8.51
C LYS D 151 -0.99 7.63 -8.30
N ALA D 152 -0.87 8.56 -7.33
CA ALA D 152 -1.87 9.62 -7.17
C ALA D 152 -1.85 10.53 -8.40
N GLU D 153 -3.02 10.94 -8.90
N GLU D 153 -3.06 10.89 -8.86
CA GLU D 153 -3.02 11.82 -10.05
CA GLU D 153 -3.32 11.73 -10.02
C GLU D 153 -3.14 13.28 -9.63
C GLU D 153 -3.55 13.19 -9.62
N SER D 154 -3.36 13.51 -8.33
CA SER D 154 -3.47 14.86 -7.78
C SER D 154 -2.88 14.85 -6.37
N ALA D 155 -2.37 15.99 -5.93
CA ALA D 155 -1.92 16.15 -4.55
C ALA D 155 -3.05 15.80 -3.58
N TYR D 156 -2.71 15.07 -2.51
CA TYR D 156 -3.66 14.69 -1.46
C TYR D 156 -4.80 13.84 -2.01
N SER D 157 -4.55 13.08 -3.08
CA SER D 157 -5.59 12.19 -3.59
C SER D 157 -6.08 11.19 -2.54
N ARG D 158 -7.41 11.04 -2.45
CA ARG D 158 -8.06 10.04 -1.63
C ARG D 158 -8.30 8.74 -2.41
N ASN D 159 -7.94 8.68 -3.68
CA ASN D 159 -8.31 7.58 -4.55
C ASN D 159 -7.05 6.72 -4.81
N MET D 160 -6.57 6.05 -3.76
N MET D 160 -6.50 6.12 -3.76
CA MET D 160 -5.47 5.09 -3.86
CA MET D 160 -5.52 5.09 -4.00
C MET D 160 -5.97 3.72 -3.44
C MET D 160 -6.22 3.77 -3.75
N LYS D 161 -5.61 2.68 -4.21
CA LYS D 161 -6.13 1.35 -3.97
C LYS D 161 -5.11 0.33 -4.44
N LEU D 162 -5.14 -0.85 -3.79
CA LEU D 162 -4.26 -1.96 -4.10
C LEU D 162 -5.06 -2.95 -4.93
N GLU D 163 -4.44 -3.48 -5.98
CA GLU D 163 -5.02 -4.59 -6.74
C GLU D 163 -4.06 -5.77 -6.78
N ASP D 164 -4.66 -6.96 -6.83
CA ASP D 164 -3.94 -8.22 -6.84
C ASP D 164 -3.54 -8.60 -8.27
N THR D 165 -2.27 -8.95 -8.50
CA THR D 165 -1.80 -9.33 -9.84
C THR D 165 -1.74 -10.86 -10.05
N THR D 166 -2.30 -11.64 -9.10
CA THR D 166 -2.22 -13.09 -9.15
C THR D 166 -2.81 -13.61 -10.46
N ILE D 167 -4.02 -13.13 -10.77
CA ILE D 167 -4.70 -13.59 -11.97
C ILE D 167 -5.80 -12.59 -12.29
N GLY D 168 -6.08 -12.38 -13.56
CA GLY D 168 -7.30 -11.66 -13.94
C GLY D 168 -7.10 -10.15 -14.06
N TRP D 169 -8.20 -9.45 -14.36
CA TRP D 169 -8.21 -8.02 -14.66
C TRP D 169 -7.75 -7.18 -13.47
N ARG D 170 -6.91 -6.17 -13.76
CA ARG D 170 -6.61 -5.08 -12.83
C ARG D 170 -6.37 -3.80 -13.64
N PHE D 171 -6.53 -2.61 -13.03
CA PHE D 171 -6.51 -1.34 -13.74
C PHE D 171 -7.46 -1.38 -14.94
N ILE D 172 -8.72 -1.74 -14.66
CA ILE D 172 -9.63 -1.99 -15.79
C ILE D 172 -9.86 -0.68 -16.56
N ASN D 173 -9.84 -0.76 -17.90
CA ASN D 173 -10.10 0.39 -18.76
C ASN D 173 -11.62 0.45 -19.01
N PRO D 174 -12.33 1.55 -18.68
CA PRO D 174 -13.77 1.67 -18.99
C PRO D 174 -14.08 1.46 -20.46
N LEU D 175 -13.14 1.80 -21.34
CA LEU D 175 -13.42 1.63 -22.76
C LEU D 175 -13.39 0.16 -23.14
N MET D 176 -12.47 -0.61 -22.55
CA MET D 176 -12.44 -2.05 -22.76
C MET D 176 -13.72 -2.71 -22.22
N LYS D 177 -14.12 -2.33 -21.02
CA LYS D 177 -15.31 -2.89 -20.40
C LYS D 177 -16.54 -2.62 -21.29
N SER D 178 -16.68 -1.40 -21.81
CA SER D 178 -17.86 -1.06 -22.57
C SER D 178 -17.87 -1.70 -23.95
N GLN D 179 -16.70 -1.94 -24.56
CA GLN D 179 -16.67 -2.47 -25.93
C GLN D 179 -16.63 -4.00 -25.96
N TYR D 180 -15.83 -4.63 -25.07
CA TYR D 180 -15.55 -6.06 -25.14
C TYR D 180 -15.93 -6.80 -23.86
N GLY D 181 -16.23 -6.06 -22.79
CA GLY D 181 -16.44 -6.62 -21.47
C GLY D 181 -15.13 -6.97 -20.78
N VAL D 182 -15.23 -7.22 -19.47
CA VAL D 182 -14.05 -7.69 -18.76
C VAL D 182 -14.41 -8.97 -17.99
N ASP D 183 -14.93 -9.95 -18.72
CA ASP D 183 -15.26 -11.27 -18.16
C ASP D 183 -14.01 -11.90 -17.52
N SER D 184 -14.16 -12.48 -16.33
CA SER D 184 -13.12 -13.29 -15.71
C SER D 184 -12.89 -14.54 -16.56
N MET D 185 -11.76 -15.22 -16.37
CA MET D 185 -11.47 -16.38 -17.20
C MET D 185 -12.54 -17.47 -17.03
N PRO D 186 -12.99 -17.82 -15.81
CA PRO D 186 -14.08 -18.79 -15.67
C PRO D 186 -15.38 -18.35 -16.33
N GLU D 187 -15.64 -17.03 -16.33
CA GLU D 187 -16.81 -16.54 -17.05
C GLU D 187 -16.70 -16.80 -18.56
N THR D 188 -15.51 -16.55 -19.14
CA THR D 188 -15.37 -16.82 -20.56
C THR D 188 -15.59 -18.31 -20.83
N ALA D 189 -15.16 -19.16 -19.89
CA ALA D 189 -15.24 -20.61 -20.12
C ALA D 189 -16.69 -21.05 -20.09
N ASP D 190 -17.50 -20.37 -19.28
CA ASP D 190 -18.93 -20.63 -19.25
C ASP D 190 -19.60 -20.10 -20.52
N ASN D 191 -19.10 -18.96 -21.05
CA ASN D 191 -19.62 -18.43 -22.31
C ASN D 191 -19.38 -19.46 -23.41
N VAL D 192 -18.18 -20.06 -23.42
CA VAL D 192 -17.88 -21.06 -24.44
C VAL D 192 -18.78 -22.29 -24.25
N ALA D 193 -18.94 -22.76 -23.00
CA ALA D 193 -19.81 -23.90 -22.73
C ALA D 193 -21.22 -23.63 -23.26
N ASP D 194 -21.73 -22.40 -23.02
CA ASP D 194 -23.04 -21.99 -23.52
C ASP D 194 -23.10 -21.90 -25.04
N ASP D 195 -22.19 -21.12 -25.65
CA ASP D 195 -22.24 -20.84 -27.07
C ASP D 195 -21.93 -22.11 -27.88
N TYR D 196 -21.08 -23.00 -27.36
CA TYR D 196 -20.61 -24.13 -28.13
C TYR D 196 -21.31 -25.43 -27.70
N GLN D 197 -22.20 -25.35 -26.70
CA GLN D 197 -22.99 -26.49 -26.27
C GLN D 197 -22.09 -27.59 -25.69
N VAL D 198 -21.38 -27.25 -24.61
CA VAL D 198 -20.53 -28.24 -23.95
C VAL D 198 -21.11 -28.53 -22.56
N SER D 199 -21.54 -29.78 -22.36
CA SER D 199 -22.32 -30.12 -21.18
C SER D 199 -21.40 -30.22 -19.97
N ARG D 200 -21.99 -30.00 -18.79
CA ARG D 200 -21.31 -30.23 -17.52
C ARG D 200 -20.73 -31.65 -17.45
N ALA D 201 -21.51 -32.65 -17.89
CA ALA D 201 -21.04 -34.04 -17.80
C ALA D 201 -19.81 -34.26 -18.68
N ASP D 202 -19.81 -33.68 -19.89
CA ASP D 202 -18.69 -33.83 -20.79
C ASP D 202 -17.43 -33.18 -20.21
N GLN D 203 -17.61 -32.00 -19.56
CA GLN D 203 -16.47 -31.33 -18.93
C GLN D 203 -15.89 -32.17 -17.79
N ASP D 204 -16.77 -32.78 -16.99
CA ASP D 204 -16.33 -33.57 -15.83
C ASP D 204 -15.59 -34.83 -16.28
N ALA D 205 -16.10 -35.49 -17.34
CA ALA D 205 -15.44 -36.67 -17.87
C ALA D 205 -14.06 -36.30 -18.43
N PHE D 206 -13.98 -35.15 -19.12
CA PHE D 206 -12.68 -34.69 -19.65
C PHE D 206 -11.71 -34.45 -18.50
N ALA D 207 -12.18 -33.77 -17.42
CA ALA D 207 -11.32 -33.51 -16.26
C ALA D 207 -10.82 -34.82 -15.61
N LEU D 208 -11.71 -35.80 -15.48
CA LEU D 208 -11.38 -37.08 -14.85
C LEU D 208 -10.32 -37.78 -15.69
N ARG D 209 -10.50 -37.79 -17.02
CA ARG D 209 -9.50 -38.44 -17.85
C ARG D 209 -8.15 -37.71 -17.70
N SER D 210 -8.17 -36.38 -17.60
CA SER D 210 -6.92 -35.67 -17.38
C SER D 210 -6.24 -36.15 -16.10
N GLN D 211 -7.00 -36.23 -15.00
CA GLN D 211 -6.44 -36.69 -13.74
C GLN D 211 -5.88 -38.12 -13.89
N GLN D 212 -6.65 -39.01 -14.52
CA GLN D 212 -6.25 -40.40 -14.67
C GLN D 212 -4.97 -40.55 -15.49
N LYS D 213 -4.90 -39.84 -16.63
CA LYS D 213 -3.76 -39.95 -17.52
C LYS D 213 -2.51 -39.35 -16.86
N ALA D 214 -2.69 -38.26 -16.12
CA ALA D 214 -1.53 -37.64 -15.46
C ALA D 214 -1.02 -38.55 -14.34
N ALA D 215 -1.95 -39.16 -13.60
CA ALA D 215 -1.52 -40.05 -12.52
C ALA D 215 -0.75 -41.23 -13.11
N ALA D 216 -1.21 -41.81 -14.23
CA ALA D 216 -0.52 -42.92 -14.88
C ALA D 216 0.86 -42.49 -15.38
N ALA D 217 0.92 -41.33 -16.04
CA ALA D 217 2.19 -40.82 -16.54
C ALA D 217 3.16 -40.57 -15.40
N GLN D 218 2.65 -40.04 -14.28
CA GLN D 218 3.56 -39.80 -13.13
C GLN D 218 4.15 -41.11 -12.62
N ALA D 219 3.29 -42.11 -12.45
CA ALA D 219 3.68 -43.44 -11.95
C ALA D 219 4.66 -44.09 -12.93
N ALA D 220 4.55 -43.81 -14.24
CA ALA D 220 5.46 -44.37 -15.22
C ALA D 220 6.80 -43.64 -15.24
N GLY D 221 6.91 -42.51 -14.54
CA GLY D 221 8.17 -41.78 -14.51
C GLY D 221 8.30 -40.79 -15.69
N PHE D 222 7.21 -40.60 -16.41
CA PHE D 222 7.26 -39.73 -17.58
C PHE D 222 7.56 -38.29 -17.14
N PHE D 223 6.87 -37.79 -16.11
CA PHE D 223 7.12 -36.42 -15.70
C PHE D 223 8.52 -36.31 -15.11
N ALA D 224 8.97 -37.38 -14.43
CA ALA D 224 10.28 -37.36 -13.81
C ALA D 224 11.40 -37.15 -14.84
N GLU D 225 11.22 -37.72 -16.05
CA GLU D 225 12.21 -37.50 -17.10
C GLU D 225 12.24 -36.04 -17.56
N GLU D 226 11.09 -35.33 -17.48
CA GLU D 226 11.03 -33.91 -17.86
C GLU D 226 11.48 -32.99 -16.73
N ILE D 227 11.55 -33.48 -15.48
CA ILE D 227 11.71 -32.60 -14.32
C ILE D 227 13.16 -32.53 -13.83
N VAL D 228 13.59 -31.30 -13.51
CA VAL D 228 14.74 -31.13 -12.64
C VAL D 228 14.21 -30.70 -11.25
N PRO D 229 14.61 -31.38 -10.15
CA PRO D 229 14.11 -31.03 -8.82
C PRO D 229 14.60 -29.65 -8.41
N VAL D 230 13.80 -28.98 -7.59
CA VAL D 230 14.18 -27.68 -7.06
C VAL D 230 14.62 -27.85 -5.61
N ARG D 231 15.79 -27.34 -5.29
CA ARG D 231 16.33 -27.46 -3.94
C ARG D 231 16.00 -26.16 -3.19
N ILE D 232 15.37 -26.26 -2.01
CA ILE D 232 15.00 -25.10 -1.21
C ILE D 232 15.76 -25.16 0.12
N ALA D 233 16.57 -24.13 0.43
CA ALA D 233 17.51 -24.16 1.55
C ALA D 233 16.82 -24.01 2.93
N GLU D 238 17.85 -28.27 3.53
CA GLU D 238 17.44 -28.39 2.10
C GLU D 238 16.24 -29.32 1.94
N ILE D 239 15.11 -28.78 1.48
CA ILE D 239 13.98 -29.53 0.95
C ILE D 239 14.20 -29.73 -0.56
N ILE D 240 13.86 -30.91 -1.08
CA ILE D 240 13.93 -31.13 -2.52
C ILE D 240 12.49 -31.28 -2.98
N VAL D 241 12.08 -30.44 -3.93
CA VAL D 241 10.76 -30.58 -4.54
C VAL D 241 10.96 -31.31 -5.87
N GLU D 242 10.37 -32.51 -6.02
CA GLU D 242 10.65 -33.32 -7.18
C GLU D 242 9.37 -33.62 -7.93
N ARG D 243 8.19 -33.51 -7.30
CA ARG D 243 6.99 -33.97 -7.99
C ARG D 243 6.02 -32.81 -8.22
N ASP D 244 5.22 -32.93 -9.30
CA ASP D 244 4.17 -31.98 -9.59
C ASP D 244 3.15 -32.09 -8.47
N GLU D 245 2.71 -30.95 -7.92
CA GLU D 245 1.98 -30.93 -6.66
C GLU D 245 0.47 -30.85 -6.91
N HIS D 246 0.07 -30.42 -8.12
CA HIS D 246 -1.33 -30.05 -8.29
C HIS D 246 -2.23 -31.28 -8.53
N LEU D 247 -1.66 -32.44 -8.93
CA LEU D 247 -2.46 -33.61 -9.34
C LEU D 247 -3.43 -34.02 -8.23
N ARG D 248 -4.65 -34.45 -8.60
CA ARG D 248 -5.62 -35.02 -7.69
C ARG D 248 -5.95 -36.44 -8.16
N PRO D 249 -5.03 -37.41 -7.92
CA PRO D 249 -5.16 -38.78 -8.43
C PRO D 249 -6.40 -39.52 -7.93
N GLU D 250 -6.99 -39.05 -6.82
CA GLU D 250 -8.13 -39.71 -6.20
C GLU D 250 -9.43 -39.21 -6.81
N THR D 251 -9.35 -38.30 -7.81
CA THR D 251 -10.55 -37.71 -8.36
C THR D 251 -11.49 -38.82 -8.83
N THR D 252 -12.79 -38.64 -8.66
CA THR D 252 -13.73 -39.62 -9.20
C THR D 252 -14.84 -38.81 -9.86
N LEU D 253 -15.62 -39.45 -10.74
CA LEU D 253 -16.68 -38.70 -11.42
C LEU D 253 -17.73 -38.20 -10.43
N GLU D 254 -18.01 -39.04 -9.42
CA GLU D 254 -18.98 -38.69 -8.39
C GLU D 254 -18.52 -37.42 -7.67
N ALA D 255 -17.24 -37.36 -7.29
CA ALA D 255 -16.76 -36.18 -6.58
C ALA D 255 -16.91 -34.93 -7.47
N LEU D 256 -16.61 -35.06 -8.77
CA LEU D 256 -16.69 -33.91 -9.67
C LEU D 256 -18.14 -33.45 -9.85
N THR D 257 -19.08 -34.39 -9.91
CA THR D 257 -20.48 -34.03 -10.14
C THR D 257 -21.04 -33.22 -8.98
N LYS D 258 -20.49 -33.38 -7.79
CA LYS D 258 -21.02 -32.70 -6.60
C LYS D 258 -20.57 -31.25 -6.51
N LEU D 259 -19.55 -30.84 -7.29
CA LEU D 259 -19.04 -29.47 -7.16
C LEU D 259 -20.06 -28.45 -7.67
N LYS D 260 -20.07 -27.27 -7.02
CA LYS D 260 -20.93 -26.17 -7.38
C LYS D 260 -20.21 -25.31 -8.42
N PRO D 261 -20.89 -24.88 -9.49
CA PRO D 261 -20.27 -23.98 -10.47
C PRO D 261 -19.82 -22.64 -9.87
N VAL D 262 -18.67 -22.17 -10.33
CA VAL D 262 -18.04 -20.93 -9.89
C VAL D 262 -19.01 -19.75 -10.08
N ASN D 263 -19.75 -19.73 -11.20
CA ASN D 263 -20.45 -18.52 -11.56
C ASN D 263 -21.96 -18.62 -11.32
N GLY D 264 -22.40 -19.63 -10.56
CA GLY D 264 -23.80 -19.70 -10.15
C GLY D 264 -24.46 -21.01 -10.60
N PRO D 265 -25.64 -21.36 -10.06
CA PRO D 265 -26.14 -22.74 -10.14
C PRO D 265 -26.57 -23.20 -11.53
N ASP D 266 -26.68 -22.24 -12.45
CA ASP D 266 -27.14 -22.47 -13.82
C ASP D 266 -25.96 -22.65 -14.79
N LYS D 267 -24.73 -22.57 -14.25
CA LYS D 267 -23.53 -22.57 -15.08
C LYS D 267 -22.88 -23.95 -14.98
N THR D 268 -21.69 -24.13 -15.59
CA THR D 268 -21.10 -25.46 -15.70
C THR D 268 -19.63 -25.52 -15.29
N VAL D 269 -18.91 -24.39 -15.30
CA VAL D 269 -17.49 -24.44 -14.96
C VAL D 269 -17.30 -24.52 -13.44
N THR D 270 -16.42 -25.43 -12.96
CA THR D 270 -16.23 -25.64 -11.52
C THR D 270 -14.73 -25.57 -11.23
N ALA D 271 -14.37 -25.59 -9.95
CA ALA D 271 -12.96 -25.74 -9.62
C ALA D 271 -12.41 -27.09 -10.11
N GLY D 272 -13.27 -28.12 -10.28
CA GLY D 272 -12.80 -29.45 -10.62
C GLY D 272 -12.57 -29.67 -12.12
N ASN D 273 -13.23 -28.85 -12.97
CA ASN D 273 -13.07 -28.99 -14.42
C ASN D 273 -12.29 -27.83 -15.03
N ALA D 274 -11.47 -27.16 -14.20
CA ALA D 274 -10.65 -26.03 -14.62
C ALA D 274 -9.26 -26.24 -14.01
N SER D 275 -8.25 -25.62 -14.62
CA SER D 275 -6.93 -25.62 -14.01
C SER D 275 -6.89 -24.67 -12.81
N GLY D 276 -5.74 -24.58 -12.14
CA GLY D 276 -5.62 -23.64 -11.04
C GLY D 276 -4.60 -22.55 -11.32
N VAL D 277 -4.11 -21.88 -10.28
N VAL D 277 -4.05 -22.03 -10.22
CA VAL D 277 -3.00 -20.96 -10.45
CA VAL D 277 -3.04 -20.98 -10.12
C VAL D 277 -1.83 -21.59 -9.71
C VAL D 277 -1.77 -21.67 -9.61
N ASN D 278 -0.65 -21.47 -10.31
CA ASN D 278 0.46 -22.36 -10.01
C ASN D 278 1.80 -21.69 -10.30
N ASP D 279 2.87 -22.36 -9.88
CA ASP D 279 4.22 -21.84 -10.05
C ASP D 279 5.06 -22.88 -10.81
N GLY D 280 5.96 -22.43 -11.71
CA GLY D 280 6.83 -23.36 -12.43
C GLY D 280 7.67 -22.64 -13.48
N ALA D 281 8.72 -23.33 -13.99
CA ALA D 281 9.55 -22.78 -15.08
C ALA D 281 10.00 -23.95 -15.96
N ALA D 282 10.32 -23.63 -17.23
CA ALA D 282 10.71 -24.63 -18.22
C ALA D 282 11.64 -23.94 -19.22
N ALA D 283 12.52 -24.71 -19.88
CA ALA D 283 13.45 -24.14 -20.85
C ALA D 283 13.93 -25.27 -21.78
N MET D 284 14.34 -24.88 -23.00
CA MET D 284 14.81 -25.86 -23.98
C MET D 284 15.81 -25.17 -24.89
N ILE D 285 16.67 -25.97 -25.55
CA ILE D 285 17.67 -25.47 -26.47
C ILE D 285 17.12 -25.61 -27.88
N LEU D 286 17.28 -24.55 -28.69
CA LEU D 286 17.05 -24.59 -30.12
C LEU D 286 18.34 -24.20 -30.85
N ALA D 287 18.57 -24.83 -31.99
CA ALA D 287 19.85 -24.64 -32.67
C ALA D 287 19.68 -24.90 -34.17
N SER D 288 20.53 -24.20 -34.95
CA SER D 288 20.64 -24.51 -36.37
C SER D 288 21.43 -25.82 -36.51
N ALA D 289 21.45 -26.35 -37.74
CA ALA D 289 22.26 -27.53 -38.02
C ALA D 289 23.72 -27.30 -37.63
N ALA D 290 24.28 -26.11 -37.94
CA ALA D 290 25.70 -25.87 -37.72
C ALA D 290 25.99 -25.85 -36.22
N ALA D 291 25.06 -25.25 -35.46
CA ALA D 291 25.21 -25.18 -34.01
C ALA D 291 25.03 -26.57 -33.38
N VAL D 292 24.13 -27.39 -33.90
CA VAL D 292 23.97 -28.72 -33.34
C VAL D 292 25.31 -29.45 -33.38
N LYS D 293 26.00 -29.35 -34.53
CA LYS D 293 27.27 -30.02 -34.74
C LYS D 293 28.35 -29.40 -33.83
N LYS D 294 28.45 -28.08 -33.82
CA LYS D 294 29.50 -27.40 -33.09
C LYS D 294 29.43 -27.66 -31.58
N HIS D 295 28.20 -27.78 -31.06
CA HIS D 295 28.03 -27.83 -29.62
C HIS D 295 27.74 -29.25 -29.13
N GLY D 296 27.79 -30.25 -30.03
CA GLY D 296 27.59 -31.64 -29.64
C GLY D 296 26.18 -31.93 -29.10
N LEU D 297 25.18 -31.21 -29.61
CA LEU D 297 23.81 -31.36 -29.17
C LEU D 297 23.18 -32.60 -29.81
N THR D 298 22.09 -33.08 -29.20
CA THR D 298 21.29 -34.13 -29.82
C THR D 298 20.01 -33.50 -30.36
N PRO D 299 19.83 -33.39 -31.70
CA PRO D 299 18.61 -32.81 -32.29
C PRO D 299 17.47 -33.81 -32.12
N ARG D 300 16.30 -33.31 -31.73
CA ARG D 300 15.22 -34.23 -31.37
C ARG D 300 14.04 -33.99 -32.28
N ALA D 301 13.86 -32.74 -32.74
CA ALA D 301 12.75 -32.40 -33.61
C ALA D 301 13.13 -31.12 -34.33
N ARG D 302 12.45 -30.86 -35.45
CA ARG D 302 12.55 -29.58 -36.13
C ARG D 302 11.23 -28.85 -35.94
N VAL D 303 11.32 -27.51 -35.81
CA VAL D 303 10.11 -26.73 -35.72
C VAL D 303 9.55 -26.54 -37.12
N LEU D 304 8.24 -26.76 -37.29
CA LEU D 304 7.62 -26.52 -38.59
C LEU D 304 7.12 -25.07 -38.69
N GLY D 305 6.45 -24.56 -37.65
CA GLY D 305 5.94 -23.21 -37.70
C GLY D 305 5.08 -22.86 -36.48
N MET D 306 4.74 -21.56 -36.39
CA MET D 306 3.85 -21.06 -35.34
C MET D 306 2.83 -20.13 -35.96
N ALA D 307 1.58 -20.20 -35.48
CA ALA D 307 0.59 -19.21 -35.91
C ALA D 307 -0.27 -18.77 -34.73
N SER D 308 -0.74 -17.53 -34.84
CA SER D 308 -1.59 -16.89 -33.82
C SER D 308 -2.93 -16.49 -34.45
N GLY D 309 -3.95 -16.37 -33.61
CA GLY D 309 -5.23 -15.88 -34.08
C GLY D 309 -5.95 -15.13 -32.97
N GLY D 310 -6.92 -14.29 -33.35
CA GLY D 310 -7.62 -13.53 -32.32
C GLY D 310 -9.09 -13.88 -32.38
N VAL D 311 -9.77 -13.80 -31.22
CA VAL D 311 -11.21 -14.03 -31.10
C VAL D 311 -11.79 -12.99 -30.15
N ALA D 312 -13.14 -12.99 -29.99
CA ALA D 312 -13.77 -12.11 -29.00
C ALA D 312 -13.24 -12.47 -27.62
N PRO D 313 -12.80 -11.46 -26.82
CA PRO D 313 -12.36 -11.70 -25.43
C PRO D 313 -13.36 -12.56 -24.66
N ARG D 314 -14.66 -12.37 -24.93
CA ARG D 314 -15.69 -13.04 -24.13
C ARG D 314 -15.68 -14.56 -24.35
N VAL D 315 -15.11 -15.01 -25.45
CA VAL D 315 -15.00 -16.45 -25.69
C VAL D 315 -13.55 -16.81 -25.97
N MET D 316 -12.62 -16.33 -25.14
CA MET D 316 -11.19 -16.46 -25.45
C MET D 316 -10.79 -17.93 -25.59
N GLY D 317 -11.49 -18.84 -24.90
CA GLY D 317 -11.20 -20.28 -24.94
C GLY D 317 -11.15 -20.90 -26.34
N ILE D 318 -11.89 -20.30 -27.30
CA ILE D 318 -12.00 -20.82 -28.65
C ILE D 318 -10.86 -20.28 -29.53
N GLY D 319 -10.00 -19.43 -28.95
CA GLY D 319 -8.89 -18.86 -29.71
C GLY D 319 -8.03 -19.88 -30.45
N PRO D 320 -7.76 -21.10 -29.93
CA PRO D 320 -6.90 -22.04 -30.65
C PRO D 320 -7.45 -22.38 -32.04
N VAL D 321 -8.77 -22.24 -32.24
CA VAL D 321 -9.33 -22.68 -33.52
C VAL D 321 -8.72 -21.91 -34.69
N PRO D 322 -8.81 -20.55 -34.76
CA PRO D 322 -8.16 -19.83 -35.86
C PRO D 322 -6.64 -19.98 -35.91
N ALA D 323 -5.98 -20.09 -34.75
CA ALA D 323 -4.54 -20.31 -34.74
C ALA D 323 -4.18 -21.62 -35.46
N VAL D 324 -4.85 -22.72 -35.08
CA VAL D 324 -4.60 -24.04 -35.67
C VAL D 324 -4.95 -24.04 -37.16
N ARG D 325 -6.07 -23.40 -37.53
CA ARG D 325 -6.48 -23.37 -38.93
C ARG D 325 -5.48 -22.59 -39.77
N LYS D 326 -5.00 -21.47 -39.24
CA LYS D 326 -3.99 -20.70 -39.94
C LYS D 326 -2.72 -21.51 -40.15
N LEU D 327 -2.22 -22.15 -39.08
CA LEU D 327 -0.96 -22.87 -39.13
C LEU D 327 -1.10 -24.05 -40.12
N THR D 328 -2.17 -24.82 -40.00
CA THR D 328 -2.30 -26.04 -40.78
C THR D 328 -2.54 -25.72 -42.25
N GLU D 329 -3.19 -24.58 -42.53
CA GLU D 329 -3.43 -24.25 -43.94
C GLU D 329 -2.13 -23.79 -44.59
N ARG D 330 -1.29 -23.08 -43.83
CA ARG D 330 -0.03 -22.64 -44.40
C ARG D 330 0.92 -23.82 -44.54
N LEU D 331 0.91 -24.75 -43.58
CA LEU D 331 1.83 -25.88 -43.70
C LEU D 331 1.27 -26.94 -44.65
N GLY D 332 -0.05 -26.90 -44.93
CA GLY D 332 -0.75 -27.95 -45.66
C GLY D 332 -0.72 -29.31 -44.93
N ILE D 333 -1.00 -29.30 -43.62
CA ILE D 333 -1.01 -30.49 -42.79
C ILE D 333 -2.39 -30.59 -42.16
N ALA D 334 -3.07 -31.72 -42.30
CA ALA D 334 -4.39 -31.85 -41.68
C ALA D 334 -4.21 -32.01 -40.18
N VAL D 335 -5.20 -31.55 -39.40
CA VAL D 335 -5.18 -31.73 -37.94
C VAL D 335 -5.04 -33.22 -37.63
N SER D 336 -5.75 -34.05 -38.40
CA SER D 336 -5.74 -35.49 -38.20
C SER D 336 -4.36 -36.12 -38.49
N ASP D 337 -3.41 -35.37 -39.06
CA ASP D 337 -2.10 -35.92 -39.34
C ASP D 337 -1.20 -35.91 -38.11
N PHE D 338 -1.56 -35.16 -37.06
CA PHE D 338 -0.66 -35.05 -35.91
C PHE D 338 -0.70 -36.34 -35.08
N ASP D 339 0.46 -36.81 -34.64
CA ASP D 339 0.56 -37.97 -33.77
C ASP D 339 0.38 -37.59 -32.29
N VAL D 340 0.56 -36.30 -31.95
CA VAL D 340 0.16 -35.82 -30.62
C VAL D 340 -0.45 -34.42 -30.79
N ILE D 341 -1.49 -34.14 -29.99
CA ILE D 341 -2.03 -32.80 -29.86
C ILE D 341 -2.00 -32.44 -28.37
N GLU D 342 -1.11 -31.49 -28.02
CA GLU D 342 -1.09 -30.98 -26.66
C GLU D 342 -1.91 -29.70 -26.63
N LEU D 343 -3.13 -29.79 -26.10
CA LEU D 343 -4.08 -28.69 -26.08
C LEU D 343 -4.20 -28.22 -24.62
N ASN D 344 -3.86 -26.95 -24.35
CA ASN D 344 -3.83 -26.54 -22.95
C ASN D 344 -5.23 -26.68 -22.33
N GLU D 345 -5.29 -27.22 -21.11
CA GLU D 345 -6.59 -27.42 -20.50
C GLU D 345 -6.85 -26.32 -19.47
N ALA D 346 -6.88 -25.06 -19.93
CA ALA D 346 -7.25 -24.00 -19.02
C ALA D 346 -8.62 -24.35 -18.39
N PHE D 347 -9.60 -24.71 -19.24
CA PHE D 347 -10.92 -25.17 -18.77
C PHE D 347 -11.35 -26.31 -19.69
N ALA D 348 -11.99 -27.34 -19.12
CA ALA D 348 -12.52 -28.43 -19.93
C ALA D 348 -13.48 -27.93 -21.00
N SER D 349 -14.34 -26.97 -20.65
CA SER D 349 -15.32 -26.52 -21.65
C SER D 349 -14.62 -26.04 -22.94
N GLN D 350 -13.52 -25.28 -22.81
CA GLN D 350 -12.90 -24.71 -24.00
C GLN D 350 -12.05 -25.76 -24.69
N GLY D 351 -11.39 -26.67 -23.95
CA GLY D 351 -10.68 -27.78 -24.59
C GLY D 351 -11.61 -28.61 -25.48
N LEU D 352 -12.77 -28.94 -24.94
CA LEU D 352 -13.76 -29.72 -25.69
C LEU D 352 -14.27 -28.92 -26.90
N ALA D 353 -14.65 -27.65 -26.68
CA ALA D 353 -15.15 -26.82 -27.78
C ALA D 353 -14.14 -26.77 -28.93
N VAL D 354 -12.84 -26.60 -28.61
CA VAL D 354 -11.79 -26.48 -29.63
C VAL D 354 -11.68 -27.79 -30.41
N LEU D 355 -11.66 -28.94 -29.70
CA LEU D 355 -11.52 -30.26 -30.33
C LEU D 355 -12.68 -30.47 -31.31
N ARG D 356 -13.88 -30.12 -30.85
CA ARG D 356 -15.09 -30.32 -31.65
C ARG D 356 -15.04 -29.49 -32.94
N GLU D 357 -14.60 -28.22 -32.85
CA GLU D 357 -14.48 -27.38 -34.05
C GLU D 357 -13.42 -27.91 -35.02
N LEU D 358 -12.38 -28.56 -34.50
CA LEU D 358 -11.30 -29.05 -35.35
C LEU D 358 -11.59 -30.47 -35.87
N GLY D 359 -12.70 -31.06 -35.45
CA GLY D 359 -13.11 -32.39 -35.90
C GLY D 359 -12.40 -33.54 -35.17
N VAL D 360 -11.97 -33.32 -33.91
CA VAL D 360 -11.25 -34.35 -33.16
C VAL D 360 -12.16 -34.79 -32.01
N ALA D 361 -12.24 -36.11 -31.77
CA ALA D 361 -13.09 -36.67 -30.73
C ALA D 361 -12.68 -36.11 -29.36
N ASP D 362 -13.64 -35.95 -28.45
CA ASP D 362 -13.42 -35.45 -27.10
C ASP D 362 -12.38 -36.27 -26.33
N ASP D 363 -12.20 -37.55 -26.70
CA ASP D 363 -11.34 -38.48 -25.97
C ASP D 363 -10.32 -39.09 -26.92
N ALA D 364 -10.05 -38.41 -28.05
CA ALA D 364 -9.12 -38.94 -29.04
C ALA D 364 -7.79 -39.35 -28.42
N PRO D 365 -7.19 -40.52 -28.76
CA PRO D 365 -6.03 -41.00 -28.00
C PRO D 365 -4.79 -40.12 -28.15
N GLN D 366 -4.71 -39.35 -29.26
CA GLN D 366 -3.56 -38.50 -29.48
C GLN D 366 -3.65 -37.19 -28.69
N VAL D 367 -4.81 -36.86 -28.12
CA VAL D 367 -4.93 -35.59 -27.41
C VAL D 367 -4.52 -35.74 -25.95
N ASN D 368 -3.60 -34.88 -25.47
CA ASN D 368 -3.20 -34.87 -24.07
C ASN D 368 -3.08 -36.29 -23.49
N PRO D 369 -2.21 -37.16 -24.06
CA PRO D 369 -2.16 -38.56 -23.64
C PRO D 369 -1.61 -38.77 -22.23
N ASN D 370 -0.93 -37.75 -21.69
CA ASN D 370 -0.37 -37.81 -20.35
C ASN D 370 -1.11 -36.84 -19.42
N GLY D 371 -2.31 -36.43 -19.84
CA GLY D 371 -3.11 -35.48 -19.11
C GLY D 371 -2.63 -34.06 -19.37
N GLY D 372 -3.23 -33.09 -18.68
CA GLY D 372 -2.92 -31.68 -18.96
C GLY D 372 -3.19 -30.83 -17.73
N ALA D 373 -3.38 -29.51 -17.96
CA ALA D 373 -3.36 -28.49 -16.92
C ALA D 373 -4.43 -28.69 -15.85
N ILE D 374 -5.57 -29.32 -16.16
CA ILE D 374 -6.50 -29.59 -15.05
C ILE D 374 -5.80 -30.37 -13.96
N ALA D 375 -5.02 -31.40 -14.36
CA ALA D 375 -4.27 -32.19 -13.38
C ALA D 375 -2.98 -31.46 -12.96
N LEU D 376 -2.22 -30.94 -13.93
CA LEU D 376 -0.83 -30.52 -13.69
C LEU D 376 -0.72 -29.08 -13.14
N GLY D 377 -1.73 -28.26 -13.40
CA GLY D 377 -1.68 -26.85 -13.03
C GLY D 377 -1.25 -25.96 -14.19
N HIS D 378 -1.33 -24.62 -14.00
CA HIS D 378 -1.18 -23.70 -15.12
C HIS D 378 -0.41 -22.42 -14.72
N PRO D 379 0.93 -22.46 -14.55
CA PRO D 379 1.70 -21.24 -14.29
C PRO D 379 1.85 -20.57 -15.65
N LEU D 380 1.09 -19.48 -15.85
CA LEU D 380 0.83 -18.95 -17.20
C LEU D 380 2.05 -18.93 -18.11
N GLY D 381 3.11 -18.19 -17.75
CA GLY D 381 4.28 -18.05 -18.64
C GLY D 381 4.98 -19.38 -18.93
N MET D 382 4.90 -20.33 -17.99
CA MET D 382 5.59 -21.61 -18.19
C MET D 382 4.82 -22.54 -19.13
N SER D 383 3.48 -22.50 -19.10
CA SER D 383 2.70 -23.60 -19.65
C SER D 383 3.02 -23.85 -21.13
N GLY D 384 3.14 -22.78 -21.92
CA GLY D 384 3.31 -22.96 -23.35
C GLY D 384 4.66 -23.60 -23.69
N ALA D 385 5.70 -23.28 -22.90
CA ALA D 385 6.95 -24.00 -23.06
C ALA D 385 6.82 -25.47 -22.66
N ARG D 386 6.13 -25.77 -21.56
CA ARG D 386 5.88 -27.15 -21.17
C ARG D 386 5.15 -27.94 -22.27
N LEU D 387 4.12 -27.33 -22.91
CA LEU D 387 3.37 -28.05 -23.92
C LEU D 387 4.26 -28.47 -25.10
N VAL D 388 5.18 -27.60 -25.51
CA VAL D 388 6.09 -27.92 -26.60
C VAL D 388 7.02 -29.05 -26.14
N LEU D 389 7.61 -28.91 -24.95
CA LEU D 389 8.58 -29.95 -24.62
C LEU D 389 7.91 -31.30 -24.36
N THR D 390 6.69 -31.29 -23.80
CA THR D 390 5.99 -32.53 -23.51
C THR D 390 5.45 -33.17 -24.78
N ALA D 391 5.02 -32.36 -25.77
CA ALA D 391 4.61 -32.92 -27.05
C ALA D 391 5.80 -33.67 -27.66
N LEU D 392 6.99 -33.05 -27.66
CA LEU D 392 8.17 -33.70 -28.21
C LEU D 392 8.48 -34.99 -27.42
N HIS D 393 8.41 -34.94 -26.08
CA HIS D 393 8.67 -36.09 -25.24
C HIS D 393 7.72 -37.23 -25.63
N GLN D 394 6.45 -36.88 -25.80
CA GLN D 394 5.42 -37.86 -26.13
C GLN D 394 5.68 -38.46 -27.51
N LEU D 395 6.08 -37.64 -28.51
CA LEU D 395 6.39 -38.20 -29.83
C LEU D 395 7.51 -39.23 -29.71
N GLU D 396 8.54 -38.89 -28.93
CA GLU D 396 9.66 -39.80 -28.77
C GLU D 396 9.21 -41.15 -28.18
N LYS D 397 8.36 -41.14 -27.17
CA LYS D 397 7.93 -42.36 -26.49
C LYS D 397 6.98 -43.17 -27.37
N SER D 398 6.13 -42.50 -28.12
CA SER D 398 5.13 -43.19 -28.93
C SER D 398 5.65 -43.52 -30.32
N GLY D 399 6.84 -43.04 -30.70
CA GLY D 399 7.31 -43.23 -32.07
C GLY D 399 6.55 -42.37 -33.10
N GLY D 400 5.80 -41.35 -32.65
CA GLY D 400 5.11 -40.41 -33.52
C GLY D 400 6.05 -39.49 -34.33
N ARG D 401 5.49 -38.84 -35.33
CA ARG D 401 6.27 -37.99 -36.23
C ARG D 401 5.95 -36.50 -36.02
N LYS D 402 4.74 -36.07 -36.32
CA LYS D 402 4.35 -34.65 -36.20
C LYS D 402 3.60 -34.39 -34.89
N GLY D 403 3.92 -33.27 -34.24
CA GLY D 403 3.16 -32.87 -33.05
C GLY D 403 2.64 -31.44 -33.12
N LEU D 404 1.49 -31.20 -32.48
CA LEU D 404 0.87 -29.88 -32.45
C LEU D 404 0.66 -29.48 -30.99
N ALA D 405 1.15 -28.29 -30.61
CA ALA D 405 0.85 -27.73 -29.29
C ALA D 405 0.01 -26.47 -29.52
N THR D 406 -1.09 -26.30 -28.74
CA THR D 406 -1.93 -25.13 -28.94
C THR D 406 -2.62 -24.75 -27.64
N MET D 407 -2.90 -23.45 -27.47
CA MET D 407 -3.54 -22.98 -26.23
C MET D 407 -4.25 -21.65 -26.46
N CYS D 408 -5.25 -21.43 -25.60
CA CYS D 408 -6.03 -20.21 -25.62
C CYS D 408 -5.27 -19.16 -24.81
N VAL D 409 -5.68 -17.90 -24.98
CA VAL D 409 -5.03 -16.75 -24.38
C VAL D 409 -6.11 -15.78 -23.90
N GLY D 410 -5.95 -15.32 -22.66
CA GLY D 410 -6.79 -14.29 -22.07
C GLY D 410 -6.90 -13.08 -23.00
N VAL D 411 -8.10 -12.49 -23.07
CA VAL D 411 -8.46 -11.34 -23.89
C VAL D 411 -8.52 -11.78 -25.36
N GLY D 412 -8.70 -13.09 -25.60
CA GLY D 412 -9.16 -13.58 -26.88
C GLY D 412 -8.06 -13.82 -27.91
N GLN D 413 -7.13 -14.73 -27.61
CA GLN D 413 -6.20 -15.16 -28.63
C GLN D 413 -6.02 -16.69 -28.55
N GLY D 414 -5.38 -17.20 -29.60
CA GLY D 414 -4.90 -18.58 -29.65
C GLY D 414 -3.51 -18.59 -30.26
N LEU D 415 -2.71 -19.60 -29.88
CA LEU D 415 -1.40 -19.80 -30.46
C LEU D 415 -1.25 -21.30 -30.71
N ALA D 416 -0.54 -21.63 -31.80
CA ALA D 416 -0.33 -23.02 -32.20
C ALA D 416 1.08 -23.14 -32.74
N LEU D 417 1.73 -24.25 -32.38
CA LEU D 417 3.10 -24.48 -32.84
C LEU D 417 3.19 -25.96 -33.23
N ALA D 418 3.81 -26.24 -34.38
CA ALA D 418 3.95 -27.61 -34.88
C ALA D 418 5.42 -27.98 -34.96
N ILE D 419 5.69 -29.27 -34.65
CA ILE D 419 7.04 -29.79 -34.69
C ILE D 419 7.03 -31.14 -35.42
N GLU D 420 8.24 -31.60 -35.79
CA GLU D 420 8.37 -32.91 -36.40
C GLU D 420 9.63 -33.57 -35.87
N ARG D 421 9.46 -34.76 -35.30
CA ARG D 421 10.57 -35.54 -34.73
C ARG D 421 11.61 -35.80 -35.83
N VAL D 422 12.88 -35.73 -35.45
CA VAL D 422 13.98 -36.21 -36.27
C VAL D 422 14.63 -37.37 -35.51
C1 GOL E . 26.29 14.84 -30.53
O1 GOL E . 27.03 15.60 -31.49
C2 GOL E . 24.80 15.07 -30.72
O2 GOL E . 24.40 14.76 -32.06
C3 GOL E . 23.95 14.30 -29.74
O3 GOL E . 22.57 14.54 -30.03
C1 GOL F . 11.38 -0.36 -16.04
O1 GOL F . 12.59 -0.13 -15.29
C2 GOL F . 10.29 0.61 -15.62
O2 GOL F . 9.20 -0.14 -15.11
C3 GOL F . 9.80 1.59 -16.66
O3 GOL F . 8.67 2.34 -16.19
C ACT G . 6.26 -11.53 -2.98
O ACT G . 5.04 -11.61 -3.44
OXT ACT G . 6.61 -11.43 -1.72
CH3 ACT G . 7.38 -11.48 -3.97
CL CL H . -4.65 -13.32 -16.30
CL CL I . 14.79 0.48 -15.46
C1 GOL J . 9.96 -8.54 38.92
O1 GOL J . 8.82 -9.23 38.43
C2 GOL J . 10.42 -9.11 40.24
O2 GOL J . 9.37 -9.02 41.21
C3 GOL J . 11.63 -8.39 40.76
O3 GOL J . 11.91 -8.85 42.08
C1 GOL K . 1.24 -0.01 19.20
O1 GOL K . 0.79 -1.03 18.31
C2 GOL K . 1.72 1.19 18.39
O2 GOL K . 0.77 1.54 17.39
C3 GOL K . 2.15 2.41 19.17
O3 GOL K . 3.56 2.57 19.00
CL CL L . 5.50 2.70 20.44
CL CL M . -15.17 9.80 10.77
CL CL N . -0.22 -9.01 41.06
C1 GOL O . -28.78 29.46 12.09
O1 GOL O . -29.67 30.56 12.19
C2 GOL O . -27.38 29.97 11.89
O2 GOL O . -26.97 30.79 13.01
C3 GOL O . -26.37 28.88 11.62
O3 GOL O . -25.06 29.40 11.80
C1 GOL P . -10.21 12.01 10.73
O1 GOL P . -9.28 12.30 9.68
C2 GOL P . -10.65 10.55 10.68
O2 GOL P . -9.51 9.70 10.75
C3 GOL P . -11.64 10.10 11.72
O3 GOL P . -12.69 9.37 11.11
C ACT Q . -4.96 -6.58 10.11
O ACT Q . -3.80 -6.15 10.42
OXT ACT Q . -5.22 -7.46 9.19
CH3 ACT Q . -6.13 -6.02 10.88
C1 GOL R . -7.42 -34.69 -21.17
O1 GOL R . -6.16 -34.80 -20.53
C2 GOL R . -7.78 -36.05 -21.73
O2 GOL R . -6.68 -36.55 -22.52
C3 GOL R . -9.06 -36.08 -22.50
O3 GOL R . -9.24 -37.38 -23.04
C1 GOL S . -1.39 -12.43 -15.43
O1 GOL S . -2.77 -12.12 -15.38
C2 GOL S . -0.89 -12.64 -14.03
O2 GOL S . -0.03 -11.56 -13.73
C3 GOL S . -0.19 -13.96 -13.77
O3 GOL S . 0.26 -14.05 -12.41
C ACT T . -1.72 5.18 -12.12
O ACT T . -0.44 5.22 -11.91
OXT ACT T . -2.27 4.38 -12.93
CH3 ACT T . -2.65 6.12 -11.34
#